data_5A35
# 
_entry.id   5A35 
# 
_audit_conform.dict_name       mmcif_pdbx.dic 
_audit_conform.dict_version    5.383 
_audit_conform.dict_location   http://mmcif.pdb.org/dictionaries/ascii/mmcif_pdbx.dic 
# 
loop_
_database_2.database_id 
_database_2.database_code 
_database_2.pdbx_database_accession 
_database_2.pdbx_DOI 
PDB   5A35         pdb_00005a35 10.2210/pdb5a35/pdb 
PDBE  EBI-63875    ?            ?                   
WWPDB D_1290063875 ?            ?                   
# 
loop_
_pdbx_audit_revision_history.ordinal 
_pdbx_audit_revision_history.data_content_type 
_pdbx_audit_revision_history.major_revision 
_pdbx_audit_revision_history.minor_revision 
_pdbx_audit_revision_history.revision_date 
1 'Structure model' 1 0 2015-07-29 
2 'Structure model' 1 1 2024-01-10 
# 
_pdbx_audit_revision_details.ordinal             1 
_pdbx_audit_revision_details.revision_ordinal    1 
_pdbx_audit_revision_details.data_content_type   'Structure model' 
_pdbx_audit_revision_details.provider            repository 
_pdbx_audit_revision_details.type                'Initial release' 
_pdbx_audit_revision_details.description         ? 
_pdbx_audit_revision_details.details             ? 
# 
loop_
_pdbx_audit_revision_group.ordinal 
_pdbx_audit_revision_group.revision_ordinal 
_pdbx_audit_revision_group.data_content_type 
_pdbx_audit_revision_group.group 
1 2 'Structure model' 'Data collection'        
2 2 'Structure model' 'Database references'    
3 2 'Structure model' 'Derived calculations'   
4 2 'Structure model' Other                    
5 2 'Structure model' 'Refinement description' 
# 
loop_
_pdbx_audit_revision_category.ordinal 
_pdbx_audit_revision_category.revision_ordinal 
_pdbx_audit_revision_category.data_content_type 
_pdbx_audit_revision_category.category 
1 2 'Structure model' chem_comp_atom                
2 2 'Structure model' chem_comp_bond                
3 2 'Structure model' database_2                    
4 2 'Structure model' pdbx_database_status          
5 2 'Structure model' pdbx_initial_refinement_model 
6 2 'Structure model' struct_site                   
# 
loop_
_pdbx_audit_revision_item.ordinal 
_pdbx_audit_revision_item.revision_ordinal 
_pdbx_audit_revision_item.data_content_type 
_pdbx_audit_revision_item.item 
1 2 'Structure model' '_database_2.pdbx_DOI'                 
2 2 'Structure model' '_database_2.pdbx_database_accession'  
3 2 'Structure model' '_pdbx_database_status.status_code_sf' 
4 2 'Structure model' '_struct_site.pdbx_auth_asym_id'       
5 2 'Structure model' '_struct_site.pdbx_auth_comp_id'       
6 2 'Structure model' '_struct_site.pdbx_auth_seq_id'        
# 
_pdbx_database_status.status_code                     REL 
_pdbx_database_status.entry_id                        5A35 
_pdbx_database_status.deposit_site                    PDBE 
_pdbx_database_status.process_site                    PDBE 
_pdbx_database_status.SG_entry                        . 
_pdbx_database_status.recvd_initial_deposition_date   2015-05-27 
_pdbx_database_status.pdb_format_compatible           Y 
_pdbx_database_status.status_code_sf                  REL 
_pdbx_database_status.status_code_mr                  ? 
_pdbx_database_status.status_code_cs                  ? 
_pdbx_database_status.methods_development_category    ? 
_pdbx_database_status.status_code_nmr_data            ? 
# 
loop_
_pdbx_database_related.db_name 
_pdbx_database_related.db_id 
_pdbx_database_related.content_type 
_pdbx_database_related.details 
PDB 5A3A unspecified 'CRYSTAL STRUCTURE OF THE ADP-RIBOSYLATING SIRTUIN (SIRTM ) FROM STREPTOCOCCUS PYOGENES (APO FORM)' 
PDB 5A3B unspecified 
'CRYSTAL STRUCTURE OF THE ADP-RIBOSYLATING SIRTUIN (SIRTM ) FROM STREPTOCOCCUS PYOGENES IN COMPLEX WITH ADP- RIBOSE' 
PDB 5A3C unspecified 'CRYSTAL STRUCTURE OF THE ADP-RIBOSYLATING SIRTUIN (SIRTM ) FROM STREPTOCOCCUS PYOGENES (APO FORM)' 
# 
loop_
_audit_author.name 
_audit_author.pdbx_ordinal 
'Rack, J.G.M.'     1  
'Morra, R.'        2  
'Barkauskaite, E.' 3  
'Kraehenbuehl, R.' 4  
'Ariza, A.'        5  
'Qu, Y.'           6  
'Ortmayer, M.'     7  
'Leidecker, O.'    8  
'Cameron, D.R.'    9  
'Matic, I.'        10 
'Peleg, A.Y.'      11 
'Leys, D.'         12 
'Traven, A.'       13 
'Ahel, I.'         14 
# 
_citation.id                        primary 
_citation.title                     'Identification of a Class of Protein Adp-Ribosylating Sirtuins in Microbial Pathogens.' 
_citation.journal_abbrev            Mol.Cell 
_citation.journal_volume            59 
_citation.page_first                309 
_citation.page_last                 ? 
_citation.year                      2015 
_citation.journal_id_ASTM           MOCEFL 
_citation.country                   US 
_citation.journal_id_ISSN           1097-2765 
_citation.journal_id_CSD            2168 
_citation.book_publisher            ? 
_citation.pdbx_database_id_PubMed   26166706 
_citation.pdbx_database_id_DOI      10.1016/J.MOLCEL.2015.06.013 
# 
loop_
_citation_author.citation_id 
_citation_author.name 
_citation_author.ordinal 
_citation_author.identifier_ORCID 
primary 'Rack, J.G.'       1  ? 
primary 'Morra, R.'        2  ? 
primary 'Barkauskaite, E.' 3  ? 
primary 'Kraehenbuehl, R.' 4  ? 
primary 'Ariza, A.'        5  ? 
primary 'Qu, Y.'           6  ? 
primary 'Ortmayer, M.'     7  ? 
primary 'Leidecker, O.'    8  ? 
primary 'Cameron, D.R.'    9  ? 
primary 'Matic, I.'        10 ? 
primary 'Peleg, A.Y.'      11 ? 
primary 'Leys, D.'         12 ? 
primary 'Traven, A.'       13 ? 
primary 'Ahel, I.'         14 ? 
# 
loop_
_entity.id 
_entity.type 
_entity.src_method 
_entity.pdbx_description 
_entity.formula_weight 
_entity.pdbx_number_of_molecules 
_entity.pdbx_ec 
_entity.pdbx_mutation 
_entity.pdbx_fragment 
_entity.details 
1 polymer     man 'GLYCINE CLEAVAGE SYSTEM H PROTEIN' 13263.686 1   ? ? ? ? 
2 non-polymer syn 'PENTAETHYLENE GLYCOL'              238.278   1   ? ? ? ? 
3 water       nat water                               18.015    250 ? ? ? ? 
# 
_entity_name_com.entity_id   1 
_entity_name_com.name        'GLYCINE CLEAVAGE PROTEIN H-LIKE' 
# 
_entity_poly.entity_id                      1 
_entity_poly.type                           'polypeptide(L)' 
_entity_poly.nstd_linkage                   no 
_entity_poly.nstd_monomer                   no 
_entity_poly.pdbx_seq_one_letter_code       
;MKKIANYLLIEKTDDRYTISMTPELQDDIGTIGYAEFTDNDHLAVDDIILNLEASKTVMSVLSPLAGAVVERNEAATLTP
TLLNSEKAEENWIVVLTDVDQAAFDALEDAGSGHHHHHHH
;
_entity_poly.pdbx_seq_one_letter_code_can   
;MKKIANYLLIEKTDDRYTISMTPELQDDIGTIGYAEFTDNDHLAVDDIILNLEASKTVMSVLSPLAGAVVERNEAATLTP
TLLNSEKAEENWIVVLTDVDQAAFDALEDAGSGHHHHHHH
;
_entity_poly.pdbx_strand_id                 A 
_entity_poly.pdbx_target_identifier         ? 
# 
loop_
_pdbx_entity_nonpoly.entity_id 
_pdbx_entity_nonpoly.name 
_pdbx_entity_nonpoly.comp_id 
2 'PENTAETHYLENE GLYCOL' 1PE 
3 water                  HOH 
# 
loop_
_entity_poly_seq.entity_id 
_entity_poly_seq.num 
_entity_poly_seq.mon_id 
_entity_poly_seq.hetero 
1 1   MET n 
1 2   LYS n 
1 3   LYS n 
1 4   ILE n 
1 5   ALA n 
1 6   ASN n 
1 7   TYR n 
1 8   LEU n 
1 9   LEU n 
1 10  ILE n 
1 11  GLU n 
1 12  LYS n 
1 13  THR n 
1 14  ASP n 
1 15  ASP n 
1 16  ARG n 
1 17  TYR n 
1 18  THR n 
1 19  ILE n 
1 20  SER n 
1 21  MET n 
1 22  THR n 
1 23  PRO n 
1 24  GLU n 
1 25  LEU n 
1 26  GLN n 
1 27  ASP n 
1 28  ASP n 
1 29  ILE n 
1 30  GLY n 
1 31  THR n 
1 32  ILE n 
1 33  GLY n 
1 34  TYR n 
1 35  ALA n 
1 36  GLU n 
1 37  PHE n 
1 38  THR n 
1 39  ASP n 
1 40  ASN n 
1 41  ASP n 
1 42  HIS n 
1 43  LEU n 
1 44  ALA n 
1 45  VAL n 
1 46  ASP n 
1 47  ASP n 
1 48  ILE n 
1 49  ILE n 
1 50  LEU n 
1 51  ASN n 
1 52  LEU n 
1 53  GLU n 
1 54  ALA n 
1 55  SER n 
1 56  LYS n 
1 57  THR n 
1 58  VAL n 
1 59  MET n 
1 60  SER n 
1 61  VAL n 
1 62  LEU n 
1 63  SER n 
1 64  PRO n 
1 65  LEU n 
1 66  ALA n 
1 67  GLY n 
1 68  ALA n 
1 69  VAL n 
1 70  VAL n 
1 71  GLU n 
1 72  ARG n 
1 73  ASN n 
1 74  GLU n 
1 75  ALA n 
1 76  ALA n 
1 77  THR n 
1 78  LEU n 
1 79  THR n 
1 80  PRO n 
1 81  THR n 
1 82  LEU n 
1 83  LEU n 
1 84  ASN n 
1 85  SER n 
1 86  GLU n 
1 87  LYS n 
1 88  ALA n 
1 89  GLU n 
1 90  GLU n 
1 91  ASN n 
1 92  TRP n 
1 93  ILE n 
1 94  VAL n 
1 95  VAL n 
1 96  LEU n 
1 97  THR n 
1 98  ASP n 
1 99  VAL n 
1 100 ASP n 
1 101 GLN n 
1 102 ALA n 
1 103 ALA n 
1 104 PHE n 
1 105 ASP n 
1 106 ALA n 
1 107 LEU n 
1 108 GLU n 
1 109 ASP n 
1 110 ALA n 
1 111 GLY n 
1 112 SER n 
1 113 GLY n 
1 114 HIS n 
1 115 HIS n 
1 116 HIS n 
1 117 HIS n 
1 118 HIS n 
1 119 HIS n 
1 120 HIS n 
# 
_entity_src_gen.entity_id                          1 
_entity_src_gen.pdbx_src_id                        1 
_entity_src_gen.pdbx_alt_source_flag               sample 
_entity_src_gen.pdbx_seq_type                      ? 
_entity_src_gen.pdbx_beg_seq_num                   ? 
_entity_src_gen.pdbx_end_seq_num                   ? 
_entity_src_gen.gene_src_common_name               ? 
_entity_src_gen.gene_src_genus                     ? 
_entity_src_gen.pdbx_gene_src_gene                 ? 
_entity_src_gen.gene_src_species                   ? 
_entity_src_gen.gene_src_strain                    MANFREDO 
_entity_src_gen.gene_src_tissue                    ? 
_entity_src_gen.gene_src_tissue_fraction           ? 
_entity_src_gen.gene_src_details                   ? 
_entity_src_gen.pdbx_gene_src_fragment             ? 
_entity_src_gen.pdbx_gene_src_scientific_name      'STREPTOCOCCUS PYOGENES' 
_entity_src_gen.pdbx_gene_src_ncbi_taxonomy_id     160491 
_entity_src_gen.pdbx_gene_src_variant              'SEROTYPE M5' 
_entity_src_gen.pdbx_gene_src_cell_line            ? 
_entity_src_gen.pdbx_gene_src_atcc                 ? 
_entity_src_gen.pdbx_gene_src_organ                ? 
_entity_src_gen.pdbx_gene_src_organelle            ? 
_entity_src_gen.pdbx_gene_src_cell                 ? 
_entity_src_gen.pdbx_gene_src_cellular_location    ? 
_entity_src_gen.host_org_common_name               ? 
_entity_src_gen.pdbx_host_org_scientific_name      'ESCHERICHIA COLI' 
_entity_src_gen.pdbx_host_org_ncbi_taxonomy_id     469008 
_entity_src_gen.host_org_genus                     ? 
_entity_src_gen.pdbx_host_org_gene                 ? 
_entity_src_gen.pdbx_host_org_organ                ? 
_entity_src_gen.host_org_species                   ? 
_entity_src_gen.pdbx_host_org_tissue               ? 
_entity_src_gen.pdbx_host_org_tissue_fraction      ? 
_entity_src_gen.pdbx_host_org_strain               'BL21(DE3)' 
_entity_src_gen.pdbx_host_org_variant              'ROSETTA PLYSS' 
_entity_src_gen.pdbx_host_org_cell_line            ? 
_entity_src_gen.pdbx_host_org_atcc                 ? 
_entity_src_gen.pdbx_host_org_culture_collection   ? 
_entity_src_gen.pdbx_host_org_cell                 ? 
_entity_src_gen.pdbx_host_org_organelle            ? 
_entity_src_gen.pdbx_host_org_cellular_location    ? 
_entity_src_gen.pdbx_host_org_vector_type          ? 
_entity_src_gen.pdbx_host_org_vector               ? 
_entity_src_gen.host_org_details                   ? 
_entity_src_gen.expression_system_id               ? 
_entity_src_gen.plasmid_name                       PET21A 
_entity_src_gen.plasmid_details                    ? 
_entity_src_gen.pdbx_description                   ? 
# 
loop_
_chem_comp.id 
_chem_comp.type 
_chem_comp.mon_nstd_flag 
_chem_comp.name 
_chem_comp.pdbx_synonyms 
_chem_comp.formula 
_chem_comp.formula_weight 
1PE non-polymer         . 'PENTAETHYLENE GLYCOL' PEG400 'C10 H22 O6'     238.278 
ALA 'L-peptide linking' y ALANINE                ?      'C3 H7 N O2'     89.093  
ARG 'L-peptide linking' y ARGININE               ?      'C6 H15 N4 O2 1' 175.209 
ASN 'L-peptide linking' y ASPARAGINE             ?      'C4 H8 N2 O3'    132.118 
ASP 'L-peptide linking' y 'ASPARTIC ACID'        ?      'C4 H7 N O4'     133.103 
GLN 'L-peptide linking' y GLUTAMINE              ?      'C5 H10 N2 O3'   146.144 
GLU 'L-peptide linking' y 'GLUTAMIC ACID'        ?      'C5 H9 N O4'     147.129 
GLY 'peptide linking'   y GLYCINE                ?      'C2 H5 N O2'     75.067  
HIS 'L-peptide linking' y HISTIDINE              ?      'C6 H10 N3 O2 1' 156.162 
HOH non-polymer         . WATER                  ?      'H2 O'           18.015  
ILE 'L-peptide linking' y ISOLEUCINE             ?      'C6 H13 N O2'    131.173 
LEU 'L-peptide linking' y LEUCINE                ?      'C6 H13 N O2'    131.173 
LYS 'L-peptide linking' y LYSINE                 ?      'C6 H15 N2 O2 1' 147.195 
MET 'L-peptide linking' y METHIONINE             ?      'C5 H11 N O2 S'  149.211 
PHE 'L-peptide linking' y PHENYLALANINE          ?      'C9 H11 N O2'    165.189 
PRO 'L-peptide linking' y PROLINE                ?      'C5 H9 N O2'     115.130 
SER 'L-peptide linking' y SERINE                 ?      'C3 H7 N O3'     105.093 
THR 'L-peptide linking' y THREONINE              ?      'C4 H9 N O3'     119.119 
TRP 'L-peptide linking' y TRYPTOPHAN             ?      'C11 H12 N2 O2'  204.225 
TYR 'L-peptide linking' y TYROSINE               ?      'C9 H11 N O3'    181.189 
VAL 'L-peptide linking' y VALINE                 ?      'C5 H11 N O2'    117.146 
# 
loop_
_pdbx_poly_seq_scheme.asym_id 
_pdbx_poly_seq_scheme.entity_id 
_pdbx_poly_seq_scheme.seq_id 
_pdbx_poly_seq_scheme.mon_id 
_pdbx_poly_seq_scheme.ndb_seq_num 
_pdbx_poly_seq_scheme.pdb_seq_num 
_pdbx_poly_seq_scheme.auth_seq_num 
_pdbx_poly_seq_scheme.pdb_mon_id 
_pdbx_poly_seq_scheme.auth_mon_id 
_pdbx_poly_seq_scheme.pdb_strand_id 
_pdbx_poly_seq_scheme.pdb_ins_code 
_pdbx_poly_seq_scheme.hetero 
A 1 1   MET 1   1   1   MET MET A . n 
A 1 2   LYS 2   2   2   LYS LYS A . n 
A 1 3   LYS 3   3   3   LYS LYS A . n 
A 1 4   ILE 4   4   4   ILE ILE A . n 
A 1 5   ALA 5   5   5   ALA ALA A . n 
A 1 6   ASN 6   6   6   ASN ASN A . n 
A 1 7   TYR 7   7   7   TYR TYR A . n 
A 1 8   LEU 8   8   8   LEU LEU A . n 
A 1 9   LEU 9   9   9   LEU LEU A . n 
A 1 10  ILE 10  10  10  ILE ILE A . n 
A 1 11  GLU 11  11  11  GLU GLU A . n 
A 1 12  LYS 12  12  12  LYS LYS A . n 
A 1 13  THR 13  13  13  THR THR A . n 
A 1 14  ASP 14  14  14  ASP ASP A . n 
A 1 15  ASP 15  15  15  ASP ASP A . n 
A 1 16  ARG 16  16  16  ARG ARG A . n 
A 1 17  TYR 17  17  17  TYR TYR A . n 
A 1 18  THR 18  18  18  THR THR A . n 
A 1 19  ILE 19  19  19  ILE ILE A . n 
A 1 20  SER 20  20  20  SER SER A . n 
A 1 21  MET 21  21  21  MET MET A . n 
A 1 22  THR 22  22  22  THR THR A . n 
A 1 23  PRO 23  23  23  PRO PRO A . n 
A 1 24  GLU 24  24  24  GLU GLU A . n 
A 1 25  LEU 25  25  25  LEU LEU A . n 
A 1 26  GLN 26  26  26  GLN GLN A . n 
A 1 27  ASP 27  27  27  ASP ASP A . n 
A 1 28  ASP 28  28  28  ASP ASP A . n 
A 1 29  ILE 29  29  29  ILE ILE A . n 
A 1 30  GLY 30  30  30  GLY GLY A . n 
A 1 31  THR 31  31  31  THR THR A . n 
A 1 32  ILE 32  32  32  ILE ILE A . n 
A 1 33  GLY 33  33  33  GLY GLY A . n 
A 1 34  TYR 34  34  34  TYR TYR A . n 
A 1 35  ALA 35  35  35  ALA ALA A . n 
A 1 36  GLU 36  36  36  GLU GLU A . n 
A 1 37  PHE 37  37  37  PHE PHE A . n 
A 1 38  THR 38  38  38  THR THR A . n 
A 1 39  ASP 39  39  39  ASP ASP A . n 
A 1 40  ASN 40  40  40  ASN ASN A . n 
A 1 41  ASP 41  41  41  ASP ASP A . n 
A 1 42  HIS 42  42  42  HIS HIS A . n 
A 1 43  LEU 43  43  43  LEU LEU A . n 
A 1 44  ALA 44  44  44  ALA ALA A . n 
A 1 45  VAL 45  45  45  VAL VAL A . n 
A 1 46  ASP 46  46  46  ASP ASP A . n 
A 1 47  ASP 47  47  47  ASP ASP A . n 
A 1 48  ILE 48  48  48  ILE ILE A . n 
A 1 49  ILE 49  49  49  ILE ILE A . n 
A 1 50  LEU 50  50  50  LEU LEU A . n 
A 1 51  ASN 51  51  51  ASN ASN A . n 
A 1 52  LEU 52  52  52  LEU LEU A . n 
A 1 53  GLU 53  53  53  GLU GLU A . n 
A 1 54  ALA 54  54  54  ALA ALA A . n 
A 1 55  SER 55  55  55  SER SER A . n 
A 1 56  LYS 56  56  56  LYS LYS A . n 
A 1 57  THR 57  57  57  THR THR A . n 
A 1 58  VAL 58  58  58  VAL VAL A . n 
A 1 59  MET 59  59  59  MET MET A . n 
A 1 60  SER 60  60  60  SER SER A . n 
A 1 61  VAL 61  61  61  VAL VAL A . n 
A 1 62  LEU 62  62  62  LEU LEU A . n 
A 1 63  SER 63  63  63  SER SER A . n 
A 1 64  PRO 64  64  64  PRO PRO A . n 
A 1 65  LEU 65  65  65  LEU LEU A . n 
A 1 66  ALA 66  66  66  ALA ALA A . n 
A 1 67  GLY 67  67  67  GLY GLY A . n 
A 1 68  ALA 68  68  68  ALA ALA A . n 
A 1 69  VAL 69  69  69  VAL VAL A . n 
A 1 70  VAL 70  70  70  VAL VAL A . n 
A 1 71  GLU 71  71  71  GLU GLU A . n 
A 1 72  ARG 72  72  72  ARG ARG A . n 
A 1 73  ASN 73  73  73  ASN ASN A . n 
A 1 74  GLU 74  74  74  GLU GLU A . n 
A 1 75  ALA 75  75  75  ALA ALA A . n 
A 1 76  ALA 76  76  76  ALA ALA A . n 
A 1 77  THR 77  77  77  THR THR A . n 
A 1 78  LEU 78  78  78  LEU LEU A . n 
A 1 79  THR 79  79  79  THR THR A . n 
A 1 80  PRO 80  80  80  PRO PRO A . n 
A 1 81  THR 81  81  81  THR THR A . n 
A 1 82  LEU 82  82  82  LEU LEU A . n 
A 1 83  LEU 83  83  83  LEU LEU A . n 
A 1 84  ASN 84  84  84  ASN ASN A . n 
A 1 85  SER 85  85  85  SER SER A . n 
A 1 86  GLU 86  86  86  GLU GLU A . n 
A 1 87  LYS 87  87  87  LYS LYS A . n 
A 1 88  ALA 88  88  88  ALA ALA A . n 
A 1 89  GLU 89  89  89  GLU GLU A . n 
A 1 90  GLU 90  90  90  GLU GLU A . n 
A 1 91  ASN 91  91  91  ASN ASN A . n 
A 1 92  TRP 92  92  92  TRP TRP A . n 
A 1 93  ILE 93  93  93  ILE ILE A . n 
A 1 94  VAL 94  94  94  VAL VAL A . n 
A 1 95  VAL 95  95  95  VAL VAL A . n 
A 1 96  LEU 96  96  96  LEU LEU A . n 
A 1 97  THR 97  97  97  THR THR A . n 
A 1 98  ASP 98  98  98  ASP ASP A . n 
A 1 99  VAL 99  99  99  VAL VAL A . n 
A 1 100 ASP 100 100 100 ASP ASP A . n 
A 1 101 GLN 101 101 101 GLN GLN A . n 
A 1 102 ALA 102 102 102 ALA ALA A . n 
A 1 103 ALA 103 103 103 ALA ALA A . n 
A 1 104 PHE 104 104 104 PHE PHE A . n 
A 1 105 ASP 105 105 105 ASP ASP A . n 
A 1 106 ALA 106 106 106 ALA ALA A . n 
A 1 107 LEU 107 107 107 LEU LEU A . n 
A 1 108 GLU 108 108 108 GLU GLU A . n 
A 1 109 ASP 109 109 109 ASP ASP A . n 
A 1 110 ALA 110 110 110 ALA ALA A . n 
A 1 111 GLY 111 111 111 GLY GLY A . n 
A 1 112 SER 112 112 112 SER SER A . n 
A 1 113 GLY 113 113 ?   ?   ?   A . n 
A 1 114 HIS 114 114 ?   ?   ?   A . n 
A 1 115 HIS 115 115 ?   ?   ?   A . n 
A 1 116 HIS 116 116 ?   ?   ?   A . n 
A 1 117 HIS 117 117 ?   ?   ?   A . n 
A 1 118 HIS 118 118 ?   ?   ?   A . n 
A 1 119 HIS 119 119 ?   ?   ?   A . n 
A 1 120 HIS 120 120 ?   ?   ?   A . n 
# 
loop_
_pdbx_nonpoly_scheme.asym_id 
_pdbx_nonpoly_scheme.entity_id 
_pdbx_nonpoly_scheme.mon_id 
_pdbx_nonpoly_scheme.ndb_seq_num 
_pdbx_nonpoly_scheme.pdb_seq_num 
_pdbx_nonpoly_scheme.auth_seq_num 
_pdbx_nonpoly_scheme.pdb_mon_id 
_pdbx_nonpoly_scheme.auth_mon_id 
_pdbx_nonpoly_scheme.pdb_strand_id 
_pdbx_nonpoly_scheme.pdb_ins_code 
B 2 1PE 1   1113 1113 1PE 1PE A . 
C 3 HOH 1   2001 2001 HOH HOH A . 
C 3 HOH 2   2002 2002 HOH HOH A . 
C 3 HOH 3   2003 2003 HOH HOH A . 
C 3 HOH 4   2004 2004 HOH HOH A . 
C 3 HOH 5   2005 2005 HOH HOH A . 
C 3 HOH 6   2006 2006 HOH HOH A . 
C 3 HOH 7   2007 2007 HOH HOH A . 
C 3 HOH 8   2008 2008 HOH HOH A . 
C 3 HOH 9   2009 2009 HOH HOH A . 
C 3 HOH 10  2010 2010 HOH HOH A . 
C 3 HOH 11  2011 2011 HOH HOH A . 
C 3 HOH 12  2012 2012 HOH HOH A . 
C 3 HOH 13  2013 2013 HOH HOH A . 
C 3 HOH 14  2014 2014 HOH HOH A . 
C 3 HOH 15  2015 2015 HOH HOH A . 
C 3 HOH 16  2016 2016 HOH HOH A . 
C 3 HOH 17  2017 2017 HOH HOH A . 
C 3 HOH 18  2018 2018 HOH HOH A . 
C 3 HOH 19  2019 2019 HOH HOH A . 
C 3 HOH 20  2020 2020 HOH HOH A . 
C 3 HOH 21  2021 2021 HOH HOH A . 
C 3 HOH 22  2022 2022 HOH HOH A . 
C 3 HOH 23  2023 2023 HOH HOH A . 
C 3 HOH 24  2024 2024 HOH HOH A . 
C 3 HOH 25  2025 2025 HOH HOH A . 
C 3 HOH 26  2026 2026 HOH HOH A . 
C 3 HOH 27  2027 2027 HOH HOH A . 
C 3 HOH 28  2028 2028 HOH HOH A . 
C 3 HOH 29  2029 2029 HOH HOH A . 
C 3 HOH 30  2030 2030 HOH HOH A . 
C 3 HOH 31  2031 2031 HOH HOH A . 
C 3 HOH 32  2032 2032 HOH HOH A . 
C 3 HOH 33  2033 2033 HOH HOH A . 
C 3 HOH 34  2034 2034 HOH HOH A . 
C 3 HOH 35  2035 2035 HOH HOH A . 
C 3 HOH 36  2036 2036 HOH HOH A . 
C 3 HOH 37  2037 2037 HOH HOH A . 
C 3 HOH 38  2038 2038 HOH HOH A . 
C 3 HOH 39  2039 2039 HOH HOH A . 
C 3 HOH 40  2040 2040 HOH HOH A . 
C 3 HOH 41  2041 2041 HOH HOH A . 
C 3 HOH 42  2042 2042 HOH HOH A . 
C 3 HOH 43  2043 2043 HOH HOH A . 
C 3 HOH 44  2044 2044 HOH HOH A . 
C 3 HOH 45  2045 2045 HOH HOH A . 
C 3 HOH 46  2046 2046 HOH HOH A . 
C 3 HOH 47  2047 2047 HOH HOH A . 
C 3 HOH 48  2048 2048 HOH HOH A . 
C 3 HOH 49  2049 2049 HOH HOH A . 
C 3 HOH 50  2050 2050 HOH HOH A . 
C 3 HOH 51  2051 2051 HOH HOH A . 
C 3 HOH 52  2052 2052 HOH HOH A . 
C 3 HOH 53  2053 2053 HOH HOH A . 
C 3 HOH 54  2054 2054 HOH HOH A . 
C 3 HOH 55  2055 2055 HOH HOH A . 
C 3 HOH 56  2056 2056 HOH HOH A . 
C 3 HOH 57  2057 2057 HOH HOH A . 
C 3 HOH 58  2058 2058 HOH HOH A . 
C 3 HOH 59  2059 2059 HOH HOH A . 
C 3 HOH 60  2060 2060 HOH HOH A . 
C 3 HOH 61  2061 2061 HOH HOH A . 
C 3 HOH 62  2062 2062 HOH HOH A . 
C 3 HOH 63  2063 2063 HOH HOH A . 
C 3 HOH 64  2064 2064 HOH HOH A . 
C 3 HOH 65  2065 2065 HOH HOH A . 
C 3 HOH 66  2066 2066 HOH HOH A . 
C 3 HOH 67  2067 2067 HOH HOH A . 
C 3 HOH 68  2068 2068 HOH HOH A . 
C 3 HOH 69  2069 2069 HOH HOH A . 
C 3 HOH 70  2070 2070 HOH HOH A . 
C 3 HOH 71  2071 2071 HOH HOH A . 
C 3 HOH 72  2072 2072 HOH HOH A . 
C 3 HOH 73  2073 2073 HOH HOH A . 
C 3 HOH 74  2074 2074 HOH HOH A . 
C 3 HOH 75  2075 2075 HOH HOH A . 
C 3 HOH 76  2076 2076 HOH HOH A . 
C 3 HOH 77  2077 2077 HOH HOH A . 
C 3 HOH 78  2078 2078 HOH HOH A . 
C 3 HOH 79  2079 2079 HOH HOH A . 
C 3 HOH 80  2080 2080 HOH HOH A . 
C 3 HOH 81  2081 2081 HOH HOH A . 
C 3 HOH 82  2082 2082 HOH HOH A . 
C 3 HOH 83  2083 2083 HOH HOH A . 
C 3 HOH 84  2084 2084 HOH HOH A . 
C 3 HOH 85  2085 2085 HOH HOH A . 
C 3 HOH 86  2086 2086 HOH HOH A . 
C 3 HOH 87  2087 2087 HOH HOH A . 
C 3 HOH 88  2088 2088 HOH HOH A . 
C 3 HOH 89  2089 2089 HOH HOH A . 
C 3 HOH 90  2090 2090 HOH HOH A . 
C 3 HOH 91  2091 2091 HOH HOH A . 
C 3 HOH 92  2092 2092 HOH HOH A . 
C 3 HOH 93  2093 2093 HOH HOH A . 
C 3 HOH 94  2094 2094 HOH HOH A . 
C 3 HOH 95  2095 2095 HOH HOH A . 
C 3 HOH 96  2096 2096 HOH HOH A . 
C 3 HOH 97  2097 2097 HOH HOH A . 
C 3 HOH 98  2098 2098 HOH HOH A . 
C 3 HOH 99  2099 2099 HOH HOH A . 
C 3 HOH 100 2100 2100 HOH HOH A . 
C 3 HOH 101 2101 2101 HOH HOH A . 
C 3 HOH 102 2102 2102 HOH HOH A . 
C 3 HOH 103 2103 2103 HOH HOH A . 
C 3 HOH 104 2104 2104 HOH HOH A . 
C 3 HOH 105 2105 2105 HOH HOH A . 
C 3 HOH 106 2106 2106 HOH HOH A . 
C 3 HOH 107 2107 2107 HOH HOH A . 
C 3 HOH 108 2108 2108 HOH HOH A . 
C 3 HOH 109 2109 2109 HOH HOH A . 
C 3 HOH 110 2110 2110 HOH HOH A . 
C 3 HOH 111 2111 2111 HOH HOH A . 
C 3 HOH 112 2112 2112 HOH HOH A . 
C 3 HOH 113 2113 2113 HOH HOH A . 
C 3 HOH 114 2114 2114 HOH HOH A . 
C 3 HOH 115 2115 2115 HOH HOH A . 
C 3 HOH 116 2116 2116 HOH HOH A . 
C 3 HOH 117 2117 2117 HOH HOH A . 
C 3 HOH 118 2118 2118 HOH HOH A . 
C 3 HOH 119 2119 2119 HOH HOH A . 
C 3 HOH 120 2120 2120 HOH HOH A . 
C 3 HOH 121 2121 2121 HOH HOH A . 
C 3 HOH 122 2122 2122 HOH HOH A . 
C 3 HOH 123 2123 2123 HOH HOH A . 
C 3 HOH 124 2124 2124 HOH HOH A . 
C 3 HOH 125 2125 2125 HOH HOH A . 
C 3 HOH 126 2126 2126 HOH HOH A . 
C 3 HOH 127 2127 2127 HOH HOH A . 
C 3 HOH 128 2128 2128 HOH HOH A . 
C 3 HOH 129 2129 2129 HOH HOH A . 
C 3 HOH 130 2130 2130 HOH HOH A . 
C 3 HOH 131 2131 2131 HOH HOH A . 
C 3 HOH 132 2132 2132 HOH HOH A . 
C 3 HOH 133 2133 2133 HOH HOH A . 
C 3 HOH 134 2134 2134 HOH HOH A . 
C 3 HOH 135 2135 2135 HOH HOH A . 
C 3 HOH 136 2136 2136 HOH HOH A . 
C 3 HOH 137 2137 2137 HOH HOH A . 
C 3 HOH 138 2138 2138 HOH HOH A . 
C 3 HOH 139 2139 2139 HOH HOH A . 
C 3 HOH 140 2140 2140 HOH HOH A . 
C 3 HOH 141 2141 2141 HOH HOH A . 
C 3 HOH 142 2142 2142 HOH HOH A . 
C 3 HOH 143 2143 2143 HOH HOH A . 
C 3 HOH 144 2144 2144 HOH HOH A . 
C 3 HOH 145 2145 2145 HOH HOH A . 
C 3 HOH 146 2146 2146 HOH HOH A . 
C 3 HOH 147 2147 2147 HOH HOH A . 
C 3 HOH 148 2148 2148 HOH HOH A . 
C 3 HOH 149 2149 2149 HOH HOH A . 
C 3 HOH 150 2150 2150 HOH HOH A . 
C 3 HOH 151 2151 2151 HOH HOH A . 
C 3 HOH 152 2152 2152 HOH HOH A . 
C 3 HOH 153 2153 2153 HOH HOH A . 
C 3 HOH 154 2154 2154 HOH HOH A . 
C 3 HOH 155 2155 2155 HOH HOH A . 
C 3 HOH 156 2156 2156 HOH HOH A . 
C 3 HOH 157 2157 2157 HOH HOH A . 
C 3 HOH 158 2158 2158 HOH HOH A . 
C 3 HOH 159 2159 2159 HOH HOH A . 
C 3 HOH 160 2160 2160 HOH HOH A . 
C 3 HOH 161 2161 2161 HOH HOH A . 
C 3 HOH 162 2162 2162 HOH HOH A . 
C 3 HOH 163 2163 2163 HOH HOH A . 
C 3 HOH 164 2164 2164 HOH HOH A . 
C 3 HOH 165 2165 2165 HOH HOH A . 
C 3 HOH 166 2166 2166 HOH HOH A . 
C 3 HOH 167 2167 2167 HOH HOH A . 
C 3 HOH 168 2168 2168 HOH HOH A . 
C 3 HOH 169 2169 2169 HOH HOH A . 
C 3 HOH 170 2170 2170 HOH HOH A . 
C 3 HOH 171 2171 2171 HOH HOH A . 
C 3 HOH 172 2172 2172 HOH HOH A . 
C 3 HOH 173 2173 2173 HOH HOH A . 
C 3 HOH 174 2174 2174 HOH HOH A . 
C 3 HOH 175 2175 2175 HOH HOH A . 
C 3 HOH 176 2176 2176 HOH HOH A . 
C 3 HOH 177 2177 2177 HOH HOH A . 
C 3 HOH 178 2178 2178 HOH HOH A . 
C 3 HOH 179 2179 2179 HOH HOH A . 
C 3 HOH 180 2180 2180 HOH HOH A . 
C 3 HOH 181 2181 2181 HOH HOH A . 
C 3 HOH 182 2182 2182 HOH HOH A . 
C 3 HOH 183 2183 2183 HOH HOH A . 
C 3 HOH 184 2184 2184 HOH HOH A . 
C 3 HOH 185 2185 2185 HOH HOH A . 
C 3 HOH 186 2186 2186 HOH HOH A . 
C 3 HOH 187 2187 2187 HOH HOH A . 
C 3 HOH 188 2188 2188 HOH HOH A . 
C 3 HOH 189 2189 2189 HOH HOH A . 
C 3 HOH 190 2190 2190 HOH HOH A . 
C 3 HOH 191 2191 2191 HOH HOH A . 
C 3 HOH 192 2192 2192 HOH HOH A . 
C 3 HOH 193 2193 2193 HOH HOH A . 
C 3 HOH 194 2194 2194 HOH HOH A . 
C 3 HOH 195 2195 2195 HOH HOH A . 
C 3 HOH 196 2196 2196 HOH HOH A . 
C 3 HOH 197 2197 2197 HOH HOH A . 
C 3 HOH 198 2198 2198 HOH HOH A . 
C 3 HOH 199 2199 2199 HOH HOH A . 
C 3 HOH 200 2200 2200 HOH HOH A . 
C 3 HOH 201 2201 2201 HOH HOH A . 
C 3 HOH 202 2202 2202 HOH HOH A . 
C 3 HOH 203 2203 2203 HOH HOH A . 
C 3 HOH 204 2204 2204 HOH HOH A . 
C 3 HOH 205 2205 2205 HOH HOH A . 
C 3 HOH 206 2206 2206 HOH HOH A . 
C 3 HOH 207 2207 2207 HOH HOH A . 
C 3 HOH 208 2208 2208 HOH HOH A . 
C 3 HOH 209 2209 2209 HOH HOH A . 
C 3 HOH 210 2210 2210 HOH HOH A . 
C 3 HOH 211 2211 2211 HOH HOH A . 
C 3 HOH 212 2212 2212 HOH HOH A . 
C 3 HOH 213 2213 2213 HOH HOH A . 
C 3 HOH 214 2214 2214 HOH HOH A . 
C 3 HOH 215 2215 2215 HOH HOH A . 
C 3 HOH 216 2216 2216 HOH HOH A . 
C 3 HOH 217 2217 2217 HOH HOH A . 
C 3 HOH 218 2218 2218 HOH HOH A . 
C 3 HOH 219 2219 2219 HOH HOH A . 
C 3 HOH 220 2220 2220 HOH HOH A . 
C 3 HOH 221 2221 2221 HOH HOH A . 
C 3 HOH 222 2222 2222 HOH HOH A . 
C 3 HOH 223 2223 2223 HOH HOH A . 
C 3 HOH 224 2224 2224 HOH HOH A . 
C 3 HOH 225 2225 2225 HOH HOH A . 
C 3 HOH 226 2226 2226 HOH HOH A . 
C 3 HOH 227 2227 2227 HOH HOH A . 
C 3 HOH 228 2228 2228 HOH HOH A . 
C 3 HOH 229 2229 2229 HOH HOH A . 
C 3 HOH 230 2230 2230 HOH HOH A . 
C 3 HOH 231 2231 2231 HOH HOH A . 
C 3 HOH 232 2232 2232 HOH HOH A . 
C 3 HOH 233 2233 2233 HOH HOH A . 
C 3 HOH 234 2234 2234 HOH HOH A . 
C 3 HOH 235 2235 2235 HOH HOH A . 
C 3 HOH 236 2236 2236 HOH HOH A . 
C 3 HOH 237 2237 2237 HOH HOH A . 
C 3 HOH 238 2238 2238 HOH HOH A . 
C 3 HOH 239 2239 2239 HOH HOH A . 
C 3 HOH 240 2240 2240 HOH HOH A . 
C 3 HOH 241 2241 2241 HOH HOH A . 
C 3 HOH 242 2242 2242 HOH HOH A . 
C 3 HOH 243 2243 2243 HOH HOH A . 
C 3 HOH 244 2244 2244 HOH HOH A . 
C 3 HOH 245 2245 2245 HOH HOH A . 
C 3 HOH 246 2246 2246 HOH HOH A . 
C 3 HOH 247 2247 2247 HOH HOH A . 
C 3 HOH 248 2248 2248 HOH HOH A . 
C 3 HOH 249 2249 2249 HOH HOH A . 
C 3 HOH 250 2250 2250 HOH HOH A . 
# 
loop_
_pdbx_unobs_or_zero_occ_atoms.id 
_pdbx_unobs_or_zero_occ_atoms.PDB_model_num 
_pdbx_unobs_or_zero_occ_atoms.polymer_flag 
_pdbx_unobs_or_zero_occ_atoms.occupancy_flag 
_pdbx_unobs_or_zero_occ_atoms.auth_asym_id 
_pdbx_unobs_or_zero_occ_atoms.auth_comp_id 
_pdbx_unobs_or_zero_occ_atoms.auth_seq_id 
_pdbx_unobs_or_zero_occ_atoms.PDB_ins_code 
_pdbx_unobs_or_zero_occ_atoms.auth_atom_id 
_pdbx_unobs_or_zero_occ_atoms.label_alt_id 
_pdbx_unobs_or_zero_occ_atoms.label_asym_id 
_pdbx_unobs_or_zero_occ_atoms.label_comp_id 
_pdbx_unobs_or_zero_occ_atoms.label_seq_id 
_pdbx_unobs_or_zero_occ_atoms.label_atom_id 
1 1 N 1 A 1PE 1113 ? C14 ? B 1PE 1 C14 
2 1 N 1 A 1PE 1113 ? C24 ? B 1PE 1 C24 
3 1 N 1 A 1PE 1113 ? OH5 ? B 1PE 1 OH5 
4 1 N 1 A 1PE 1113 ? C15 ? B 1PE 1 C15 
5 1 N 1 A 1PE 1113 ? C25 ? B 1PE 1 C25 
6 1 N 1 A 1PE 1113 ? OH6 ? B 1PE 1 OH6 
7 1 N 1 A 1PE 1113 ? C16 ? B 1PE 1 C16 
8 1 N 1 A 1PE 1113 ? C26 ? B 1PE 1 C26 
9 1 N 1 A 1PE 1113 ? OH7 ? B 1PE 1 OH7 
# 
loop_
_software.name 
_software.classification 
_software.version 
_software.citation_id 
_software.pdbx_ordinal 
REFMAC  refinement       5.8.0071 ? 1 
XDS     'data reduction' .        ? 2 
Aimless 'data scaling'   .        ? 3 
PHASER  phasing          .        ? 4 
# 
_cell.entry_id           5A35 
_cell.length_a           64.123 
_cell.length_b           64.123 
_cell.length_c           73.042 
_cell.angle_alpha        90.00 
_cell.angle_beta         90.00 
_cell.angle_gamma        120.00 
_cell.Z_PDB              6 
_cell.pdbx_unique_axis   ? 
# 
_symmetry.entry_id                         5A35 
_symmetry.space_group_name_H-M             'P 31 2 1' 
_symmetry.pdbx_full_space_group_name_H-M   ? 
_symmetry.cell_setting                     ? 
_symmetry.Int_Tables_number                152 
# 
_exptl.entry_id          5A35 
_exptl.method            'X-RAY DIFFRACTION' 
_exptl.crystals_number   1 
# 
_exptl_crystal.id                    1 
_exptl_crystal.density_meas          ? 
_exptl_crystal.density_Matthews      4.95 
_exptl_crystal.density_percent_sol   75.12 
_exptl_crystal.description           NONE 
# 
_exptl_crystal_grow.crystal_id      1 
_exptl_crystal_grow.method          ? 
_exptl_crystal_grow.temp            ? 
_exptl_crystal_grow.temp_details    ? 
_exptl_crystal_grow.pH              8 
_exptl_crystal_grow.pdbx_pH_range   ? 
_exptl_crystal_grow.pdbx_details    '2.0 M NAH2PO4/K2HPO4 PH 7.0' 
# 
_diffrn.id                     1 
_diffrn.ambient_temp           100 
_diffrn.ambient_temp_details   ? 
_diffrn.crystal_id             1 
# 
_diffrn_detector.diffrn_id              1 
_diffrn_detector.detector               PIXEL 
_diffrn_detector.type                   'DECTRIS PILATUS 2M' 
_diffrn_detector.pdbx_collection_date   2014-10-10 
_diffrn_detector.details                'TORROIDAL MIRROR' 
# 
_diffrn_radiation.diffrn_id                        1 
_diffrn_radiation.wavelength_id                    1 
_diffrn_radiation.pdbx_monochromatic_or_laue_m_l   M 
_diffrn_radiation.monochromator                    'SINGLE BOUNCE MONOCHROMATOR' 
_diffrn_radiation.pdbx_diffrn_protocol             'SINGLE WAVELENGTH' 
_diffrn_radiation.pdbx_scattering_type             x-ray 
# 
_diffrn_radiation_wavelength.id           1 
_diffrn_radiation_wavelength.wavelength   0.9200 
_diffrn_radiation_wavelength.wt           1.0 
# 
_diffrn_source.diffrn_id                   1 
_diffrn_source.source                      SYNCHROTRON 
_diffrn_source.type                        'DIAMOND BEAMLINE I04-1' 
_diffrn_source.pdbx_synchrotron_site       Diamond 
_diffrn_source.pdbx_synchrotron_beamline   I04-1 
_diffrn_source.pdbx_wavelength             0.9200 
_diffrn_source.pdbx_wavelength_list        ? 
# 
_reflns.pdbx_diffrn_id               1 
_reflns.pdbx_ordinal                 1 
_reflns.entry_id                     5A35 
_reflns.observed_criterion_sigma_I   . 
_reflns.observed_criterion_sigma_F   ? 
_reflns.d_resolution_low             55.53 
_reflns.d_resolution_high            1.50 
_reflns.number_obs                   28124 
_reflns.number_all                   ? 
_reflns.percent_possible_obs         99.3 
_reflns.pdbx_Rmerge_I_obs            0.04 
_reflns.pdbx_Rsym_value              ? 
_reflns.pdbx_netI_over_sigmaI        27.10 
_reflns.B_iso_Wilson_estimate        ? 
_reflns.pdbx_redundancy              8.5 
# 
_reflns_shell.pdbx_diffrn_id         1 
_reflns_shell.pdbx_ordinal           1 
_reflns_shell.d_res_high             1.50 
_reflns_shell.d_res_low              1.53 
_reflns_shell.percent_possible_all   93.0 
_reflns_shell.Rmerge_I_obs           0.57 
_reflns_shell.pdbx_Rsym_value        ? 
_reflns_shell.meanI_over_sigI_obs    2.90 
_reflns_shell.pdbx_redundancy        6.2 
# 
_refine.pdbx_refine_id                           'X-RAY DIFFRACTION' 
_refine.entry_id                                 5A35 
_refine.pdbx_diffrn_id                           1 
_refine.pdbx_TLS_residual_ADP_flag               ? 
_refine.ls_number_reflns_obs                     26689 
_refine.ls_number_reflns_all                     ? 
_refine.pdbx_ls_sigma_I                          ? 
_refine.pdbx_ls_sigma_F                          . 
_refine.pdbx_data_cutoff_high_absF               ? 
_refine.pdbx_data_cutoff_low_absF                ? 
_refine.pdbx_data_cutoff_high_rms_absF           ? 
_refine.ls_d_res_low                             55.53 
_refine.ls_d_res_high                            1.50 
_refine.ls_percent_reflns_obs                    99.22 
_refine.ls_R_factor_obs                          0.15395 
_refine.ls_R_factor_all                          ? 
_refine.ls_R_factor_R_work                       0.15288 
_refine.ls_R_factor_R_free                       0.17257 
_refine.ls_R_factor_R_free_error                 ? 
_refine.ls_R_factor_R_free_error_details         ? 
_refine.ls_percent_reflns_R_free                 5.0 
_refine.ls_number_reflns_R_free                  1405 
_refine.ls_number_parameters                     ? 
_refine.ls_number_restraints                     ? 
_refine.occupancy_min                            ? 
_refine.occupancy_max                            ? 
_refine.correlation_coeff_Fo_to_Fc               0.975 
_refine.correlation_coeff_Fo_to_Fc_free          0.970 
_refine.B_iso_mean                               23.514 
_refine.aniso_B[1][1]                            0.10 
_refine.aniso_B[2][2]                            0.10 
_refine.aniso_B[3][3]                            -0.32 
_refine.aniso_B[1][2]                            0.05 
_refine.aniso_B[1][3]                            0.00 
_refine.aniso_B[2][3]                            0.00 
_refine.solvent_model_details                    MASK 
_refine.solvent_model_param_ksol                 ? 
_refine.solvent_model_param_bsol                 ? 
_refine.pdbx_solvent_vdw_probe_radii             1.20 
_refine.pdbx_solvent_ion_probe_radii             0.80 
_refine.pdbx_solvent_shrinkage_radii             0.80 
_refine.pdbx_ls_cross_valid_method               THROUGHOUT 
_refine.details                                  'HYDROGENS HAVE BEEN ADDED IN THE RIDING POSITIONS. U VALUES REFINED INDIVIDUALLY' 
_refine.pdbx_starting_model                      'PDB ENTRY 1ONL' 
_refine.pdbx_method_to_determine_struct          'MOLECULAR REPLACEMENT' 
_refine.pdbx_isotropic_thermal_model             ? 
_refine.pdbx_stereochemistry_target_values       'MAXIMUM LIKELIHOOD' 
_refine.pdbx_stereochem_target_val_spec_case     ? 
_refine.pdbx_R_Free_selection_details            RANDOM 
_refine.pdbx_overall_ESU_R                       0.055 
_refine.pdbx_overall_ESU_R_Free                  0.056 
_refine.overall_SU_ML                            0.035 
_refine.pdbx_overall_phase_error                 ? 
_refine.overall_SU_B                             0.929 
_refine.overall_SU_R_Cruickshank_DPI             ? 
_refine.pdbx_overall_SU_R_free_Cruickshank_DPI   ? 
_refine.pdbx_overall_SU_R_Blow_DPI               ? 
_refine.pdbx_overall_SU_R_free_Blow_DPI          ? 
# 
_refine_hist.pdbx_refine_id                   'X-RAY DIFFRACTION' 
_refine_hist.cycle_id                         LAST 
_refine_hist.pdbx_number_atoms_protein        857 
_refine_hist.pdbx_number_atoms_nucleic_acid   0 
_refine_hist.pdbx_number_atoms_ligand         7 
_refine_hist.number_atoms_solvent             250 
_refine_hist.number_atoms_total               1114 
_refine_hist.d_res_high                       1.50 
_refine_hist.d_res_low                        55.53 
# 
loop_
_refine_ls_restr.type 
_refine_ls_restr.dev_ideal 
_refine_ls_restr.dev_ideal_target 
_refine_ls_restr.weight 
_refine_ls_restr.number 
_refine_ls_restr.pdbx_refine_id 
_refine_ls_restr.pdbx_restraint_function 
r_bond_refined_d             0.021  0.020  ? 969  'X-RAY DIFFRACTION' ? 
r_bond_other_d               0.001  0.020  ? 918  'X-RAY DIFFRACTION' ? 
r_angle_refined_deg          1.552  1.987  ? 1344 'X-RAY DIFFRACTION' ? 
r_angle_other_deg            0.768  3.000  ? 2148 'X-RAY DIFFRACTION' ? 
r_dihedral_angle_1_deg       7.053  5.000  ? 138  'X-RAY DIFFRACTION' ? 
r_dihedral_angle_2_deg       28.907 27.500 ? 48   'X-RAY DIFFRACTION' ? 
r_dihedral_angle_3_deg       10.820 15.000 ? 173  'X-RAY DIFFRACTION' ? 
r_dihedral_angle_4_deg       25.370 15.000 ? 2    'X-RAY DIFFRACTION' ? 
r_chiral_restr               0.108  0.200  ? 167  'X-RAY DIFFRACTION' ? 
r_gen_planes_refined         0.010  0.020  ? 1125 'X-RAY DIFFRACTION' ? 
r_gen_planes_other           0.001  0.020  ? 183  'X-RAY DIFFRACTION' ? 
r_nbd_refined                ?      ?      ? ?    'X-RAY DIFFRACTION' ? 
r_nbd_other                  ?      ?      ? ?    'X-RAY DIFFRACTION' ? 
r_nbtor_refined              ?      ?      ? ?    'X-RAY DIFFRACTION' ? 
r_nbtor_other                ?      ?      ? ?    'X-RAY DIFFRACTION' ? 
r_xyhbond_nbd_refined        ?      ?      ? ?    'X-RAY DIFFRACTION' ? 
r_xyhbond_nbd_other          ?      ?      ? ?    'X-RAY DIFFRACTION' ? 
r_metal_ion_refined          ?      ?      ? ?    'X-RAY DIFFRACTION' ? 
r_metal_ion_other            ?      ?      ? ?    'X-RAY DIFFRACTION' ? 
r_symmetry_vdw_refined       ?      ?      ? ?    'X-RAY DIFFRACTION' ? 
r_symmetry_vdw_other         ?      ?      ? ?    'X-RAY DIFFRACTION' ? 
r_symmetry_hbond_refined     ?      ?      ? ?    'X-RAY DIFFRACTION' ? 
r_symmetry_hbond_other       ?      ?      ? ?    'X-RAY DIFFRACTION' ? 
r_symmetry_metal_ion_refined ?      ?      ? ?    'X-RAY DIFFRACTION' ? 
r_symmetry_metal_ion_other   ?      ?      ? ?    'X-RAY DIFFRACTION' ? 
r_mcbond_it                  1.960  1.968  ? 477  'X-RAY DIFFRACTION' ? 
r_mcbond_other               1.950  1.955  ? 476  'X-RAY DIFFRACTION' ? 
r_mcangle_it                 3.146  2.936  ? 602  'X-RAY DIFFRACTION' ? 
r_mcangle_other              3.147  2.952  ? 603  'X-RAY DIFFRACTION' ? 
r_scbond_it                  3.531  2.328  ? 492  'X-RAY DIFFRACTION' ? 
r_scbond_other               3.520  2.327  ? 492  'X-RAY DIFFRACTION' ? 
r_scangle_it                 ?      ?      ? ?    'X-RAY DIFFRACTION' ? 
r_scangle_other              5.325  3.364  ? 728  'X-RAY DIFFRACTION' ? 
r_long_range_B_refined       9.044  20.555 ? 1334 'X-RAY DIFFRACTION' ? 
r_long_range_B_other         9.044  20.578 ? 1335 'X-RAY DIFFRACTION' ? 
r_rigid_bond_restr           ?      ?      ? ?    'X-RAY DIFFRACTION' ? 
r_sphericity_free            ?      ?      ? ?    'X-RAY DIFFRACTION' ? 
r_sphericity_bonded          ?      ?      ? ?    'X-RAY DIFFRACTION' ? 
# 
_refine_ls_shell.pdbx_refine_id                   'X-RAY DIFFRACTION' 
_refine_ls_shell.pdbx_total_number_of_bins_used   20 
_refine_ls_shell.d_res_high                       1.500 
_refine_ls_shell.d_res_low                        1.539 
_refine_ls_shell.number_reflns_R_work             1862 
_refine_ls_shell.R_factor_R_work                  0.220 
_refine_ls_shell.percent_reflns_obs               94.35 
_refine_ls_shell.R_factor_R_free                  0.230 
_refine_ls_shell.R_factor_R_free_error            ? 
_refine_ls_shell.percent_reflns_R_free            ? 
_refine_ls_shell.number_reflns_R_free             93 
_refine_ls_shell.number_reflns_all                ? 
_refine_ls_shell.R_factor_all                     ? 
# 
_struct.entry_id                  5A35 
_struct.title                     'Crystal structure of Glycine Cleavage Protein H-Like (GcvH-L) from Streptococcus pyogenes' 
_struct.pdbx_model_details        ? 
_struct.pdbx_CASP_flag            ? 
_struct.pdbx_model_type_details   ? 
# 
_struct_keywords.entry_id        5A35 
_struct_keywords.pdbx_keywords   'TRANSPORT PROTEIN' 
_struct_keywords.text            'TRANSPORT PROTEIN, LIPOYLATION, ADP-RIBOSYLATION' 
# 
loop_
_struct_asym.id 
_struct_asym.pdbx_blank_PDB_chainid_flag 
_struct_asym.pdbx_modified 
_struct_asym.entity_id 
_struct_asym.details 
A N N 1 ? 
B N N 2 ? 
C N N 3 ? 
# 
_struct_ref.id                         1 
_struct_ref.db_name                    UNP 
_struct_ref.db_code                    Q1JGN4_STRPD 
_struct_ref.entity_id                  1 
_struct_ref.pdbx_seq_one_letter_code   ? 
_struct_ref.pdbx_align_begin           ? 
_struct_ref.pdbx_db_accession          Q1JGN4 
_struct_ref.pdbx_db_isoform            ? 
# 
_struct_ref_seq.align_id                      1 
_struct_ref_seq.ref_id                        1 
_struct_ref_seq.pdbx_PDB_id_code              5A35 
_struct_ref_seq.pdbx_strand_id                A 
_struct_ref_seq.seq_align_beg                 1 
_struct_ref_seq.pdbx_seq_align_beg_ins_code   ? 
_struct_ref_seq.seq_align_end                 110 
_struct_ref_seq.pdbx_seq_align_end_ins_code   ? 
_struct_ref_seq.pdbx_db_accession             Q1JGN4 
_struct_ref_seq.db_align_beg                  1 
_struct_ref_seq.pdbx_db_align_beg_ins_code    ? 
_struct_ref_seq.db_align_end                  110 
_struct_ref_seq.pdbx_db_align_end_ins_code    ? 
_struct_ref_seq.pdbx_auth_seq_align_beg       1 
_struct_ref_seq.pdbx_auth_seq_align_end       110 
# 
loop_
_struct_ref_seq_dif.align_id 
_struct_ref_seq_dif.pdbx_pdb_id_code 
_struct_ref_seq_dif.mon_id 
_struct_ref_seq_dif.pdbx_pdb_strand_id 
_struct_ref_seq_dif.seq_num 
_struct_ref_seq_dif.pdbx_pdb_ins_code 
_struct_ref_seq_dif.pdbx_seq_db_name 
_struct_ref_seq_dif.pdbx_seq_db_accession_code 
_struct_ref_seq_dif.db_mon_id 
_struct_ref_seq_dif.pdbx_seq_db_seq_num 
_struct_ref_seq_dif.details 
_struct_ref_seq_dif.pdbx_auth_seq_num 
_struct_ref_seq_dif.pdbx_ordinal 
1 5A35 GLY A 111 ? UNP Q1JGN4 ? ? 'expression tag' 111 1  
1 5A35 SER A 112 ? UNP Q1JGN4 ? ? 'expression tag' 112 2  
1 5A35 GLY A 113 ? UNP Q1JGN4 ? ? 'expression tag' 113 3  
1 5A35 HIS A 114 ? UNP Q1JGN4 ? ? 'expression tag' 114 4  
1 5A35 HIS A 115 ? UNP Q1JGN4 ? ? 'expression tag' 115 5  
1 5A35 HIS A 116 ? UNP Q1JGN4 ? ? 'expression tag' 116 6  
1 5A35 HIS A 117 ? UNP Q1JGN4 ? ? 'expression tag' 117 7  
1 5A35 HIS A 118 ? UNP Q1JGN4 ? ? 'expression tag' 118 8  
1 5A35 HIS A 119 ? UNP Q1JGN4 ? ? 'expression tag' 119 9  
1 5A35 HIS A 120 ? UNP Q1JGN4 ? ? 'expression tag' 120 10 
# 
_pdbx_struct_assembly.id                   1 
_pdbx_struct_assembly.details              author_and_software_defined_assembly 
_pdbx_struct_assembly.method_details       PISA 
_pdbx_struct_assembly.oligomeric_details   monomeric 
_pdbx_struct_assembly.oligomeric_count     1 
# 
_pdbx_struct_assembly_gen.assembly_id       1 
_pdbx_struct_assembly_gen.oper_expression   1 
_pdbx_struct_assembly_gen.asym_id_list      A,B,C 
# 
_pdbx_struct_oper_list.id                   1 
_pdbx_struct_oper_list.type                 'identity operation' 
_pdbx_struct_oper_list.name                 1_555 
_pdbx_struct_oper_list.symmetry_operation   x,y,z 
_pdbx_struct_oper_list.matrix[1][1]         1.0000000000 
_pdbx_struct_oper_list.matrix[1][2]         0.0000000000 
_pdbx_struct_oper_list.matrix[1][3]         0.0000000000 
_pdbx_struct_oper_list.vector[1]            0.0000000000 
_pdbx_struct_oper_list.matrix[2][1]         0.0000000000 
_pdbx_struct_oper_list.matrix[2][2]         1.0000000000 
_pdbx_struct_oper_list.matrix[2][3]         0.0000000000 
_pdbx_struct_oper_list.vector[2]            0.0000000000 
_pdbx_struct_oper_list.matrix[3][1]         0.0000000000 
_pdbx_struct_oper_list.matrix[3][2]         0.0000000000 
_pdbx_struct_oper_list.matrix[3][3]         1.0000000000 
_pdbx_struct_oper_list.vector[3]            0.0000000000 
# 
_struct_biol.id   1 
# 
loop_
_struct_conf.conf_type_id 
_struct_conf.id 
_struct_conf.pdbx_PDB_helix_id 
_struct_conf.beg_label_comp_id 
_struct_conf.beg_label_asym_id 
_struct_conf.beg_label_seq_id 
_struct_conf.pdbx_beg_PDB_ins_code 
_struct_conf.end_label_comp_id 
_struct_conf.end_label_asym_id 
_struct_conf.end_label_seq_id 
_struct_conf.pdbx_end_PDB_ins_code 
_struct_conf.beg_auth_comp_id 
_struct_conf.beg_auth_asym_id 
_struct_conf.beg_auth_seq_id 
_struct_conf.end_auth_comp_id 
_struct_conf.end_auth_asym_id 
_struct_conf.end_auth_seq_id 
_struct_conf.pdbx_PDB_helix_class 
_struct_conf.details 
_struct_conf.pdbx_PDB_helix_length 
HELX_P HELX_P1 1 THR A 22  ? GLY A 30  ? THR A 22  GLY A 30  1 ? 9 
HELX_P HELX_P2 2 GLU A 74  ? THR A 79  ? GLU A 74  THR A 79  1 ? 6 
HELX_P HELX_P3 3 PRO A 80  ? SER A 85  ? PRO A 80  SER A 85  1 ? 6 
HELX_P HELX_P4 4 LYS A 87  ? ASN A 91  ? LYS A 87  ASN A 91  1 ? 5 
HELX_P HELX_P5 5 ASP A 100 ? ALA A 106 ? ASP A 100 ALA A 106 1 ? 7 
# 
_struct_conf_type.id          HELX_P 
_struct_conf_type.criteria    ? 
_struct_conf_type.reference   ? 
# 
loop_
_struct_sheet.id 
_struct_sheet.type 
_struct_sheet.number_strands 
_struct_sheet.details 
AA ? 7 ? 
AB ? 3 ? 
# 
loop_
_struct_sheet_order.sheet_id 
_struct_sheet_order.range_id_1 
_struct_sheet_order.range_id_2 
_struct_sheet_order.offset 
_struct_sheet_order.sense 
AA 1 2 ? anti-parallel 
AA 2 3 ? anti-parallel 
AA 3 4 ? anti-parallel 
AA 4 5 ? anti-parallel 
AA 5 6 ? anti-parallel 
AA 6 7 ? anti-parallel 
AB 1 2 ? anti-parallel 
AB 2 3 ? anti-parallel 
# 
loop_
_struct_sheet_range.sheet_id 
_struct_sheet_range.id 
_struct_sheet_range.beg_label_comp_id 
_struct_sheet_range.beg_label_asym_id 
_struct_sheet_range.beg_label_seq_id 
_struct_sheet_range.pdbx_beg_PDB_ins_code 
_struct_sheet_range.end_label_comp_id 
_struct_sheet_range.end_label_asym_id 
_struct_sheet_range.end_label_seq_id 
_struct_sheet_range.pdbx_end_PDB_ins_code 
_struct_sheet_range.beg_auth_comp_id 
_struct_sheet_range.beg_auth_asym_id 
_struct_sheet_range.beg_auth_seq_id 
_struct_sheet_range.end_auth_comp_id 
_struct_sheet_range.end_auth_asym_id 
_struct_sheet_range.end_auth_seq_id 
AA 1 HIS A 42  ? LEU A 43  ? HIS A 42  LEU A 43  
AA 2 GLY A 67  ? ARG A 72  ? GLY A 67  ARG A 72  
AA 3 TRP A 92  ? THR A 97  ? TRP A 92  THR A 97  
AA 4 ARG A 16  ? MET A 21  ? ARG A 16  MET A 21  
AA 5 LEU A 8   ? THR A 13  ? LEU A 8   THR A 13  
AA 6 LYS A 2   ? ALA A 5   ? LYS A 2   ALA A 5   
AA 7 GLU A 108 ? ASP A 109 ? GLU A 108 ASP A 109 
AB 1 ILE A 32  ? PHE A 37  ? ILE A 32  PHE A 37  
AB 2 ILE A 48  ? ALA A 54  ? ILE A 48  ALA A 54  
AB 3 VAL A 58  ? LEU A 62  ? VAL A 58  LEU A 62  
# 
loop_
_pdbx_struct_sheet_hbond.sheet_id 
_pdbx_struct_sheet_hbond.range_id_1 
_pdbx_struct_sheet_hbond.range_id_2 
_pdbx_struct_sheet_hbond.range_1_label_atom_id 
_pdbx_struct_sheet_hbond.range_1_label_comp_id 
_pdbx_struct_sheet_hbond.range_1_label_asym_id 
_pdbx_struct_sheet_hbond.range_1_label_seq_id 
_pdbx_struct_sheet_hbond.range_1_PDB_ins_code 
_pdbx_struct_sheet_hbond.range_1_auth_atom_id 
_pdbx_struct_sheet_hbond.range_1_auth_comp_id 
_pdbx_struct_sheet_hbond.range_1_auth_asym_id 
_pdbx_struct_sheet_hbond.range_1_auth_seq_id 
_pdbx_struct_sheet_hbond.range_2_label_atom_id 
_pdbx_struct_sheet_hbond.range_2_label_comp_id 
_pdbx_struct_sheet_hbond.range_2_label_asym_id 
_pdbx_struct_sheet_hbond.range_2_label_seq_id 
_pdbx_struct_sheet_hbond.range_2_PDB_ins_code 
_pdbx_struct_sheet_hbond.range_2_auth_atom_id 
_pdbx_struct_sheet_hbond.range_2_auth_comp_id 
_pdbx_struct_sheet_hbond.range_2_auth_asym_id 
_pdbx_struct_sheet_hbond.range_2_auth_seq_id 
AA 1 2 N LEU A 43 ? N LEU A 43 O GLY A 67  ? O GLY A 67  
AA 2 3 N VAL A 70 ? N VAL A 70 O VAL A 95  ? O VAL A 95  
AA 3 4 N LEU A 96 ? N LEU A 96 O TYR A 17  ? O TYR A 17  
AA 4 5 N SER A 20 ? N SER A 20 O LEU A 9   ? O LEU A 9   
AA 5 6 N ILE A 10 ? N ILE A 10 O LYS A 3   ? O LYS A 3   
AA 6 7 N ILE A 4  ? N ILE A 4  O GLU A 108 ? O GLU A 108 
AB 1 2 N GLU A 36 ? N GLU A 36 O ASN A 51  ? O ASN A 51  
AB 2 3 N LEU A 52 ? N LEU A 52 O MET A 59  ? O MET A 59  
# 
_struct_site.id                   AC1 
_struct_site.pdbx_evidence_code   Software 
_struct_site.pdbx_auth_asym_id    A 
_struct_site.pdbx_auth_comp_id    1PE 
_struct_site.pdbx_auth_seq_id     1113 
_struct_site.pdbx_auth_ins_code   ? 
_struct_site.pdbx_num_residues    3 
_struct_site.details              'BINDING SITE FOR RESIDUE 1PE A 1113' 
# 
loop_
_struct_site_gen.id 
_struct_site_gen.site_id 
_struct_site_gen.pdbx_num_res 
_struct_site_gen.label_comp_id 
_struct_site_gen.label_asym_id 
_struct_site_gen.label_seq_id 
_struct_site_gen.pdbx_auth_ins_code 
_struct_site_gen.auth_comp_id 
_struct_site_gen.auth_asym_id 
_struct_site_gen.auth_seq_id 
_struct_site_gen.label_atom_id 
_struct_site_gen.label_alt_id 
_struct_site_gen.symmetry 
_struct_site_gen.details 
1 AC1 3 GLU A 71 ? GLU A 71   . ? 1_555 ? 
2 AC1 3 ALA A 88 ? ALA A 88   . ? 1_555 ? 
3 AC1 3 HOH C .  ? HOH A 2196 . ? 1_555 ? 
# 
_pdbx_validate_close_contact.id               1 
_pdbx_validate_close_contact.PDB_model_num    1 
_pdbx_validate_close_contact.auth_atom_id_1   OD1 
_pdbx_validate_close_contact.auth_asym_id_1   A 
_pdbx_validate_close_contact.auth_comp_id_1   ASP 
_pdbx_validate_close_contact.auth_seq_id_1    28 
_pdbx_validate_close_contact.PDB_ins_code_1   ? 
_pdbx_validate_close_contact.label_alt_id_1   B 
_pdbx_validate_close_contact.auth_atom_id_2   O 
_pdbx_validate_close_contact.auth_asym_id_2   A 
_pdbx_validate_close_contact.auth_comp_id_2   HOH 
_pdbx_validate_close_contact.auth_seq_id_2    2199 
_pdbx_validate_close_contact.PDB_ins_code_2   ? 
_pdbx_validate_close_contact.label_alt_id_2   ? 
_pdbx_validate_close_contact.dist             2.19 
# 
loop_
_pdbx_validate_rmsd_bond.id 
_pdbx_validate_rmsd_bond.PDB_model_num 
_pdbx_validate_rmsd_bond.auth_atom_id_1 
_pdbx_validate_rmsd_bond.auth_asym_id_1 
_pdbx_validate_rmsd_bond.auth_comp_id_1 
_pdbx_validate_rmsd_bond.auth_seq_id_1 
_pdbx_validate_rmsd_bond.PDB_ins_code_1 
_pdbx_validate_rmsd_bond.label_alt_id_1 
_pdbx_validate_rmsd_bond.auth_atom_id_2 
_pdbx_validate_rmsd_bond.auth_asym_id_2 
_pdbx_validate_rmsd_bond.auth_comp_id_2 
_pdbx_validate_rmsd_bond.auth_seq_id_2 
_pdbx_validate_rmsd_bond.PDB_ins_code_2 
_pdbx_validate_rmsd_bond.label_alt_id_2 
_pdbx_validate_rmsd_bond.bond_value 
_pdbx_validate_rmsd_bond.bond_target_value 
_pdbx_validate_rmsd_bond.bond_deviation 
_pdbx_validate_rmsd_bond.bond_standard_deviation 
_pdbx_validate_rmsd_bond.linker_flag 
1 1 CG A GLU 89 ? ? CD  A GLU 89 ? ? 1.608 1.515 0.093 0.015 N 
2 1 CD A GLU 89 ? ? OE1 A GLU 89 ? ? 1.341 1.252 0.089 0.011 N 
# 
loop_
_pdbx_validate_torsion.id 
_pdbx_validate_torsion.PDB_model_num 
_pdbx_validate_torsion.auth_comp_id 
_pdbx_validate_torsion.auth_asym_id 
_pdbx_validate_torsion.auth_seq_id 
_pdbx_validate_torsion.PDB_ins_code 
_pdbx_validate_torsion.label_alt_id 
_pdbx_validate_torsion.phi 
_pdbx_validate_torsion.psi 
1 1 ASP A 14 ? ? 55.02 -126.51 
2 1 ASP A 14 ? ? 55.44 -126.66 
# 
loop_
_pdbx_struct_special_symmetry.id 
_pdbx_struct_special_symmetry.PDB_model_num 
_pdbx_struct_special_symmetry.auth_asym_id 
_pdbx_struct_special_symmetry.auth_comp_id 
_pdbx_struct_special_symmetry.auth_seq_id 
_pdbx_struct_special_symmetry.PDB_ins_code 
_pdbx_struct_special_symmetry.label_asym_id 
_pdbx_struct_special_symmetry.label_comp_id 
_pdbx_struct_special_symmetry.label_seq_id 
1 1 A HOH 2120 ? C HOH . 
2 1 A HOH 2179 ? C HOH . 
3 1 A HOH 2212 ? C HOH . 
4 1 A HOH 2214 ? C HOH . 
5 1 A HOH 2223 ? C HOH . 
# 
_pdbx_entry_details.entry_id                 5A35 
_pdbx_entry_details.compound_details         ? 
_pdbx_entry_details.source_details           ? 
_pdbx_entry_details.nonpolymer_details       'PENTAETHYLENE GLYCOL (1PE): SYNONYM PEG400' 
_pdbx_entry_details.sequence_details         'C-TERMINAL RESIDUES (GSGHHHHHHH) ARE A CLONED HIS-TAG' 
_pdbx_entry_details.has_ligand_of_interest   ? 
# 
loop_
_pdbx_distant_solvent_atoms.id 
_pdbx_distant_solvent_atoms.PDB_model_num 
_pdbx_distant_solvent_atoms.auth_atom_id 
_pdbx_distant_solvent_atoms.label_alt_id 
_pdbx_distant_solvent_atoms.auth_asym_id 
_pdbx_distant_solvent_atoms.auth_comp_id 
_pdbx_distant_solvent_atoms.auth_seq_id 
_pdbx_distant_solvent_atoms.PDB_ins_code 
_pdbx_distant_solvent_atoms.neighbor_macromolecule_distance 
_pdbx_distant_solvent_atoms.neighbor_ligand_distance 
1 1 O ? A HOH 2096 ? 6.10 . 
2 1 O ? A HOH 2203 ? 6.14 . 
3 1 O ? A HOH 2206 ? 6.80 . 
4 1 O ? A HOH 2240 ? 6.58 . 
# 
loop_
_pdbx_unobs_or_zero_occ_residues.id 
_pdbx_unobs_or_zero_occ_residues.PDB_model_num 
_pdbx_unobs_or_zero_occ_residues.polymer_flag 
_pdbx_unobs_or_zero_occ_residues.occupancy_flag 
_pdbx_unobs_or_zero_occ_residues.auth_asym_id 
_pdbx_unobs_or_zero_occ_residues.auth_comp_id 
_pdbx_unobs_or_zero_occ_residues.auth_seq_id 
_pdbx_unobs_or_zero_occ_residues.PDB_ins_code 
_pdbx_unobs_or_zero_occ_residues.label_asym_id 
_pdbx_unobs_or_zero_occ_residues.label_comp_id 
_pdbx_unobs_or_zero_occ_residues.label_seq_id 
1 1 Y 1 A GLY 113 ? A GLY 113 
2 1 Y 1 A HIS 114 ? A HIS 114 
3 1 Y 1 A HIS 115 ? A HIS 115 
4 1 Y 1 A HIS 116 ? A HIS 116 
5 1 Y 1 A HIS 117 ? A HIS 117 
6 1 Y 1 A HIS 118 ? A HIS 118 
7 1 Y 1 A HIS 119 ? A HIS 119 
8 1 Y 1 A HIS 120 ? A HIS 120 
# 
loop_
_chem_comp_atom.comp_id 
_chem_comp_atom.atom_id 
_chem_comp_atom.type_symbol 
_chem_comp_atom.pdbx_aromatic_flag 
_chem_comp_atom.pdbx_stereo_config 
_chem_comp_atom.pdbx_ordinal 
1PE OH2  O N N 1   
1PE C12  C N N 2   
1PE C22  C N N 3   
1PE OH3  O N N 4   
1PE C13  C N N 5   
1PE C23  C N N 6   
1PE OH4  O N N 7   
1PE C14  C N N 8   
1PE C24  C N N 9   
1PE OH5  O N N 10  
1PE C15  C N N 11  
1PE C25  C N N 12  
1PE OH6  O N N 13  
1PE C16  C N N 14  
1PE C26  C N N 15  
1PE OH7  O N N 16  
1PE HO2  H N N 17  
1PE H121 H N N 18  
1PE H122 H N N 19  
1PE H221 H N N 20  
1PE H222 H N N 21  
1PE H131 H N N 22  
1PE H132 H N N 23  
1PE H231 H N N 24  
1PE H232 H N N 25  
1PE H141 H N N 26  
1PE H142 H N N 27  
1PE H241 H N N 28  
1PE H242 H N N 29  
1PE H151 H N N 30  
1PE H152 H N N 31  
1PE H251 H N N 32  
1PE H252 H N N 33  
1PE H161 H N N 34  
1PE H162 H N N 35  
1PE H261 H N N 36  
1PE H262 H N N 37  
1PE HO7  H N N 38  
ALA N    N N N 39  
ALA CA   C N S 40  
ALA C    C N N 41  
ALA O    O N N 42  
ALA CB   C N N 43  
ALA OXT  O N N 44  
ALA H    H N N 45  
ALA H2   H N N 46  
ALA HA   H N N 47  
ALA HB1  H N N 48  
ALA HB2  H N N 49  
ALA HB3  H N N 50  
ALA HXT  H N N 51  
ARG N    N N N 52  
ARG CA   C N S 53  
ARG C    C N N 54  
ARG O    O N N 55  
ARG CB   C N N 56  
ARG CG   C N N 57  
ARG CD   C N N 58  
ARG NE   N N N 59  
ARG CZ   C N N 60  
ARG NH1  N N N 61  
ARG NH2  N N N 62  
ARG OXT  O N N 63  
ARG H    H N N 64  
ARG H2   H N N 65  
ARG HA   H N N 66  
ARG HB2  H N N 67  
ARG HB3  H N N 68  
ARG HG2  H N N 69  
ARG HG3  H N N 70  
ARG HD2  H N N 71  
ARG HD3  H N N 72  
ARG HE   H N N 73  
ARG HH11 H N N 74  
ARG HH12 H N N 75  
ARG HH21 H N N 76  
ARG HH22 H N N 77  
ARG HXT  H N N 78  
ASN N    N N N 79  
ASN CA   C N S 80  
ASN C    C N N 81  
ASN O    O N N 82  
ASN CB   C N N 83  
ASN CG   C N N 84  
ASN OD1  O N N 85  
ASN ND2  N N N 86  
ASN OXT  O N N 87  
ASN H    H N N 88  
ASN H2   H N N 89  
ASN HA   H N N 90  
ASN HB2  H N N 91  
ASN HB3  H N N 92  
ASN HD21 H N N 93  
ASN HD22 H N N 94  
ASN HXT  H N N 95  
ASP N    N N N 96  
ASP CA   C N S 97  
ASP C    C N N 98  
ASP O    O N N 99  
ASP CB   C N N 100 
ASP CG   C N N 101 
ASP OD1  O N N 102 
ASP OD2  O N N 103 
ASP OXT  O N N 104 
ASP H    H N N 105 
ASP H2   H N N 106 
ASP HA   H N N 107 
ASP HB2  H N N 108 
ASP HB3  H N N 109 
ASP HD2  H N N 110 
ASP HXT  H N N 111 
GLN N    N N N 112 
GLN CA   C N S 113 
GLN C    C N N 114 
GLN O    O N N 115 
GLN CB   C N N 116 
GLN CG   C N N 117 
GLN CD   C N N 118 
GLN OE1  O N N 119 
GLN NE2  N N N 120 
GLN OXT  O N N 121 
GLN H    H N N 122 
GLN H2   H N N 123 
GLN HA   H N N 124 
GLN HB2  H N N 125 
GLN HB3  H N N 126 
GLN HG2  H N N 127 
GLN HG3  H N N 128 
GLN HE21 H N N 129 
GLN HE22 H N N 130 
GLN HXT  H N N 131 
GLU N    N N N 132 
GLU CA   C N S 133 
GLU C    C N N 134 
GLU O    O N N 135 
GLU CB   C N N 136 
GLU CG   C N N 137 
GLU CD   C N N 138 
GLU OE1  O N N 139 
GLU OE2  O N N 140 
GLU OXT  O N N 141 
GLU H    H N N 142 
GLU H2   H N N 143 
GLU HA   H N N 144 
GLU HB2  H N N 145 
GLU HB3  H N N 146 
GLU HG2  H N N 147 
GLU HG3  H N N 148 
GLU HE2  H N N 149 
GLU HXT  H N N 150 
GLY N    N N N 151 
GLY CA   C N N 152 
GLY C    C N N 153 
GLY O    O N N 154 
GLY OXT  O N N 155 
GLY H    H N N 156 
GLY H2   H N N 157 
GLY HA2  H N N 158 
GLY HA3  H N N 159 
GLY HXT  H N N 160 
HIS N    N N N 161 
HIS CA   C N S 162 
HIS C    C N N 163 
HIS O    O N N 164 
HIS CB   C N N 165 
HIS CG   C Y N 166 
HIS ND1  N Y N 167 
HIS CD2  C Y N 168 
HIS CE1  C Y N 169 
HIS NE2  N Y N 170 
HIS OXT  O N N 171 
HIS H    H N N 172 
HIS H2   H N N 173 
HIS HA   H N N 174 
HIS HB2  H N N 175 
HIS HB3  H N N 176 
HIS HD1  H N N 177 
HIS HD2  H N N 178 
HIS HE1  H N N 179 
HIS HE2  H N N 180 
HIS HXT  H N N 181 
HOH O    O N N 182 
HOH H1   H N N 183 
HOH H2   H N N 184 
ILE N    N N N 185 
ILE CA   C N S 186 
ILE C    C N N 187 
ILE O    O N N 188 
ILE CB   C N S 189 
ILE CG1  C N N 190 
ILE CG2  C N N 191 
ILE CD1  C N N 192 
ILE OXT  O N N 193 
ILE H    H N N 194 
ILE H2   H N N 195 
ILE HA   H N N 196 
ILE HB   H N N 197 
ILE HG12 H N N 198 
ILE HG13 H N N 199 
ILE HG21 H N N 200 
ILE HG22 H N N 201 
ILE HG23 H N N 202 
ILE HD11 H N N 203 
ILE HD12 H N N 204 
ILE HD13 H N N 205 
ILE HXT  H N N 206 
LEU N    N N N 207 
LEU CA   C N S 208 
LEU C    C N N 209 
LEU O    O N N 210 
LEU CB   C N N 211 
LEU CG   C N N 212 
LEU CD1  C N N 213 
LEU CD2  C N N 214 
LEU OXT  O N N 215 
LEU H    H N N 216 
LEU H2   H N N 217 
LEU HA   H N N 218 
LEU HB2  H N N 219 
LEU HB3  H N N 220 
LEU HG   H N N 221 
LEU HD11 H N N 222 
LEU HD12 H N N 223 
LEU HD13 H N N 224 
LEU HD21 H N N 225 
LEU HD22 H N N 226 
LEU HD23 H N N 227 
LEU HXT  H N N 228 
LYS N    N N N 229 
LYS CA   C N S 230 
LYS C    C N N 231 
LYS O    O N N 232 
LYS CB   C N N 233 
LYS CG   C N N 234 
LYS CD   C N N 235 
LYS CE   C N N 236 
LYS NZ   N N N 237 
LYS OXT  O N N 238 
LYS H    H N N 239 
LYS H2   H N N 240 
LYS HA   H N N 241 
LYS HB2  H N N 242 
LYS HB3  H N N 243 
LYS HG2  H N N 244 
LYS HG3  H N N 245 
LYS HD2  H N N 246 
LYS HD3  H N N 247 
LYS HE2  H N N 248 
LYS HE3  H N N 249 
LYS HZ1  H N N 250 
LYS HZ2  H N N 251 
LYS HZ3  H N N 252 
LYS HXT  H N N 253 
MET N    N N N 254 
MET CA   C N S 255 
MET C    C N N 256 
MET O    O N N 257 
MET CB   C N N 258 
MET CG   C N N 259 
MET SD   S N N 260 
MET CE   C N N 261 
MET OXT  O N N 262 
MET H    H N N 263 
MET H2   H N N 264 
MET HA   H N N 265 
MET HB2  H N N 266 
MET HB3  H N N 267 
MET HG2  H N N 268 
MET HG3  H N N 269 
MET HE1  H N N 270 
MET HE2  H N N 271 
MET HE3  H N N 272 
MET HXT  H N N 273 
PHE N    N N N 274 
PHE CA   C N S 275 
PHE C    C N N 276 
PHE O    O N N 277 
PHE CB   C N N 278 
PHE CG   C Y N 279 
PHE CD1  C Y N 280 
PHE CD2  C Y N 281 
PHE CE1  C Y N 282 
PHE CE2  C Y N 283 
PHE CZ   C Y N 284 
PHE OXT  O N N 285 
PHE H    H N N 286 
PHE H2   H N N 287 
PHE HA   H N N 288 
PHE HB2  H N N 289 
PHE HB3  H N N 290 
PHE HD1  H N N 291 
PHE HD2  H N N 292 
PHE HE1  H N N 293 
PHE HE2  H N N 294 
PHE HZ   H N N 295 
PHE HXT  H N N 296 
PRO N    N N N 297 
PRO CA   C N S 298 
PRO C    C N N 299 
PRO O    O N N 300 
PRO CB   C N N 301 
PRO CG   C N N 302 
PRO CD   C N N 303 
PRO OXT  O N N 304 
PRO H    H N N 305 
PRO HA   H N N 306 
PRO HB2  H N N 307 
PRO HB3  H N N 308 
PRO HG2  H N N 309 
PRO HG3  H N N 310 
PRO HD2  H N N 311 
PRO HD3  H N N 312 
PRO HXT  H N N 313 
SER N    N N N 314 
SER CA   C N S 315 
SER C    C N N 316 
SER O    O N N 317 
SER CB   C N N 318 
SER OG   O N N 319 
SER OXT  O N N 320 
SER H    H N N 321 
SER H2   H N N 322 
SER HA   H N N 323 
SER HB2  H N N 324 
SER HB3  H N N 325 
SER HG   H N N 326 
SER HXT  H N N 327 
THR N    N N N 328 
THR CA   C N S 329 
THR C    C N N 330 
THR O    O N N 331 
THR CB   C N R 332 
THR OG1  O N N 333 
THR CG2  C N N 334 
THR OXT  O N N 335 
THR H    H N N 336 
THR H2   H N N 337 
THR HA   H N N 338 
THR HB   H N N 339 
THR HG1  H N N 340 
THR HG21 H N N 341 
THR HG22 H N N 342 
THR HG23 H N N 343 
THR HXT  H N N 344 
TRP N    N N N 345 
TRP CA   C N S 346 
TRP C    C N N 347 
TRP O    O N N 348 
TRP CB   C N N 349 
TRP CG   C Y N 350 
TRP CD1  C Y N 351 
TRP CD2  C Y N 352 
TRP NE1  N Y N 353 
TRP CE2  C Y N 354 
TRP CE3  C Y N 355 
TRP CZ2  C Y N 356 
TRP CZ3  C Y N 357 
TRP CH2  C Y N 358 
TRP OXT  O N N 359 
TRP H    H N N 360 
TRP H2   H N N 361 
TRP HA   H N N 362 
TRP HB2  H N N 363 
TRP HB3  H N N 364 
TRP HD1  H N N 365 
TRP HE1  H N N 366 
TRP HE3  H N N 367 
TRP HZ2  H N N 368 
TRP HZ3  H N N 369 
TRP HH2  H N N 370 
TRP HXT  H N N 371 
TYR N    N N N 372 
TYR CA   C N S 373 
TYR C    C N N 374 
TYR O    O N N 375 
TYR CB   C N N 376 
TYR CG   C Y N 377 
TYR CD1  C Y N 378 
TYR CD2  C Y N 379 
TYR CE1  C Y N 380 
TYR CE2  C Y N 381 
TYR CZ   C Y N 382 
TYR OH   O N N 383 
TYR OXT  O N N 384 
TYR H    H N N 385 
TYR H2   H N N 386 
TYR HA   H N N 387 
TYR HB2  H N N 388 
TYR HB3  H N N 389 
TYR HD1  H N N 390 
TYR HD2  H N N 391 
TYR HE1  H N N 392 
TYR HE2  H N N 393 
TYR HH   H N N 394 
TYR HXT  H N N 395 
VAL N    N N N 396 
VAL CA   C N S 397 
VAL C    C N N 398 
VAL O    O N N 399 
VAL CB   C N N 400 
VAL CG1  C N N 401 
VAL CG2  C N N 402 
VAL OXT  O N N 403 
VAL H    H N N 404 
VAL H2   H N N 405 
VAL HA   H N N 406 
VAL HB   H N N 407 
VAL HG11 H N N 408 
VAL HG12 H N N 409 
VAL HG13 H N N 410 
VAL HG21 H N N 411 
VAL HG22 H N N 412 
VAL HG23 H N N 413 
VAL HXT  H N N 414 
# 
loop_
_chem_comp_bond.comp_id 
_chem_comp_bond.atom_id_1 
_chem_comp_bond.atom_id_2 
_chem_comp_bond.value_order 
_chem_comp_bond.pdbx_aromatic_flag 
_chem_comp_bond.pdbx_stereo_config 
_chem_comp_bond.pdbx_ordinal 
1PE OH2 C12  sing N N 1   
1PE OH2 HO2  sing N N 2   
1PE C12 C22  sing N N 3   
1PE C12 H121 sing N N 4   
1PE C12 H122 sing N N 5   
1PE C22 OH3  sing N N 6   
1PE C22 H221 sing N N 7   
1PE C22 H222 sing N N 8   
1PE OH3 C23  sing N N 9   
1PE C13 C23  sing N N 10  
1PE C13 OH4  sing N N 11  
1PE C13 H131 sing N N 12  
1PE C13 H132 sing N N 13  
1PE C23 H231 sing N N 14  
1PE C23 H232 sing N N 15  
1PE OH4 C24  sing N N 16  
1PE C14 C24  sing N N 17  
1PE C14 OH5  sing N N 18  
1PE C14 H141 sing N N 19  
1PE C14 H142 sing N N 20  
1PE C24 H241 sing N N 21  
1PE C24 H242 sing N N 22  
1PE OH5 C25  sing N N 23  
1PE C15 C25  sing N N 24  
1PE C15 OH6  sing N N 25  
1PE C15 H151 sing N N 26  
1PE C15 H152 sing N N 27  
1PE C25 H251 sing N N 28  
1PE C25 H252 sing N N 29  
1PE OH6 C26  sing N N 30  
1PE C16 C26  sing N N 31  
1PE C16 OH7  sing N N 32  
1PE C16 H161 sing N N 33  
1PE C16 H162 sing N N 34  
1PE C26 H261 sing N N 35  
1PE C26 H262 sing N N 36  
1PE OH7 HO7  sing N N 37  
ALA N   CA   sing N N 38  
ALA N   H    sing N N 39  
ALA N   H2   sing N N 40  
ALA CA  C    sing N N 41  
ALA CA  CB   sing N N 42  
ALA CA  HA   sing N N 43  
ALA C   O    doub N N 44  
ALA C   OXT  sing N N 45  
ALA CB  HB1  sing N N 46  
ALA CB  HB2  sing N N 47  
ALA CB  HB3  sing N N 48  
ALA OXT HXT  sing N N 49  
ARG N   CA   sing N N 50  
ARG N   H    sing N N 51  
ARG N   H2   sing N N 52  
ARG CA  C    sing N N 53  
ARG CA  CB   sing N N 54  
ARG CA  HA   sing N N 55  
ARG C   O    doub N N 56  
ARG C   OXT  sing N N 57  
ARG CB  CG   sing N N 58  
ARG CB  HB2  sing N N 59  
ARG CB  HB3  sing N N 60  
ARG CG  CD   sing N N 61  
ARG CG  HG2  sing N N 62  
ARG CG  HG3  sing N N 63  
ARG CD  NE   sing N N 64  
ARG CD  HD2  sing N N 65  
ARG CD  HD3  sing N N 66  
ARG NE  CZ   sing N N 67  
ARG NE  HE   sing N N 68  
ARG CZ  NH1  sing N N 69  
ARG CZ  NH2  doub N N 70  
ARG NH1 HH11 sing N N 71  
ARG NH1 HH12 sing N N 72  
ARG NH2 HH21 sing N N 73  
ARG NH2 HH22 sing N N 74  
ARG OXT HXT  sing N N 75  
ASN N   CA   sing N N 76  
ASN N   H    sing N N 77  
ASN N   H2   sing N N 78  
ASN CA  C    sing N N 79  
ASN CA  CB   sing N N 80  
ASN CA  HA   sing N N 81  
ASN C   O    doub N N 82  
ASN C   OXT  sing N N 83  
ASN CB  CG   sing N N 84  
ASN CB  HB2  sing N N 85  
ASN CB  HB3  sing N N 86  
ASN CG  OD1  doub N N 87  
ASN CG  ND2  sing N N 88  
ASN ND2 HD21 sing N N 89  
ASN ND2 HD22 sing N N 90  
ASN OXT HXT  sing N N 91  
ASP N   CA   sing N N 92  
ASP N   H    sing N N 93  
ASP N   H2   sing N N 94  
ASP CA  C    sing N N 95  
ASP CA  CB   sing N N 96  
ASP CA  HA   sing N N 97  
ASP C   O    doub N N 98  
ASP C   OXT  sing N N 99  
ASP CB  CG   sing N N 100 
ASP CB  HB2  sing N N 101 
ASP CB  HB3  sing N N 102 
ASP CG  OD1  doub N N 103 
ASP CG  OD2  sing N N 104 
ASP OD2 HD2  sing N N 105 
ASP OXT HXT  sing N N 106 
GLN N   CA   sing N N 107 
GLN N   H    sing N N 108 
GLN N   H2   sing N N 109 
GLN CA  C    sing N N 110 
GLN CA  CB   sing N N 111 
GLN CA  HA   sing N N 112 
GLN C   O    doub N N 113 
GLN C   OXT  sing N N 114 
GLN CB  CG   sing N N 115 
GLN CB  HB2  sing N N 116 
GLN CB  HB3  sing N N 117 
GLN CG  CD   sing N N 118 
GLN CG  HG2  sing N N 119 
GLN CG  HG3  sing N N 120 
GLN CD  OE1  doub N N 121 
GLN CD  NE2  sing N N 122 
GLN NE2 HE21 sing N N 123 
GLN NE2 HE22 sing N N 124 
GLN OXT HXT  sing N N 125 
GLU N   CA   sing N N 126 
GLU N   H    sing N N 127 
GLU N   H2   sing N N 128 
GLU CA  C    sing N N 129 
GLU CA  CB   sing N N 130 
GLU CA  HA   sing N N 131 
GLU C   O    doub N N 132 
GLU C   OXT  sing N N 133 
GLU CB  CG   sing N N 134 
GLU CB  HB2  sing N N 135 
GLU CB  HB3  sing N N 136 
GLU CG  CD   sing N N 137 
GLU CG  HG2  sing N N 138 
GLU CG  HG3  sing N N 139 
GLU CD  OE1  doub N N 140 
GLU CD  OE2  sing N N 141 
GLU OE2 HE2  sing N N 142 
GLU OXT HXT  sing N N 143 
GLY N   CA   sing N N 144 
GLY N   H    sing N N 145 
GLY N   H2   sing N N 146 
GLY CA  C    sing N N 147 
GLY CA  HA2  sing N N 148 
GLY CA  HA3  sing N N 149 
GLY C   O    doub N N 150 
GLY C   OXT  sing N N 151 
GLY OXT HXT  sing N N 152 
HIS N   CA   sing N N 153 
HIS N   H    sing N N 154 
HIS N   H2   sing N N 155 
HIS CA  C    sing N N 156 
HIS CA  CB   sing N N 157 
HIS CA  HA   sing N N 158 
HIS C   O    doub N N 159 
HIS C   OXT  sing N N 160 
HIS CB  CG   sing N N 161 
HIS CB  HB2  sing N N 162 
HIS CB  HB3  sing N N 163 
HIS CG  ND1  sing Y N 164 
HIS CG  CD2  doub Y N 165 
HIS ND1 CE1  doub Y N 166 
HIS ND1 HD1  sing N N 167 
HIS CD2 NE2  sing Y N 168 
HIS CD2 HD2  sing N N 169 
HIS CE1 NE2  sing Y N 170 
HIS CE1 HE1  sing N N 171 
HIS NE2 HE2  sing N N 172 
HIS OXT HXT  sing N N 173 
HOH O   H1   sing N N 174 
HOH O   H2   sing N N 175 
ILE N   CA   sing N N 176 
ILE N   H    sing N N 177 
ILE N   H2   sing N N 178 
ILE CA  C    sing N N 179 
ILE CA  CB   sing N N 180 
ILE CA  HA   sing N N 181 
ILE C   O    doub N N 182 
ILE C   OXT  sing N N 183 
ILE CB  CG1  sing N N 184 
ILE CB  CG2  sing N N 185 
ILE CB  HB   sing N N 186 
ILE CG1 CD1  sing N N 187 
ILE CG1 HG12 sing N N 188 
ILE CG1 HG13 sing N N 189 
ILE CG2 HG21 sing N N 190 
ILE CG2 HG22 sing N N 191 
ILE CG2 HG23 sing N N 192 
ILE CD1 HD11 sing N N 193 
ILE CD1 HD12 sing N N 194 
ILE CD1 HD13 sing N N 195 
ILE OXT HXT  sing N N 196 
LEU N   CA   sing N N 197 
LEU N   H    sing N N 198 
LEU N   H2   sing N N 199 
LEU CA  C    sing N N 200 
LEU CA  CB   sing N N 201 
LEU CA  HA   sing N N 202 
LEU C   O    doub N N 203 
LEU C   OXT  sing N N 204 
LEU CB  CG   sing N N 205 
LEU CB  HB2  sing N N 206 
LEU CB  HB3  sing N N 207 
LEU CG  CD1  sing N N 208 
LEU CG  CD2  sing N N 209 
LEU CG  HG   sing N N 210 
LEU CD1 HD11 sing N N 211 
LEU CD1 HD12 sing N N 212 
LEU CD1 HD13 sing N N 213 
LEU CD2 HD21 sing N N 214 
LEU CD2 HD22 sing N N 215 
LEU CD2 HD23 sing N N 216 
LEU OXT HXT  sing N N 217 
LYS N   CA   sing N N 218 
LYS N   H    sing N N 219 
LYS N   H2   sing N N 220 
LYS CA  C    sing N N 221 
LYS CA  CB   sing N N 222 
LYS CA  HA   sing N N 223 
LYS C   O    doub N N 224 
LYS C   OXT  sing N N 225 
LYS CB  CG   sing N N 226 
LYS CB  HB2  sing N N 227 
LYS CB  HB3  sing N N 228 
LYS CG  CD   sing N N 229 
LYS CG  HG2  sing N N 230 
LYS CG  HG3  sing N N 231 
LYS CD  CE   sing N N 232 
LYS CD  HD2  sing N N 233 
LYS CD  HD3  sing N N 234 
LYS CE  NZ   sing N N 235 
LYS CE  HE2  sing N N 236 
LYS CE  HE3  sing N N 237 
LYS NZ  HZ1  sing N N 238 
LYS NZ  HZ2  sing N N 239 
LYS NZ  HZ3  sing N N 240 
LYS OXT HXT  sing N N 241 
MET N   CA   sing N N 242 
MET N   H    sing N N 243 
MET N   H2   sing N N 244 
MET CA  C    sing N N 245 
MET CA  CB   sing N N 246 
MET CA  HA   sing N N 247 
MET C   O    doub N N 248 
MET C   OXT  sing N N 249 
MET CB  CG   sing N N 250 
MET CB  HB2  sing N N 251 
MET CB  HB3  sing N N 252 
MET CG  SD   sing N N 253 
MET CG  HG2  sing N N 254 
MET CG  HG3  sing N N 255 
MET SD  CE   sing N N 256 
MET CE  HE1  sing N N 257 
MET CE  HE2  sing N N 258 
MET CE  HE3  sing N N 259 
MET OXT HXT  sing N N 260 
PHE N   CA   sing N N 261 
PHE N   H    sing N N 262 
PHE N   H2   sing N N 263 
PHE CA  C    sing N N 264 
PHE CA  CB   sing N N 265 
PHE CA  HA   sing N N 266 
PHE C   O    doub N N 267 
PHE C   OXT  sing N N 268 
PHE CB  CG   sing N N 269 
PHE CB  HB2  sing N N 270 
PHE CB  HB3  sing N N 271 
PHE CG  CD1  doub Y N 272 
PHE CG  CD2  sing Y N 273 
PHE CD1 CE1  sing Y N 274 
PHE CD1 HD1  sing N N 275 
PHE CD2 CE2  doub Y N 276 
PHE CD2 HD2  sing N N 277 
PHE CE1 CZ   doub Y N 278 
PHE CE1 HE1  sing N N 279 
PHE CE2 CZ   sing Y N 280 
PHE CE2 HE2  sing N N 281 
PHE CZ  HZ   sing N N 282 
PHE OXT HXT  sing N N 283 
PRO N   CA   sing N N 284 
PRO N   CD   sing N N 285 
PRO N   H    sing N N 286 
PRO CA  C    sing N N 287 
PRO CA  CB   sing N N 288 
PRO CA  HA   sing N N 289 
PRO C   O    doub N N 290 
PRO C   OXT  sing N N 291 
PRO CB  CG   sing N N 292 
PRO CB  HB2  sing N N 293 
PRO CB  HB3  sing N N 294 
PRO CG  CD   sing N N 295 
PRO CG  HG2  sing N N 296 
PRO CG  HG3  sing N N 297 
PRO CD  HD2  sing N N 298 
PRO CD  HD3  sing N N 299 
PRO OXT HXT  sing N N 300 
SER N   CA   sing N N 301 
SER N   H    sing N N 302 
SER N   H2   sing N N 303 
SER CA  C    sing N N 304 
SER CA  CB   sing N N 305 
SER CA  HA   sing N N 306 
SER C   O    doub N N 307 
SER C   OXT  sing N N 308 
SER CB  OG   sing N N 309 
SER CB  HB2  sing N N 310 
SER CB  HB3  sing N N 311 
SER OG  HG   sing N N 312 
SER OXT HXT  sing N N 313 
THR N   CA   sing N N 314 
THR N   H    sing N N 315 
THR N   H2   sing N N 316 
THR CA  C    sing N N 317 
THR CA  CB   sing N N 318 
THR CA  HA   sing N N 319 
THR C   O    doub N N 320 
THR C   OXT  sing N N 321 
THR CB  OG1  sing N N 322 
THR CB  CG2  sing N N 323 
THR CB  HB   sing N N 324 
THR OG1 HG1  sing N N 325 
THR CG2 HG21 sing N N 326 
THR CG2 HG22 sing N N 327 
THR CG2 HG23 sing N N 328 
THR OXT HXT  sing N N 329 
TRP N   CA   sing N N 330 
TRP N   H    sing N N 331 
TRP N   H2   sing N N 332 
TRP CA  C    sing N N 333 
TRP CA  CB   sing N N 334 
TRP CA  HA   sing N N 335 
TRP C   O    doub N N 336 
TRP C   OXT  sing N N 337 
TRP CB  CG   sing N N 338 
TRP CB  HB2  sing N N 339 
TRP CB  HB3  sing N N 340 
TRP CG  CD1  doub Y N 341 
TRP CG  CD2  sing Y N 342 
TRP CD1 NE1  sing Y N 343 
TRP CD1 HD1  sing N N 344 
TRP CD2 CE2  doub Y N 345 
TRP CD2 CE3  sing Y N 346 
TRP NE1 CE2  sing Y N 347 
TRP NE1 HE1  sing N N 348 
TRP CE2 CZ2  sing Y N 349 
TRP CE3 CZ3  doub Y N 350 
TRP CE3 HE3  sing N N 351 
TRP CZ2 CH2  doub Y N 352 
TRP CZ2 HZ2  sing N N 353 
TRP CZ3 CH2  sing Y N 354 
TRP CZ3 HZ3  sing N N 355 
TRP CH2 HH2  sing N N 356 
TRP OXT HXT  sing N N 357 
TYR N   CA   sing N N 358 
TYR N   H    sing N N 359 
TYR N   H2   sing N N 360 
TYR CA  C    sing N N 361 
TYR CA  CB   sing N N 362 
TYR CA  HA   sing N N 363 
TYR C   O    doub N N 364 
TYR C   OXT  sing N N 365 
TYR CB  CG   sing N N 366 
TYR CB  HB2  sing N N 367 
TYR CB  HB3  sing N N 368 
TYR CG  CD1  doub Y N 369 
TYR CG  CD2  sing Y N 370 
TYR CD1 CE1  sing Y N 371 
TYR CD1 HD1  sing N N 372 
TYR CD2 CE2  doub Y N 373 
TYR CD2 HD2  sing N N 374 
TYR CE1 CZ   doub Y N 375 
TYR CE1 HE1  sing N N 376 
TYR CE2 CZ   sing Y N 377 
TYR CE2 HE2  sing N N 378 
TYR CZ  OH   sing N N 379 
TYR OH  HH   sing N N 380 
TYR OXT HXT  sing N N 381 
VAL N   CA   sing N N 382 
VAL N   H    sing N N 383 
VAL N   H2   sing N N 384 
VAL CA  C    sing N N 385 
VAL CA  CB   sing N N 386 
VAL CA  HA   sing N N 387 
VAL C   O    doub N N 388 
VAL C   OXT  sing N N 389 
VAL CB  CG1  sing N N 390 
VAL CB  CG2  sing N N 391 
VAL CB  HB   sing N N 392 
VAL CG1 HG11 sing N N 393 
VAL CG1 HG12 sing N N 394 
VAL CG1 HG13 sing N N 395 
VAL CG2 HG21 sing N N 396 
VAL CG2 HG22 sing N N 397 
VAL CG2 HG23 sing N N 398 
VAL OXT HXT  sing N N 399 
# 
_pdbx_initial_refinement_model.id               1 
_pdbx_initial_refinement_model.entity_id_list   ? 
_pdbx_initial_refinement_model.type             'experimental model' 
_pdbx_initial_refinement_model.source_name      PDB 
_pdbx_initial_refinement_model.accession_code   1ONL 
_pdbx_initial_refinement_model.details          'PDB ENTRY 1ONL' 
# 
_atom_sites.entry_id                    5A35 
_atom_sites.fract_transf_matrix[1][1]   0.00915758 
_atom_sites.fract_transf_matrix[1][2]   -0.00604791 
_atom_sites.fract_transf_matrix[1][3]   0.01427717 
_atom_sites.fract_transf_matrix[2][1]   0.01575458 
_atom_sites.fract_transf_matrix[2][2]   -0.00841069 
_atom_sites.fract_transf_matrix[2][3]   -0.00231117 
_atom_sites.fract_transf_matrix[3][1]   0.00653550 
_atom_sites.fract_transf_matrix[3][2]   0.01199742 
_atom_sites.fract_transf_matrix[3][3]   0.00089023 
_atom_sites.fract_transf_vector[1]      -0.454840 
_atom_sites.fract_transf_vector[2]      -0.145182 
_atom_sites.fract_transf_vector[3]      -0.004713 
# 
loop_
_atom_type.symbol 
C 
N 
O 
S 
# 
loop_
_atom_site.group_PDB 
_atom_site.id 
_atom_site.type_symbol 
_atom_site.label_atom_id 
_atom_site.label_alt_id 
_atom_site.label_comp_id 
_atom_site.label_asym_id 
_atom_site.label_entity_id 
_atom_site.label_seq_id 
_atom_site.pdbx_PDB_ins_code 
_atom_site.Cartn_x 
_atom_site.Cartn_y 
_atom_site.Cartn_z 
_atom_site.occupancy 
_atom_site.B_iso_or_equiv 
_atom_site.pdbx_formal_charge 
_atom_site.auth_seq_id 
_atom_site.auth_comp_id 
_atom_site.auth_asym_id 
_atom_site.auth_atom_id 
_atom_site.pdbx_PDB_model_num 
ATOM   1    N N   . MET A 1 1   ? -2.475  13.118  -8.468  1.00 22.48 ? 1    MET A N   1 
ATOM   2    C CA  . MET A 1 1   ? -2.418  12.188  -9.582  1.00 19.25 ? 1    MET A CA  1 
ATOM   3    C C   . MET A 1 1   ? -2.408  10.772  -9.031  1.00 18.74 ? 1    MET A C   1 
ATOM   4    O O   . MET A 1 1   ? -1.657  10.493  -8.066  1.00 19.11 ? 1    MET A O   1 
ATOM   5    C CB  . MET A 1 1   ? -1.130  12.405  -10.397 1.00 21.54 ? 1    MET A CB  1 
ATOM   6    C CG  . MET A 1 1   ? -0.966  11.406  -11.530 1.00 20.06 ? 1    MET A CG  1 
ATOM   7    S SD  . MET A 1 1   ? -2.309  11.534  -12.778 1.00 24.30 ? 1    MET A SD  1 
ATOM   8    C CE  . MET A 1 1   ? -1.811  10.130  -13.847 1.00 23.56 ? 1    MET A CE  1 
ATOM   9    N N   . LYS A 1 2   ? -3.165  9.858   -9.606  1.00 17.79 ? 2    LYS A N   1 
ATOM   10   C CA  . LYS A 1 2   ? -3.315  8.469   -9.106  1.00 17.13 ? 2    LYS A CA  1 
ATOM   11   C C   . LYS A 1 2   ? -2.821  7.439   -10.122 1.00 17.85 ? 2    LYS A C   1 
ATOM   12   O O   . LYS A 1 2   ? -3.147  7.517   -11.359 1.00 19.39 ? 2    LYS A O   1 
ATOM   13   C CB  . LYS A 1 2   ? -4.765  8.182   -8.777  1.00 18.78 ? 2    LYS A CB  1 
ATOM   14   C CG  . LYS A 1 2   ? -5.290  8.962   -7.589  1.00 20.08 ? 2    LYS A CG  1 
ATOM   15   C CD  . LYS A 1 2   ? -6.768  8.710   -7.377  1.00 24.62 ? 2    LYS A CD  1 
ATOM   16   C CE  . LYS A 1 2   ? -7.288  9.532   -6.212  1.00 29.49 ? 2    LYS A CE  1 
ATOM   17   N NZ  . LYS A 1 2   ? -8.763  9.369   -5.995  1.00 35.01 ? 2    LYS A NZ  1 
ATOM   18   N N   . LYS A 1 3   ? -2.025  6.496   -9.644  1.00 15.70 ? 3    LYS A N   1 
ATOM   19   C CA  . LYS A 1 3   ? -1.510  5.363   -10.395 1.00 15.46 ? 3    LYS A CA  1 
ATOM   20   C C   . LYS A 1 3   ? -1.914  4.052   -9.745  1.00 16.15 ? 3    LYS A C   1 
ATOM   21   O O   . LYS A 1 3   ? -2.226  4.041   -8.526  1.00 16.53 ? 3    LYS A O   1 
ATOM   22   C CB  . LYS A 1 3   ? 0.042   5.428   -10.454 1.00 15.61 ? 3    LYS A CB  1 
ATOM   23   C CG  . LYS A 1 3   ? 0.615   6.656   -11.111 1.00 15.68 ? 3    LYS A CG  1 
ATOM   24   C CD  . LYS A 1 3   ? 0.314   6.660   -12.653 1.00 16.13 ? 3    LYS A CD  1 
ATOM   25   C CE  . LYS A 1 3   ? 1.095   7.693   -13.357 1.00 16.07 ? 3    LYS A CE  1 
ATOM   26   N NZ  . LYS A 1 3   ? 0.988   7.500   -14.884 1.00 16.89 ? 3    LYS A NZ  1 
ATOM   27   N N   . ILE A 1 4   ? -1.759  2.931   -10.461 1.00 17.05 ? 4    ILE A N   1 
ATOM   28   C CA  A ILE A 1 4   ? -1.935  1.609   -9.883  0.70 18.55 ? 4    ILE A CA  1 
ATOM   29   C CA  B ILE A 1 4   ? -1.946  1.621   -9.875  0.30 17.73 ? 4    ILE A CA  1 
ATOM   30   C C   . ILE A 1 4   ? -0.763  0.736   -10.237 1.00 18.20 ? 4    ILE A C   1 
ATOM   31   O O   . ILE A 1 4   ? -0.290  0.766   -11.366 1.00 21.01 ? 4    ILE A O   1 
ATOM   32   C CB  A ILE A 1 4   ? -3.307  0.965   -10.275 0.70 21.26 ? 4    ILE A CB  1 
ATOM   33   C CB  B ILE A 1 4   ? -3.308  1.012   -10.310 0.30 18.18 ? 4    ILE A CB  1 
ATOM   34   C CG1 A ILE A 1 4   ? -4.470  1.779   -9.610  0.70 23.31 ? 4    ILE A CG1 1 
ATOM   35   C CG1 B ILE A 1 4   ? -3.605  -0.310  -9.586  0.30 19.85 ? 4    ILE A CG1 1 
ATOM   36   C CG2 A ILE A 1 4   ? -3.368  -0.525  -9.859  0.70 22.55 ? 4    ILE A CG2 1 
ATOM   37   C CG2 B ILE A 1 4   ? -3.384  0.848   -11.809 0.30 16.97 ? 4    ILE A CG2 1 
ATOM   38   C CD1 A ILE A 1 4   ? -5.849  1.139   -9.616  0.70 31.40 ? 4    ILE A CD1 1 
ATOM   39   C CD1 B ILE A 1 4   ? -5.023  -0.802  -9.793  0.30 21.76 ? 4    ILE A CD1 1 
ATOM   40   N N   . ALA A 1 5   ? -0.207  0.031   -9.257  1.00 17.76 ? 5    ALA A N   1 
ATOM   41   C CA  . ALA A 1 5   ? 0.909   -0.874  -9.480  1.00 18.09 ? 5    ALA A CA  1 
ATOM   42   C C   . ALA A 1 5   ? 0.899   -1.903  -8.358  1.00 19.97 ? 5    ALA A C   1 
ATOM   43   O O   . ALA A 1 5   ? 0.621   -1.581  -7.203  1.00 19.71 ? 5    ALA A O   1 
ATOM   44   C CB  . ALA A 1 5   ? 2.230   -0.108  -9.501  1.00 20.77 ? 5    ALA A CB  1 
ATOM   45   N N   . ASN A 1 6   ? 1.210   -3.130  -8.712  1.00 21.94 ? 6    ASN A N   1 
ATOM   46   C CA  . ASN A 1 6   ? 1.121   -4.256  -7.748  1.00 21.86 ? 6    ASN A CA  1 
ATOM   47   C C   . ASN A 1 6   ? -0.309  -4.315  -7.090  1.00 19.58 ? 6    ASN A C   1 
ATOM   48   O O   . ASN A 1 6   ? -0.437  -4.715  -5.900  1.00 22.70 ? 6    ASN A O   1 
ATOM   49   C CB  . ASN A 1 6   ? 2.229   -4.137  -6.671  1.00 22.60 ? 6    ASN A CB  1 
ATOM   50   C CG  . ASN A 1 6   ? 3.630   -4.209  -7.229  1.00 24.38 ? 6    ASN A CG  1 
ATOM   51   O OD1 . ASN A 1 6   ? 3.813   -4.556  -8.417  1.00 26.36 ? 6    ASN A OD1 1 
ATOM   52   N ND2 . ASN A 1 6   ? 4.647   -3.915  -6.390  1.00 23.55 ? 6    ASN A ND2 1 
ATOM   53   N N   . TYR A 1 7   ? -1.360  -3.928  -7.825  1.00 19.19 ? 7    TYR A N   1 
ATOM   54   C CA  . TYR A 1 7   ? -2.757  -3.896  -7.284  1.00 20.73 ? 7    TYR A CA  1 
ATOM   55   C C   . TYR A 1 7   ? -2.892  -2.950  -6.082  1.00 17.77 ? 7    TYR A C   1 
ATOM   56   O O   . TYR A 1 7   ? -3.802  -3.071  -5.303  1.00 17.45 ? 7    TYR A O   1 
ATOM   57   C CB  . TYR A 1 7   ? -3.279  -5.310  -6.942  1.00 22.36 ? 7    TYR A CB  1 
ATOM   58   C CG  . TYR A 1 7   ? -3.136  -6.302  -8.063  1.00 27.14 ? 7    TYR A CG  1 
ATOM   59   C CD1 . TYR A 1 7   ? -4.046  -6.325  -9.076  1.00 30.87 ? 7    TYR A CD1 1 
ATOM   60   C CD2 . TYR A 1 7   ? -2.081  -7.138  -8.102  1.00 28.27 ? 7    TYR A CD2 1 
ATOM   61   C CE1 . TYR A 1 7   ? -3.936  -7.250  -10.124 1.00 36.00 ? 7    TYR A CE1 1 
ATOM   62   C CE2 . TYR A 1 7   ? -1.935  -8.070  -9.148  1.00 33.47 ? 7    TYR A CE2 1 
ATOM   63   C CZ  . TYR A 1 7   ? -2.864  -8.104  -10.143 1.00 40.44 ? 7    TYR A CZ  1 
ATOM   64   O OH  . TYR A 1 7   ? -2.710  -9.026  -11.194 1.00 50.40 ? 7    TYR A OH  1 
ATOM   65   N N   . LEU A 1 8   ? -1.970  -1.959  -6.021  1.00 16.03 ? 8    LEU A N   1 
ATOM   66   C CA  . LEU A 1 8   ? -1.980  -0.902  -5.032  1.00 16.81 ? 8    LEU A CA  1 
ATOM   67   C C   . LEU A 1 8   ? -2.319  0.428   -5.694  1.00 16.35 ? 8    LEU A C   1 
ATOM   68   O O   . LEU A 1 8   ? -1.852  0.686   -6.815  1.00 17.61 ? 8    LEU A O   1 
ATOM   69   C CB  . LEU A 1 8   ? -0.622  -0.768  -4.313  1.00 17.71 ? 8    LEU A CB  1 
ATOM   70   C CG  . LEU A 1 8   ? -0.134  -2.053  -3.705  1.00 17.90 ? 8    LEU A CG  1 
ATOM   71   C CD1 . LEU A 1 8   ? 1.357   -1.921  -3.349  1.00 20.39 ? 8    LEU A CD1 1 
ATOM   72   C CD2 . LEU A 1 8   ? -0.937  -2.415  -2.500  1.00 18.38 ? 8    LEU A CD2 1 
ATOM   73   N N   . LEU A 1 9   ? -3.001  1.291   -4.985  1.00 16.42 ? 9    LEU A N   1 
ATOM   74   C CA  . LEU A 1 9   ? -3.257  2.687   -5.434  1.00 16.13 ? 9    LEU A CA  1 
ATOM   75   C C   . LEU A 1 9   ? -2.093  3.566   -4.932  1.00 16.80 ? 9    LEU A C   1 
ATOM   76   O O   . LEU A 1 9   ? -1.700  3.461   -3.728  1.00 18.29 ? 9    LEU A O   1 
ATOM   77   C CB  . LEU A 1 9   ? -4.542  3.200   -4.881  1.00 18.01 ? 9    LEU A CB  1 
ATOM   78   C CG  . LEU A 1 9   ? -4.975  4.632   -5.267  1.00 20.88 ? 9    LEU A CG  1 
ATOM   79   C CD1 . LEU A 1 9   ? -5.175  4.746   -6.784  1.00 22.59 ? 9    LEU A CD1 1 
ATOM   80   C CD2 . LEU A 1 9   ? -6.195  5.127   -4.480  1.00 21.44 ? 9    LEU A CD2 1 
ATOM   81   N N   . ILE A 1 10  ? -1.490  4.369   -5.815  1.00 15.71 ? 10   ILE A N   1 
ATOM   82   C CA  . ILE A 1 10  ? -0.469  5.299   -5.437  1.00 15.79 ? 10   ILE A CA  1 
ATOM   83   C C   . ILE A 1 10  ? -0.918  6.717   -5.803  1.00 15.62 ? 10   ILE A C   1 
ATOM   84   O O   . ILE A 1 10  ? -1.151  6.983   -7.005  1.00 17.31 ? 10   ILE A O   1 
ATOM   85   C CB  . ILE A 1 10  ? 0.907   4.997   -6.071  1.00 16.63 ? 10   ILE A CB  1 
ATOM   86   C CG1 . ILE A 1 10  ? 1.357   3.532   -5.883  1.00 18.97 ? 10   ILE A CG1 1 
ATOM   87   C CG2 . ILE A 1 10  ? 1.975   5.953   -5.431  1.00 18.15 ? 10   ILE A CG2 1 
ATOM   88   C CD1 . ILE A 1 10  ? 0.966   2.619   -6.958  1.00 21.39 ? 10   ILE A CD1 1 
ATOM   89   N N   . GLU A 1 11  ? -1.098  7.587   -4.835  1.00 16.05 ? 11   GLU A N   1 
ATOM   90   C CA  . GLU A 1 11  ? -1.518  8.943   -5.066  1.00 16.61 ? 11   GLU A CA  1 
ATOM   91   C C   . GLU A 1 11  ? -0.443  9.943   -4.702  1.00 17.31 ? 11   GLU A C   1 
ATOM   92   O O   . GLU A 1 11  ? 0.075   9.924   -3.566  1.00 18.52 ? 11   GLU A O   1 
ATOM   93   C CB  . GLU A 1 11  ? -2.771  9.289   -4.304  1.00 18.42 ? 11   GLU A CB  1 
ATOM   94   C CG  . GLU A 1 11  ? -3.308  10.664  -4.711  1.00 19.92 ? 11   GLU A CG  1 
ATOM   95   C CD  . GLU A 1 11  ? -4.679  11.068  -4.144  1.00 26.65 ? 11   GLU A CD  1 
ATOM   96   O OE1 . GLU A 1 11  ? -5.267  10.338  -3.333  1.00 30.57 ? 11   GLU A OE1 1 
ATOM   97   O OE2 . GLU A 1 11  ? -5.179  12.149  -4.588  1.00 27.56 ? 11   GLU A OE2 1 
ATOM   98   N N   . LYS A 1 12  ? -0.041  10.758  -5.650  1.00 17.61 ? 12   LYS A N   1 
ATOM   99   C CA  . LYS A 1 12  ? 0.891   11.884  -5.440  1.00 16.71 ? 12   LYS A CA  1 
ATOM   100  C C   . LYS A 1 12  ? 0.167   13.118  -4.965  1.00 17.76 ? 12   LYS A C   1 
ATOM   101  O O   . LYS A 1 12  ? -0.768  13.577  -5.641  1.00 20.64 ? 12   LYS A O   1 
ATOM   102  C CB  . LYS A 1 12  ? 1.584   12.214  -6.745  1.00 16.75 ? 12   LYS A CB  1 
ATOM   103  C CG  . LYS A 1 12  ? 2.565   13.402  -6.643  1.00 16.86 ? 12   LYS A CG  1 
ATOM   104  C CD  . LYS A 1 12  ? 3.264   13.702  -7.962  1.00 17.19 ? 12   LYS A CD  1 
ATOM   105  C CE  . LYS A 1 12  ? 4.176   14.977  -7.901  1.00 17.31 ? 12   LYS A CE  1 
ATOM   106  N NZ  . LYS A 1 12  ? 5.305   14.752  -6.964  1.00 17.31 ? 12   LYS A NZ  1 
ATOM   107  N N   . THR A 1 13  ? 0.611   13.673  -3.805  1.00 19.21 ? 13   THR A N   1 
ATOM   108  C CA  . THR A 1 13  ? 0.192   14.996  -3.332  1.00 21.09 ? 13   THR A CA  1 
ATOM   109  C C   . THR A 1 13  ? 1.477   15.711  -2.931  1.00 20.08 ? 13   THR A C   1 
ATOM   110  O O   . THR A 1 13  ? 2.156   15.331  -1.935  1.00 21.08 ? 13   THR A O   1 
ATOM   111  C CB  . THR A 1 13  ? -0.770  14.894  -2.142  1.00 23.99 ? 13   THR A CB  1 
ATOM   112  O OG1 . THR A 1 13  ? -1.874  14.038  -2.504  1.00 28.70 ? 13   THR A OG1 1 
ATOM   113  C CG2 . THR A 1 13  ? -1.305  16.272  -1.744  1.00 32.06 ? 13   THR A CG2 1 
ATOM   114  N N   . ASP A 1 14  ? 1.891   16.709  -3.731  1.00 22.16 ? 14   ASP A N   1 
ATOM   115  C CA  A ASP A 1 14  ? 3.174   17.349  -3.524  0.70 23.82 ? 14   ASP A CA  1 
ATOM   116  C CA  B ASP A 1 14  ? 3.164   17.382  -3.526  0.30 22.30 ? 14   ASP A CA  1 
ATOM   117  C C   . ASP A 1 14  ? 4.311   16.339  -3.517  1.00 22.47 ? 14   ASP A C   1 
ATOM   118  O O   . ASP A 1 14  ? 4.427   15.532  -4.459  1.00 21.38 ? 14   ASP A O   1 
ATOM   119  C CB  A ASP A 1 14  ? 3.144   18.184  -2.236  0.70 28.09 ? 14   ASP A CB  1 
ATOM   120  C CB  B ASP A 1 14  ? 3.100   18.232  -2.241  0.30 23.40 ? 14   ASP A CB  1 
ATOM   121  C CG  A ASP A 1 14  ? 2.795   19.579  -2.482  0.70 36.83 ? 14   ASP A CG  1 
ATOM   122  C CG  B ASP A 1 14  ? 4.299   19.149  -2.067  0.30 25.12 ? 14   ASP A CG  1 
ATOM   123  O OD1 A ASP A 1 14  ? 3.507   20.213  -3.291  0.70 43.11 ? 14   ASP A OD1 1 
ATOM   124  O OD1 B ASP A 1 14  ? 4.753   19.767  -3.048  0.30 26.59 ? 14   ASP A OD1 1 
ATOM   125  O OD2 A ASP A 1 14  ? 1.819   20.069  -1.861  0.70 41.37 ? 14   ASP A OD2 1 
ATOM   126  O OD2 B ASP A 1 14  ? 4.742   19.299  -0.920  0.30 31.24 ? 14   ASP A OD2 1 
ATOM   127  N N   . ASP A 1 15  ? 5.189   16.295  -2.469  1.00 20.58 ? 15   ASP A N   1 
ATOM   128  C CA  . ASP A 1 15  ? 6.280   15.421  -2.424  1.00 19.84 ? 15   ASP A CA  1 
ATOM   129  C C   . ASP A 1 15  ? 5.955   14.058  -1.689  1.00 20.19 ? 15   ASP A C   1 
ATOM   130  O O   . ASP A 1 15  ? 6.800   13.206  -1.606  1.00 22.34 ? 15   ASP A O   1 
ATOM   131  C CB  . ASP A 1 15  ? 7.527   16.064  -1.779  1.00 24.77 ? 15   ASP A CB  1 
ATOM   132  C CG  . ASP A 1 15  ? 7.344   16.366  -0.322  1.00 30.41 ? 15   ASP A CG  1 
ATOM   133  O OD1 . ASP A 1 15  ? 6.222   16.567  0.139   1.00 29.31 ? 15   ASP A OD1 1 
ATOM   134  O OD2 . ASP A 1 15  ? 8.391   16.612  0.316   1.00 40.75 ? 15   ASP A OD2 1 
ATOM   135  N N   . ARG A 1 16  ? 4.701   13.869  -1.390  1.00 19.43 ? 16   ARG A N   1 
ATOM   136  C CA  . ARG A 1 16  ? 4.251   12.654  -0.656  1.00 20.80 ? 16   ARG A CA  1 
ATOM   137  C C   . ARG A 1 16  ? 3.444   11.732  -1.569  1.00 18.72 ? 16   ARG A C   1 
ATOM   138  O O   . ARG A 1 16  ? 2.550   12.173  -2.282  1.00 20.69 ? 16   ARG A O   1 
ATOM   139  C CB  . ARG A 1 16  ? 3.414   13.053  0.539   1.00 22.48 ? 16   ARG A CB  1 
ATOM   140  C CG  . ARG A 1 16  ? 4.286   13.669  1.624   1.00 28.98 ? 16   ARG A CG  1 
ATOM   141  C CD  . ARG A 1 16  ? 3.494   14.128  2.813   1.00 33.94 ? 16   ARG A CD  1 
ATOM   142  N NE  . ARG A 1 16  ? 4.408   14.337  3.952   1.00 46.81 ? 16   ARG A NE  1 
ATOM   143  C CZ  . ARG A 1 16  ? 4.263   13.775  5.147   1.00 50.74 ? 16   ARG A CZ  1 
ATOM   144  N NH1 . ARG A 1 16  ? 3.214   12.981  5.405   1.00 45.23 ? 16   ARG A NH1 1 
ATOM   145  N NH2 . ARG A 1 16  ? 5.157   14.022  6.103   1.00 61.70 ? 16   ARG A NH2 1 
ATOM   146  N N   . TYR A 1 17  ? 3.722   10.452  -1.448  1.00 17.71 ? 17   TYR A N   1 
ATOM   147  C CA  . TYR A 1 17  ? 3.065   9.401   -2.280  1.00 17.24 ? 17   TYR A CA  1 
ATOM   148  C C   . TYR A 1 17  ? 2.356   8.424   -1.324  1.00 16.30 ? 17   TYR A C   1 
ATOM   149  O O   . TYR A 1 17  ? 3.063   7.706   -0.573  1.00 16.70 ? 17   TYR A O   1 
ATOM   150  C CB  . TYR A 1 17  ? 4.108   8.735   -3.127  1.00 17.40 ? 17   TYR A CB  1 
ATOM   151  C CG  . TYR A 1 17  ? 4.712   9.639   -4.165  1.00 18.44 ? 17   TYR A CG  1 
ATOM   152  C CD1 . TYR A 1 17  ? 5.736   10.536  -3.855  1.00 18.04 ? 17   TYR A CD1 1 
ATOM   153  C CD2 . TYR A 1 17  ? 4.224   9.643   -5.461  1.00 17.02 ? 17   TYR A CD2 1 
ATOM   154  C CE1 . TYR A 1 17  ? 6.216   11.412  -4.807  1.00 18.91 ? 17   TYR A CE1 1 
ATOM   155  C CE2 . TYR A 1 17  ? 4.769   10.457  -6.444  1.00 18.65 ? 17   TYR A CE2 1 
ATOM   156  C CZ  . TYR A 1 17  ? 5.751   11.312  -6.109  1.00 19.13 ? 17   TYR A CZ  1 
ATOM   157  O OH  . TYR A 1 17  ? 6.313   12.118  -7.124  1.00 18.66 ? 17   TYR A OH  1 
ATOM   158  N N   . THR A 1 18  ? 1.038   8.455   -1.297  1.00 16.45 ? 18   THR A N   1 
ATOM   159  C CA  . THR A 1 18  ? 0.242   7.548   -0.449  1.00 16.11 ? 18   THR A CA  1 
ATOM   160  C C   . THR A 1 18  ? -0.035  6.258   -1.171  1.00 18.35 ? 18   THR A C   1 
ATOM   161  O O   . THR A 1 18  ? -0.561  6.309   -2.303  1.00 18.15 ? 18   THR A O   1 
ATOM   162  C CB  . THR A 1 18  ? -1.047  8.180   -0.032  1.00 16.85 ? 18   THR A CB  1 
ATOM   163  O OG1 . THR A 1 18  ? -0.775  9.437   0.673   1.00 20.24 ? 18   THR A OG1 1 
ATOM   164  C CG2 . THR A 1 18  ? -1.826  7.276   0.928   1.00 18.29 ? 18   THR A CG2 1 
ATOM   165  N N   . ILE A 1 19  ? 0.307   5.136   -0.580  1.00 15.43 ? 19   ILE A N   1 
ATOM   166  C CA  . ILE A 1 19  ? 0.079   3.783   -1.128  1.00 16.06 ? 19   ILE A CA  1 
ATOM   167  C C   . ILE A 1 19  ? -1.079  3.186   -0.352  1.00 16.39 ? 19   ILE A C   1 
ATOM   168  O O   . ILE A 1 19  ? -1.008  3.089   0.902   1.00 16.42 ? 19   ILE A O   1 
ATOM   169  C CB  . ILE A 1 19  ? 1.313   2.923   -1.055  1.00 16.38 ? 19   ILE A CB  1 
ATOM   170  C CG1 . ILE A 1 19  ? 2.487   3.633   -1.779  1.00 17.83 ? 19   ILE A CG1 1 
ATOM   171  C CG2 . ILE A 1 19  ? 1.026   1.511   -1.534  1.00 17.48 ? 19   ILE A CG2 1 
ATOM   172  C CD1 . ILE A 1 19  ? 3.754   2.883   -1.753  1.00 19.61 ? 19   ILE A CD1 1 
ATOM   173  N N   . SER A 1 20  ? -2.145  2.762   -1.039  1.00 15.35 ? 20   SER A N   1 
ATOM   174  C CA  . SER A 1 20  ? -3.353  2.194   -0.423  1.00 15.78 ? 20   SER A CA  1 
ATOM   175  C C   . SER A 1 20  ? -3.778  0.865   -1.052  1.00 15.80 ? 20   SER A C   1 
ATOM   176  O O   . SER A 1 20  ? -3.376  0.521   -2.176  1.00 15.81 ? 20   SER A O   1 
ATOM   177  C CB  . SER A 1 20  ? -4.519  3.125   -0.531  1.00 15.71 ? 20   SER A CB  1 
ATOM   178  O OG  . SER A 1 20  ? -4.184  4.459   -0.032  1.00 16.95 ? 20   SER A OG  1 
ATOM   179  N N   . MET A 1 21  ? -4.615  0.150   -0.326  1.00 15.29 ? 21   MET A N   1 
ATOM   180  C CA  . MET A 1 21  ? -5.381  -0.978  -0.898  1.00 15.90 ? 21   MET A CA  1 
ATOM   181  C C   . MET A 1 21  ? -6.184  -0.518  -2.123  1.00 16.84 ? 21   MET A C   1 
ATOM   182  O O   . MET A 1 21  ? -6.571  0.631   -2.224  1.00 17.76 ? 21   MET A O   1 
ATOM   183  C CB  . MET A 1 21  ? -6.321  -1.560  0.127   1.00 16.55 ? 21   MET A CB  1 
ATOM   184  C CG  . MET A 1 21  ? -5.641  -2.102  1.391   1.00 18.28 ? 21   MET A CG  1 
ATOM   185  S SD  . MET A 1 21  ? -4.560  -3.525  1.140   1.00 18.16 ? 21   MET A SD  1 
ATOM   186  C CE  . MET A 1 21  ? -5.792  -4.767  0.650   1.00 19.23 ? 21   MET A CE  1 
ATOM   187  N N   . THR A 1 22  ? -6.465  -1.491  -3.015  1.00 17.11 ? 22   THR A N   1 
ATOM   188  C CA  . THR A 1 22  ? -7.517  -1.335  -4.058  1.00 16.99 ? 22   THR A CA  1 
ATOM   189  C C   . THR A 1 22  ? -8.637  -2.359  -3.806  1.00 16.71 ? 22   THR A C   1 
ATOM   190  O O   . THR A 1 22  ? -8.393  -3.408  -3.173  1.00 16.72 ? 22   THR A O   1 
ATOM   191  C CB  . THR A 1 22  ? -6.983  -1.569  -5.450  1.00 18.25 ? 22   THR A CB  1 
ATOM   192  O OG1 . THR A 1 22  ? -6.478  -2.887  -5.577  1.00 17.98 ? 22   THR A OG1 1 
ATOM   193  C CG2 . THR A 1 22  ? -5.876  -0.558  -5.814  1.00 18.92 ? 22   THR A CG2 1 
ATOM   194  N N   . PRO A 1 23  ? -9.825  -2.108  -4.358  1.00 17.22 ? 23   PRO A N   1 
ATOM   195  C CA  . PRO A 1 23  ? -10.849 -3.120  -4.307  1.00 17.31 ? 23   PRO A CA  1 
ATOM   196  C C   . PRO A 1 23  ? -10.425 -4.413  -5.012  1.00 17.53 ? 23   PRO A C   1 
ATOM   197  O O   . PRO A 1 23  ? -10.829 -5.485  -4.551  1.00 17.92 ? 23   PRO A O   1 
ATOM   198  C CB  . PRO A 1 23  ? -12.064 -2.474  -5.018  1.00 19.07 ? 23   PRO A CB  1 
ATOM   199  C CG  . PRO A 1 23  ? -11.738 -1.032  -5.144  1.00 22.36 ? 23   PRO A CG  1 
ATOM   200  C CD  . PRO A 1 23  ? -10.264 -0.821  -4.910  1.00 19.34 ? 23   PRO A CD  1 
ATOM   201  N N   . GLU A 1 24  ? -9.643  -4.321  -6.082  1.00 17.68 ? 24   GLU A N   1 
ATOM   202  C CA  A GLU A 1 24  ? -9.180  -5.506  -6.810  0.60 19.07 ? 24   GLU A CA  1 
ATOM   203  C CA  B GLU A 1 24  ? -9.199  -5.558  -6.783  0.40 18.33 ? 24   GLU A CA  1 
ATOM   204  C C   . GLU A 1 24  ? -8.329  -6.419  -5.892  1.00 18.44 ? 24   GLU A C   1 
ATOM   205  O O   . GLU A 1 24  ? -8.554  -7.611  -5.790  1.00 18.29 ? 24   GLU A O   1 
ATOM   206  C CB  A GLU A 1 24  ? -8.377  -5.048  -8.033  0.60 21.45 ? 24   GLU A CB  1 
ATOM   207  C CB  B GLU A 1 24  ? -8.466  -5.239  -8.076  0.40 19.26 ? 24   GLU A CB  1 
ATOM   208  C CG  A GLU A 1 24  ? -9.209  -4.401  -9.159  0.60 23.96 ? 24   GLU A CG  1 
ATOM   209  C CG  B GLU A 1 24  ? -8.053  -6.462  -8.903  0.40 21.68 ? 24   GLU A CG  1 
ATOM   210  C CD  A GLU A 1 24  ? -9.759  -2.956  -8.905  0.60 27.00 ? 24   GLU A CD  1 
ATOM   211  C CD  B GLU A 1 24  ? -7.361  -6.075  -10.217 0.40 24.06 ? 24   GLU A CD  1 
ATOM   212  O OE1 A GLU A 1 24  ? -9.215  -2.110  -8.103  0.60 20.46 ? 24   GLU A OE1 1 
ATOM   213  O OE1 B GLU A 1 24  ? -6.975  -4.876  -10.394 0.40 28.82 ? 24   GLU A OE1 1 
ATOM   214  O OE2 A GLU A 1 24  ? -10.787 -2.645  -9.565  0.60 33.40 ? 24   GLU A OE2 1 
ATOM   215  O OE2 B GLU A 1 24  ? -7.166  -6.990  -11.063 0.40 25.66 ? 24   GLU A OE2 1 
ATOM   216  N N   . LEU A 1 25  ? -7.422  -5.789  -5.122  1.00 17.70 ? 25   LEU A N   1 
ATOM   217  C CA  . LEU A 1 25  ? -6.586  -6.554  -4.229  1.00 16.97 ? 25   LEU A CA  1 
ATOM   218  C C   . LEU A 1 25  ? -7.421  -7.168  -3.104  1.00 16.89 ? 25   LEU A C   1 
ATOM   219  O O   . LEU A 1 25  ? -7.255  -8.349  -2.730  1.00 16.96 ? 25   LEU A O   1 
ATOM   220  C CB  . LEU A 1 25  ? -5.470  -5.669  -3.624  1.00 16.25 ? 25   LEU A CB  1 
ATOM   221  C CG  . LEU A 1 25  ? -4.464  -6.403  -2.693  1.00 17.26 ? 25   LEU A CG  1 
ATOM   222  C CD1 . LEU A 1 25  ? -3.827  -7.522  -3.433  1.00 18.09 ? 25   LEU A CD1 1 
ATOM   223  C CD2 . LEU A 1 25  ? -3.431  -5.402  -2.201  1.00 19.29 ? 25   LEU A CD2 1 
ATOM   224  N N   . GLN A 1 26  ? -8.322  -6.379  -2.519  1.00 15.47 ? 26   GLN A N   1 
ATOM   225  C CA  . GLN A 1 26  ? -9.206  -6.874  -1.492  1.00 15.80 ? 26   GLN A CA  1 
ATOM   226  C C   . GLN A 1 26  ? -9.997  -8.119  -1.953  1.00 16.59 ? 26   GLN A C   1 
ATOM   227  O O   . GLN A 1 26  ? -10.116 -9.088  -1.220  1.00 18.44 ? 26   GLN A O   1 
ATOM   228  C CB  . GLN A 1 26  ? -10.198 -5.770  -1.015  1.00 15.59 ? 26   GLN A CB  1 
ATOM   229  C CG  . GLN A 1 26  ? -9.496  -4.616  -0.304  1.00 15.22 ? 26   GLN A CG  1 
ATOM   230  C CD  . GLN A 1 26  ? -10.350 -3.379  -0.115  1.00 16.89 ? 26   GLN A CD  1 
ATOM   231  O OE1 . GLN A 1 26  ? -11.238 -3.101  -0.900  1.00 19.56 ? 26   GLN A OE1 1 
ATOM   232  N NE2 . GLN A 1 26  ? -10.054 -2.622  0.948   1.00 16.90 ? 26   GLN A NE2 1 
ATOM   233  N N   . ASP A 1 27  ? -10.545 -7.999  -3.154  1.00 17.59 ? 27   ASP A N   1 
ATOM   234  C CA  A ASP A 1 27  ? -11.364 -9.073  -3.731  0.50 19.52 ? 27   ASP A CA  1 
ATOM   235  C CA  B ASP A 1 27  ? -11.341 -9.114  -3.688  0.50 19.82 ? 27   ASP A CA  1 
ATOM   236  C C   . ASP A 1 27  ? -10.469 -10.320 -3.974  1.00 20.46 ? 27   ASP A C   1 
ATOM   237  O O   . ASP A 1 27  ? -10.922 -11.455 -3.788  1.00 24.12 ? 27   ASP A O   1 
ATOM   238  C CB  A ASP A 1 27  ? -12.067 -8.572  -5.022  0.50 19.69 ? 27   ASP A CB  1 
ATOM   239  C CB  B ASP A 1 27  ? -12.109 -8.724  -4.920  0.50 20.23 ? 27   ASP A CB  1 
ATOM   240  C CG  A ASP A 1 27  ? -13.109 -7.409  -4.748  0.50 21.87 ? 27   ASP A CG  1 
ATOM   241  C CG  B ASP A 1 27  ? -12.999 -9.846  -5.409  0.50 22.58 ? 27   ASP A CG  1 
ATOM   242  O OD1 A ASP A 1 27  ? -13.381 -7.064  -3.554  0.50 23.76 ? 27   ASP A OD1 1 
ATOM   243  O OD1 B ASP A 1 27  ? -13.933 -10.243 -4.677  0.50 25.69 ? 27   ASP A OD1 1 
ATOM   244  O OD2 A ASP A 1 27  ? -13.664 -6.847  -5.729  0.50 24.80 ? 27   ASP A OD2 1 
ATOM   245  O OD2 B ASP A 1 27  ? -12.716 -10.380 -6.482  0.50 25.62 ? 27   ASP A OD2 1 
ATOM   246  N N   . ASP A 1 28  ? -9.248  -10.101 -4.361  1.00 18.63 ? 28   ASP A N   1 
ATOM   247  C CA  A ASP A 1 28  ? -8.370  -11.255 -4.658  0.50 19.14 ? 28   ASP A CA  1 
ATOM   248  C CA  B ASP A 1 28  ? -8.286  -11.217 -4.673  0.50 21.35 ? 28   ASP A CA  1 
ATOM   249  C C   . ASP A 1 28  ? -7.881  -11.975 -3.427  1.00 20.40 ? 28   ASP A C   1 
ATOM   250  O O   . ASP A 1 28  ? -7.709  -13.213 -3.438  1.00 22.39 ? 28   ASP A O   1 
ATOM   251  C CB  A ASP A 1 28  ? -7.209  -10.821 -5.492  0.50 18.41 ? 28   ASP A CB  1 
ATOM   252  C CB  B ASP A 1 28  ? -7.026  -10.647 -5.379  0.50 23.90 ? 28   ASP A CB  1 
ATOM   253  C CG  A ASP A 1 28  ? -7.590  -10.541 -6.951  0.50 19.61 ? 28   ASP A CG  1 
ATOM   254  C CG  B ASP A 1 28  ? -6.139  -11.739 -5.993  0.50 29.82 ? 28   ASP A CG  1 
ATOM   255  O OD1 A ASP A 1 28  ? -8.670  -10.980 -7.404  0.50 25.11 ? 28   ASP A OD1 1 
ATOM   256  O OD1 B ASP A 1 28  ? -6.694  -12.654 -6.626  0.50 33.72 ? 28   ASP A OD1 1 
ATOM   257  O OD2 A ASP A 1 28  ? -6.768  -9.907  -7.621  0.50 23.84 ? 28   ASP A OD2 1 
ATOM   258  O OD2 B ASP A 1 28  ? -4.902  -11.666 -5.829  0.50 37.45 ? 28   ASP A OD2 1 
ATOM   259  N N   . ILE A 1 29  ? -7.624  -11.263 -2.331  1.00 17.90 ? 29   ILE A N   1 
ATOM   260  C CA  . ILE A 1 29  ? -7.122  -11.886 -1.128  1.00 17.01 ? 29   ILE A CA  1 
ATOM   261  C C   . ILE A 1 29  ? -8.143  -12.248 -0.052  1.00 16.85 ? 29   ILE A C   1 
ATOM   262  O O   . ILE A 1 29  ? -7.859  -13.055 0.863   1.00 17.75 ? 29   ILE A O   1 
ATOM   263  C CB  . ILE A 1 29  ? -5.936  -11.102 -0.524  1.00 16.65 ? 29   ILE A CB  1 
ATOM   264  C CG1 . ILE A 1 29  ? -6.389  -9.772  0.133   1.00 18.90 ? 29   ILE A CG1 1 
ATOM   265  C CG2 . ILE A 1 29  ? -4.911  -10.796 -1.562  1.00 18.98 ? 29   ILE A CG2 1 
ATOM   266  C CD1 . ILE A 1 29  ? -5.222  -9.046  0.817   1.00 18.21 ? 29   ILE A CD1 1 
ATOM   267  N N   . GLY A 1 30  ? -9.319  -11.647 -0.157  1.00 16.94 ? 30   GLY A N   1 
ATOM   268  C CA  . GLY A 1 30  ? -10.369 -11.842 0.812   1.00 16.58 ? 30   GLY A CA  1 
ATOM   269  C C   . GLY A 1 30  ? -10.224 -11.010 2.088   1.00 17.81 ? 30   GLY A C   1 
ATOM   270  O O   . GLY A 1 30  ? -9.447  -10.037 2.174   1.00 16.53 ? 30   GLY A O   1 
ATOM   271  N N   . THR A 1 31  ? -10.930 -11.423 3.119   1.00 17.07 ? 31   THR A N   1 
ATOM   272  C CA  . THR A 1 31  ? -10.988 -10.638 4.336   1.00 16.34 ? 31   THR A CA  1 
ATOM   273  C C   . THR A 1 31  ? -9.651  -10.701 5.062   1.00 16.65 ? 31   THR A C   1 
ATOM   274  O O   . THR A 1 31  ? -9.211  -11.770 5.491   1.00 17.75 ? 31   THR A O   1 
ATOM   275  C CB  . THR A 1 31  ? -12.079 -11.192 5.249   1.00 17.71 ? 31   THR A CB  1 
ATOM   276  O OG1 . THR A 1 31  ? -13.346 -11.116 4.548   1.00 18.64 ? 31   THR A OG1 1 
ATOM   277  C CG2 . THR A 1 31  ? -12.189 -10.410 6.565   1.00 18.14 ? 31   THR A CG2 1 
ATOM   278  N N   . ILE A 1 32  ? -9.069  -9.529  5.353   1.00 15.08 ? 32   ILE A N   1 
ATOM   279  C CA  . ILE A 1 32  ? -7.802  -9.467  6.107   1.00 16.69 ? 32   ILE A CA  1 
ATOM   280  C C   . ILE A 1 32  ? -8.062  -9.649  7.573   1.00 17.47 ? 32   ILE A C   1 
ATOM   281  O O   . ILE A 1 32  ? -8.938  -8.913  8.153   1.00 17.97 ? 32   ILE A O   1 
ATOM   282  C CB  . ILE A 1 32  ? -7.071  -8.138  5.798   1.00 15.70 ? 32   ILE A CB  1 
ATOM   283  C CG1 . ILE A 1 32  ? -6.728  -8.047  4.317   1.00 16.72 ? 32   ILE A CG1 1 
ATOM   284  C CG2 . ILE A 1 32  ? -5.859  -8.000  6.666   1.00 17.33 ? 32   ILE A CG2 1 
ATOM   285  C CD1 . ILE A 1 32  ? -6.446  -6.627  3.806   1.00 17.66 ? 32   ILE A CD1 1 
ATOM   286  N N   . GLY A 1 33  ? -7.354  -10.580 8.213   1.00 17.51 ? 33   GLY A N   1 
ATOM   287  C CA  . GLY A 1 33  ? -7.407  -10.750 9.678   1.00 17.39 ? 33   GLY A CA  1 
ATOM   288  C C   . GLY A 1 33  ? -6.175  -10.431 10.473  1.00 18.18 ? 33   GLY A C   1 
ATOM   289  O O   . GLY A 1 33  ? -6.248  -10.373 11.712  1.00 20.41 ? 33   GLY A O   1 
ATOM   290  N N   . TYR A 1 34  ? -5.057  -10.200 9.800   1.00 17.98 ? 34   TYR A N   1 
ATOM   291  C CA  A TYR A 1 34  ? -3.802  -9.866  10.459  0.70 18.37 ? 34   TYR A CA  1 
ATOM   292  C CA  B TYR A 1 34  ? -3.760  -9.920  10.437  0.30 18.87 ? 34   TYR A CA  1 
ATOM   293  C C   . TYR A 1 34  ? -2.952  -9.025  9.522   1.00 17.72 ? 34   TYR A C   1 
ATOM   294  O O   . TYR A 1 34  ? -2.925  -9.256  8.335   1.00 17.53 ? 34   TYR A O   1 
ATOM   295  C CB  A TYR A 1 34  ? -3.024  -11.176 10.886  0.70 20.35 ? 34   TYR A CB  1 
ATOM   296  C CB  B TYR A 1 34  ? -3.006  -11.250 10.653  0.30 20.62 ? 34   TYR A CB  1 
ATOM   297  C CG  A TYR A 1 34  ? -3.750  -12.093 11.839  0.70 24.30 ? 34   TYR A CG  1 
ATOM   298  C CG  B TYR A 1 34  ? -1.515  -11.127 10.987  0.30 23.50 ? 34   TYR A CG  1 
ATOM   299  C CD1 A TYR A 1 34  ? -3.709  -11.878 13.222  0.70 26.96 ? 34   TYR A CD1 1 
ATOM   300  C CD1 B TYR A 1 34  ? -0.553  -11.060 9.988   0.30 25.38 ? 34   TYR A CD1 1 
ATOM   301  C CD2 A TYR A 1 34  ? -4.516  -13.158 11.370  0.70 27.84 ? 34   TYR A CD2 1 
ATOM   302  C CD2 B TYR A 1 34  ? -1.088  -11.201 12.289  0.30 25.94 ? 34   TYR A CD2 1 
ATOM   303  C CE1 A TYR A 1 34  ? -4.407  -12.702 14.095  0.70 29.94 ? 34   TYR A CE1 1 
ATOM   304  C CE1 B TYR A 1 34  ? 0.794   -11.012 10.298  0.30 26.06 ? 34   TYR A CE1 1 
ATOM   305  C CE2 A TYR A 1 34  ? -5.191  -13.994 12.250  0.70 31.06 ? 34   TYR A CE2 1 
ATOM   306  C CE2 B TYR A 1 34  ? 0.251   -11.134 12.609  0.30 26.86 ? 34   TYR A CE2 1 
ATOM   307  C CZ  A TYR A 1 34  ? -5.133  -13.747 13.608  0.70 33.25 ? 34   TYR A CZ  1 
ATOM   308  C CZ  B TYR A 1 34  ? 1.188   -11.040 11.609  0.30 27.53 ? 34   TYR A CZ  1 
ATOM   309  O OH  A TYR A 1 34  ? -5.806  -14.577 14.495  0.70 41.01 ? 34   TYR A OH  1 
ATOM   310  O OH  B TYR A 1 34  ? 2.535   -10.992 11.933  0.30 29.80 ? 34   TYR A OH  1 
ATOM   311  N N   . ALA A 1 35  ? -2.250  -8.019  10.090  1.00 17.31 ? 35   ALA A N   1 
ATOM   312  C CA  . ALA A 1 35  ? -1.451  -7.077  9.359   1.00 18.25 ? 35   ALA A CA  1 
ATOM   313  C C   . ALA A 1 35  ? -0.262  -6.655  10.193  1.00 20.88 ? 35   ALA A C   1 
ATOM   314  O O   . ALA A 1 35  ? -0.401  -6.219  11.348  1.00 23.47 ? 35   ALA A O   1 
ATOM   315  C CB  . ALA A 1 35  ? -2.279  -5.871  8.956   1.00 18.96 ? 35   ALA A CB  1 
ATOM   316  N N   . GLU A 1 36  ? 0.934   -6.925  9.695   1.00 17.85 ? 36   GLU A N   1 
ATOM   317  C CA  . GLU A 1 36  ? 2.181   -6.582  10.363  1.00 19.68 ? 36   GLU A CA  1 
ATOM   318  C C   . GLU A 1 36  ? 3.169   -5.901  9.445   1.00 18.55 ? 36   GLU A C   1 
ATOM   319  O O   . GLU A 1 36  ? 3.539   -6.455  8.386   1.00 18.45 ? 36   GLU A O   1 
ATOM   320  C CB  . GLU A 1 36  ? 2.842   -7.848  10.932  1.00 23.53 ? 36   GLU A CB  1 
ATOM   321  C CG  . GLU A 1 36  ? 4.111   -7.533  11.710  1.00 30.77 ? 36   GLU A CG  1 
ATOM   322  C CD  . GLU A 1 36  ? 4.691   -8.740  12.434  1.00 45.29 ? 36   GLU A CD  1 
ATOM   323  O OE1 . GLU A 1 36  ? 4.861   -9.804  11.794  1.00 47.64 ? 36   GLU A OE1 1 
ATOM   324  O OE2 . GLU A 1 36  ? 4.985   -8.603  13.653  1.00 57.50 ? 36   GLU A OE2 1 
ATOM   325  N N   . PHE A 1 37  ? 3.576   -4.695  9.801   1.00 18.75 ? 37   PHE A N   1 
ATOM   326  C CA  . PHE A 1 37  ? 4.537   -3.917  8.990   1.00 18.38 ? 37   PHE A CA  1 
ATOM   327  C C   . PHE A 1 37  ? 5.948   -4.333  9.229   1.00 20.87 ? 37   PHE A C   1 
ATOM   328  O O   . PHE A 1 37  ? 6.286   -4.768  10.347  1.00 22.21 ? 37   PHE A O   1 
ATOM   329  C CB  . PHE A 1 37  ? 4.456   -2.421  9.275   1.00 18.77 ? 37   PHE A CB  1 
ATOM   330  C CG  . PHE A 1 37  ? 3.174   -1.769  8.810   1.00 18.17 ? 37   PHE A CG  1 
ATOM   331  C CD1 . PHE A 1 37  ? 2.023   -1.709  9.603   1.00 17.65 ? 37   PHE A CD1 1 
ATOM   332  C CD2 . PHE A 1 37  ? 3.104   -1.203  7.566   1.00 19.10 ? 37   PHE A CD2 1 
ATOM   333  C CE1 . PHE A 1 37  ? 0.818   -1.112  9.115   1.00 17.70 ? 37   PHE A CE1 1 
ATOM   334  C CE2 . PHE A 1 37  ? 1.932   -0.609  7.108   1.00 19.34 ? 37   PHE A CE2 1 
ATOM   335  C CZ  . PHE A 1 37  ? 0.799   -0.576  7.863   1.00 19.46 ? 37   PHE A CZ  1 
ATOM   336  N N   . THR A 1 38  ? 6.773   -4.147  8.212   1.00 20.81 ? 38   THR A N   1 
ATOM   337  C CA  . THR A 1 38  ? 8.244   -4.225  8.380   1.00 21.94 ? 38   THR A CA  1 
ATOM   338  C C   . THR A 1 38  ? 8.779   -2.940  8.925   1.00 22.21 ? 38   THR A C   1 
ATOM   339  O O   . THR A 1 38  ? 8.093   -1.966  9.025   1.00 21.73 ? 38   THR A O   1 
ATOM   340  C CB  . THR A 1 38  ? 8.918   -4.540  7.051   1.00 22.27 ? 38   THR A CB  1 
ATOM   341  O OG1 . THR A 1 38  ? 8.576   -3.504  6.109   1.00 23.57 ? 38   THR A OG1 1 
ATOM   342  C CG2 . THR A 1 38  ? 8.448   -5.935  6.586   1.00 22.69 ? 38   THR A CG2 1 
ATOM   343  N N   . ASP A 1 39  ? 10.045  -2.950  9.380   1.00 26.65 ? 39   ASP A N   1 
ATOM   344  C CA  . ASP A 1 39  ? 10.570  -1.712  10.037  1.00 28.19 ? 39   ASP A CA  1 
ATOM   345  C C   . ASP A 1 39  ? 11.689  -0.997  9.261   1.00 31.29 ? 39   ASP A C   1 
ATOM   346  O O   . ASP A 1 39  ? 12.316  -0.061  9.760   1.00 32.38 ? 39   ASP A O   1 
ATOM   347  C CB  . ASP A 1 39  ? 10.955  -1.990  11.502  1.00 36.77 ? 39   ASP A CB  1 
ATOM   348  C CG  . ASP A 1 39  ? 12.046  -2.979  11.634  1.00 44.99 ? 39   ASP A CG  1 
ATOM   349  O OD1 . ASP A 1 39  ? 12.668  -3.343  10.613  1.00 45.61 ? 39   ASP A OD1 1 
ATOM   350  O OD2 . ASP A 1 39  ? 12.326  -3.388  12.791  1.00 59.57 ? 39   ASP A OD2 1 
ATOM   351  N N   . ASN A 1 40  ? 11.821  -1.360  7.998   1.00 30.36 ? 40   ASN A N   1 
ATOM   352  C CA  . ASN A 1 40  ? 12.768  -0.773  7.053   1.00 33.02 ? 40   ASN A CA  1 
ATOM   353  C C   . ASN A 1 40  ? 12.232  0.593   6.527   1.00 33.52 ? 40   ASN A C   1 
ATOM   354  O O   . ASN A 1 40  ? 11.250  0.629   5.812   1.00 31.81 ? 40   ASN A O   1 
ATOM   355  C CB  . ASN A 1 40  ? 12.891  -1.814  5.900   1.00 42.85 ? 40   ASN A CB  1 
ATOM   356  C CG  . ASN A 1 40  ? 13.468  -1.250  4.637   1.00 43.79 ? 40   ASN A CG  1 
ATOM   357  O OD1 . ASN A 1 40  ? 14.182  -0.239  4.665   1.00 59.31 ? 40   ASN A OD1 1 
ATOM   358  N ND2 . ASN A 1 40  ? 13.244  -1.963  3.503   1.00 37.06 ? 40   ASN A ND2 1 
ATOM   359  N N   . ASP A 1 41  ? 12.852  1.698   6.900   1.00 27.17 ? 41   ASP A N   1 
ATOM   360  C CA  . ASP A 1 41  ? 12.325  3.018   6.453   1.00 31.13 ? 41   ASP A CA  1 
ATOM   361  C C   . ASP A 1 41  ? 12.797  3.449   5.086   1.00 27.82 ? 41   ASP A C   1 
ATOM   362  O O   . ASP A 1 41  ? 12.371  4.486   4.599   1.00 33.96 ? 41   ASP A O   1 
ATOM   363  C CB  . ASP A 1 41  ? 12.683  4.116   7.430   1.00 34.81 ? 41   ASP A CB  1 
ATOM   364  C CG  . ASP A 1 41  ? 11.831  4.102   8.660   1.00 36.29 ? 41   ASP A CG  1 
ATOM   365  O OD1 . ASP A 1 41  ? 10.898  3.291   8.766   1.00 34.09 ? 41   ASP A OD1 1 
ATOM   366  O OD2 . ASP A 1 41  ? 12.078  4.939   9.546   1.00 41.96 ? 41   ASP A OD2 1 
ATOM   367  N N   . HIS A 1 42  ? 13.743  2.768   4.536   1.00 26.95 ? 42   HIS A N   1 
ATOM   368  C CA  . HIS A 1 42  ? 14.250  3.072   3.194   1.00 27.89 ? 42   HIS A CA  1 
ATOM   369  C C   . HIS A 1 42  ? 13.994  1.927   2.302   1.00 27.20 ? 42   HIS A C   1 
ATOM   370  O O   . HIS A 1 42  ? 14.650  0.933   2.369   1.00 31.24 ? 42   HIS A O   1 
ATOM   371  C CB  . HIS A 1 42  ? 15.762  3.386   3.266   1.00 32.78 ? 42   HIS A CB  1 
ATOM   372  C CG  . HIS A 1 42  ? 16.032  4.678   3.954   1.00 42.27 ? 42   HIS A CG  1 
ATOM   373  N ND1 . HIS A 1 42  ? 15.817  5.894   3.337   1.00 50.01 ? 42   HIS A ND1 1 
ATOM   374  C CD2 . HIS A 1 42  ? 16.254  4.957   5.263   1.00 52.36 ? 42   HIS A CD2 1 
ATOM   375  C CE1 . HIS A 1 42  ? 15.993  6.869   4.210   1.00 55.66 ? 42   HIS A CE1 1 
ATOM   376  N NE2 . HIS A 1 42  ? 16.252  6.329   5.389   1.00 58.65 ? 42   HIS A NE2 1 
ATOM   377  N N   . LEU A 1 43  ? 12.943  2.061   1.459   1.00 25.29 ? 43   LEU A N   1 
ATOM   378  C CA  . LEU A 1 43  ? 12.495  0.965   0.632   1.00 23.57 ? 43   LEU A CA  1 
ATOM   379  C C   . LEU A 1 43  ? 13.090  0.993   -0.738  1.00 20.65 ? 43   LEU A C   1 
ATOM   380  O O   . LEU A 1 43  ? 13.161  2.091   -1.367  1.00 24.11 ? 43   LEU A O   1 
ATOM   381  C CB  . LEU A 1 43  ? 10.962  1.042   0.487   1.00 23.63 ? 43   LEU A CB  1 
ATOM   382  C CG  . LEU A 1 43  ? 10.107  0.898   1.719   1.00 25.68 ? 43   LEU A CG  1 
ATOM   383  C CD1 . LEU A 1 43  ? 8.686   1.354   1.370   1.00 25.18 ? 43   LEU A CD1 1 
ATOM   384  C CD2 . LEU A 1 43  ? 10.118  -0.530  2.257   1.00 26.85 ? 43   LEU A CD2 1 
ATOM   385  N N   . ALA A 1 44  ? 13.479  -0.147  -1.242  1.00 20.82 ? 44   ALA A N   1 
ATOM   386  C CA  . ALA A 1 44  ? 13.781  -0.370  -2.615  1.00 22.81 ? 44   ALA A CA  1 
ATOM   387  C C   . ALA A 1 44  ? 12.570  -0.980  -3.278  1.00 21.36 ? 44   ALA A C   1 
ATOM   388  O O   . ALA A 1 44  ? 11.703  -1.513  -2.603  1.00 19.94 ? 44   ALA A O   1 
ATOM   389  C CB  . ALA A 1 44  ? 14.996  -1.316  -2.785  1.00 26.09 ? 44   ALA A CB  1 
ATOM   390  N N   . VAL A 1 45  ? 12.472  -0.837  -4.587  1.00 20.28 ? 45   VAL A N   1 
ATOM   391  C CA  . VAL A 1 45  ? 11.471  -1.542  -5.358  1.00 19.62 ? 45   VAL A CA  1 
ATOM   392  C C   . VAL A 1 45  ? 11.457  -3.014  -4.940  1.00 22.50 ? 45   VAL A C   1 
ATOM   393  O O   . VAL A 1 45  ? 12.508  -3.665  -4.841  1.00 24.16 ? 45   VAL A O   1 
ATOM   394  C CB  . VAL A 1 45  ? 11.650  -1.373  -6.859  1.00 21.04 ? 45   VAL A CB  1 
ATOM   395  C CG1 . VAL A 1 45  ? 10.693  -2.228  -7.621  1.00 23.70 ? 45   VAL A CG1 1 
ATOM   396  C CG2 . VAL A 1 45  ? 11.504  0.100   -7.216  1.00 21.27 ? 45   VAL A CG2 1 
ATOM   397  N N   . ASP A 1 46  ? 10.259  -3.515  -4.699  1.00 20.03 ? 46   ASP A N   1 
ATOM   398  C CA  . ASP A 1 46  ? 9.985   -4.932  -4.298  1.00 20.74 ? 46   ASP A CA  1 
ATOM   399  C C   . ASP A 1 46  ? 10.291  -5.270  -2.855  1.00 19.53 ? 46   ASP A C   1 
ATOM   400  O O   . ASP A 1 46  ? 10.001  -6.401  -2.426  1.00 22.20 ? 46   ASP A O   1 
ATOM   401  C CB  . ASP A 1 46  ? 10.603  -5.927  -5.290  1.00 24.10 ? 46   ASP A CB  1 
ATOM   402  C CG  . ASP A 1 46  ? 9.865   -5.911  -6.616  1.00 28.62 ? 46   ASP A CG  1 
ATOM   403  O OD1 . ASP A 1 46  ? 8.651   -5.592  -6.636  1.00 35.60 ? 46   ASP A OD1 1 
ATOM   404  O OD2 . ASP A 1 46  ? 10.472  -6.221  -7.613  1.00 40.02 ? 46   ASP A OD2 1 
ATOM   405  N N   . ASP A 1 47  ? 10.719  -4.312  -2.066  1.00 19.07 ? 47   ASP A N   1 
ATOM   406  C CA  . ASP A 1 47  ? 10.904  -4.577  -0.622  1.00 19.13 ? 47   ASP A CA  1 
ATOM   407  C C   . ASP A 1 47  ? 9.520   -4.820  0.019   1.00 18.60 ? 47   ASP A C   1 
ATOM   408  O O   . ASP A 1 47  ? 8.497   -4.171  -0.343  1.00 18.56 ? 47   ASP A O   1 
ATOM   409  C CB  . ASP A 1 47  ? 11.579  -3.433  0.107   1.00 19.92 ? 47   ASP A CB  1 
ATOM   410  C CG  . ASP A 1 47  ? 13.125  -3.434  -0.011  1.00 22.35 ? 47   ASP A CG  1 
ATOM   411  O OD1 . ASP A 1 47  ? 13.660  -4.374  -0.635  1.00 28.30 ? 47   ASP A OD1 1 
ATOM   412  O OD2 . ASP A 1 47  ? 13.698  -2.412  0.444   1.00 27.07 ? 47   ASP A OD2 1 
ATOM   413  N N   . ILE A 1 48  ? 9.477   -5.661  1.030   1.00 16.90 ? 48   ILE A N   1 
ATOM   414  C CA  . ILE A 1 48  ? 8.239   -5.905  1.774   1.00 17.43 ? 48   ILE A CA  1 
ATOM   415  C C   . ILE A 1 48  ? 7.892   -4.703  2.631   1.00 18.74 ? 48   ILE A C   1 
ATOM   416  O O   . ILE A 1 48  ? 8.692   -4.274  3.488   1.00 19.16 ? 48   ILE A O   1 
ATOM   417  C CB  . ILE A 1 48  ? 8.329   -7.155  2.675   1.00 18.08 ? 48   ILE A CB  1 
ATOM   418  C CG1 . ILE A 1 48  ? 8.624   -8.392  1.851   1.00 18.85 ? 48   ILE A CG1 1 
ATOM   419  C CG2 . ILE A 1 48  ? 7.034   -7.342  3.436   1.00 19.22 ? 48   ILE A CG2 1 
ATOM   420  C CD1 . ILE A 1 48  ? 8.979   -9.603  2.680   1.00 21.45 ? 48   ILE A CD1 1 
ATOM   421  N N   . ILE A 1 49  ? 6.644   -4.201  2.465   1.00 16.84 ? 49   ILE A N   1 
ATOM   422  C CA  . ILE A 1 49  ? 6.103   -3.121  3.295   1.00 17.12 ? 49   ILE A CA  1 
ATOM   423  C C   . ILE A 1 49  ? 5.251   -3.664  4.434   1.00 16.94 ? 49   ILE A C   1 
ATOM   424  O O   . ILE A 1 49  ? 5.331   -3.200  5.547   1.00 19.39 ? 49   ILE A O   1 
ATOM   425  C CB  . ILE A 1 49  ? 5.217   -2.156  2.457   1.00 17.41 ? 49   ILE A CB  1 
ATOM   426  C CG1 . ILE A 1 49  ? 6.060   -1.462  1.367   1.00 19.21 ? 49   ILE A CG1 1 
ATOM   427  C CG2 . ILE A 1 49  ? 4.499   -1.157  3.352   1.00 18.46 ? 49   ILE A CG2 1 
ATOM   428  C CD1 . ILE A 1 49  ? 5.236   -0.729  0.317   1.00 18.62 ? 49   ILE A CD1 1 
ATOM   429  N N   . LEU A 1 50  ? 4.428   -4.684  4.141   1.00 16.54 ? 50   LEU A N   1 
ATOM   430  C CA  . LEU A 1 50  ? 3.368   -5.127  5.035   1.00 16.53 ? 50   LEU A CA  1 
ATOM   431  C C   . LEU A 1 50  ? 3.052   -6.592  4.733   1.00 15.88 ? 50   LEU A C   1 
ATOM   432  O O   . LEU A 1 50  ? 2.891   -6.954  3.541   1.00 16.50 ? 50   LEU A O   1 
ATOM   433  C CB  . LEU A 1 50  ? 2.118   -4.245  4.796   1.00 17.53 ? 50   LEU A CB  1 
ATOM   434  C CG  . LEU A 1 50  ? 0.838   -4.557  5.500   1.00 16.99 ? 50   LEU A CG  1 
ATOM   435  C CD1 . LEU A 1 50  ? 0.956   -4.393  7.039   1.00 18.77 ? 50   LEU A CD1 1 
ATOM   436  C CD2 . LEU A 1 50  ? -0.301  -3.675  5.001   1.00 19.15 ? 50   LEU A CD2 1 
ATOM   437  N N   . ASN A 1 51  ? 2.986   -7.443  5.753   1.00 15.08 ? 51   ASN A N   1 
ATOM   438  C CA  . ASN A 1 51  ? 2.567   -8.828  5.634   1.00 15.75 ? 51   ASN A CA  1 
ATOM   439  C C   . ASN A 1 51  ? 1.135   -8.952  6.069   1.00 16.44 ? 51   ASN A C   1 
ATOM   440  O O   . ASN A 1 51  ? 0.784   -8.493  7.180   1.00 17.64 ? 51   ASN A O   1 
ATOM   441  C CB  . ASN A 1 51  ? 3.541   -9.736  6.461   1.00 17.61 ? 51   ASN A CB  1 
ATOM   442  C CG  . ASN A 1 51  ? 4.905   -9.822  5.826   1.00 19.69 ? 51   ASN A CG  1 
ATOM   443  O OD1 . ASN A 1 51  ? 5.040   -9.860  4.625   1.00 17.77 ? 51   ASN A OD1 1 
ATOM   444  N ND2 . ASN A 1 51  ? 5.925   -9.729  6.637   1.00 26.89 ? 51   ASN A ND2 1 
ATOM   445  N N   . LEU A 1 52  ? 0.321   -9.602  5.268   1.00 16.12 ? 52   LEU A N   1 
ATOM   446  C CA  . LEU A 1 52  ? -1.097  -9.815  5.551   1.00 15.66 ? 52   LEU A CA  1 
ATOM   447  C C   . LEU A 1 52  ? -1.455  -11.268 5.630   1.00 16.40 ? 52   LEU A C   1 
ATOM   448  O O   . LEU A 1 52  ? -0.960  -12.099 4.823   1.00 18.00 ? 52   LEU A O   1 
ATOM   449  C CB  . LEU A 1 52  ? -1.937  -9.179  4.415   1.00 16.73 ? 52   LEU A CB  1 
ATOM   450  C CG  . LEU A 1 52  ? -1.764  -7.685  4.118   1.00 17.09 ? 52   LEU A CG  1 
ATOM   451  C CD1 . LEU A 1 52  ? -2.543  -7.212  2.916   1.00 18.26 ? 52   LEU A CD1 1 
ATOM   452  C CD2 . LEU A 1 52  ? -2.177  -6.914  5.395   1.00 17.44 ? 52   LEU A CD2 1 
ATOM   453  N N   . GLU A 1 53  ? -2.418  -11.597 6.505   1.00 16.08 ? 53   GLU A N   1 
ATOM   454  C CA  A GLU A 1 53  ? -3.095  -12.880 6.453   0.50 17.39 ? 53   GLU A CA  1 
ATOM   455  C CA  B GLU A 1 53  ? -3.089  -12.884 6.472   0.50 17.17 ? 53   GLU A CA  1 
ATOM   456  C C   . GLU A 1 53  ? -4.539  -12.581 6.134   1.00 17.32 ? 53   GLU A C   1 
ATOM   457  O O   . GLU A 1 53  ? -5.205  -11.777 6.869   1.00 18.42 ? 53   GLU A O   1 
ATOM   458  C CB  A GLU A 1 53  ? -2.941  -13.653 7.773   0.50 20.53 ? 53   GLU A CB  1 
ATOM   459  C CB  B GLU A 1 53  ? -2.957  -13.616 7.820   0.50 20.01 ? 53   GLU A CB  1 
ATOM   460  C CG  A GLU A 1 53  ? -1.486  -13.963 8.109   0.50 20.97 ? 53   GLU A CG  1 
ATOM   461  C CG  B GLU A 1 53  ? -3.707  -14.932 7.884   0.50 20.27 ? 53   GLU A CG  1 
ATOM   462  C CD  A GLU A 1 53  ? -1.293  -14.690 9.445   0.50 29.26 ? 53   GLU A CD  1 
ATOM   463  C CD  B GLU A 1 53  ? -3.296  -15.820 9.062   0.50 25.16 ? 53   GLU A CD  1 
ATOM   464  O OE1 A GLU A 1 53  ? -2.230  -14.718 10.250  0.50 30.64 ? 53   GLU A OE1 1 
ATOM   465  O OE1 B GLU A 1 53  ? -2.159  -15.666 9.563   0.50 27.02 ? 53   GLU A OE1 1 
ATOM   466  O OE2 A GLU A 1 53  ? -0.170  -15.212 9.679   0.50 32.23 ? 53   GLU A OE2 1 
ATOM   467  O OE2 B GLU A 1 53  ? -4.107  -16.686 9.460   0.50 30.52 ? 53   GLU A OE2 1 
ATOM   468  N N   . ALA A 1 54  ? -5.040  -13.185 5.066   1.00 16.39 ? 54   ALA A N   1 
ATOM   469  C CA  . ALA A 1 54  ? -6.434  -12.941 4.638   1.00 16.96 ? 54   ALA A CA  1 
ATOM   470  C C   . ALA A 1 54  ? -7.133  -14.265 4.303   1.00 19.94 ? 54   ALA A C   1 
ATOM   471  O O   . ALA A 1 54  ? -6.501  -15.341 4.302   1.00 18.92 ? 54   ALA A O   1 
ATOM   472  C CB  . ALA A 1 54  ? -6.471  -11.993 3.477   1.00 16.90 ? 54   ALA A CB  1 
ATOM   473  N N   . SER A 1 55  ? -8.444  -14.219 4.089   1.00 17.34 ? 55   SER A N   1 
ATOM   474  C CA  . SER A 1 55  ? -9.221  -15.479 3.989   1.00 17.87 ? 55   SER A CA  1 
ATOM   475  C C   . SER A 1 55  ? -8.868  -16.335 2.807   1.00 19.68 ? 55   SER A C   1 
ATOM   476  O O   . SER A 1 55  ? -9.098  -17.547 2.897   1.00 20.99 ? 55   SER A O   1 
ATOM   477  C CB  . SER A 1 55  ? -10.726 -15.175 4.020   1.00 19.20 ? 55   SER A CB  1 
ATOM   478  O OG  . SER A 1 55  ? -11.124 -14.386 2.937   1.00 19.30 ? 55   SER A OG  1 
ATOM   479  N N   . LYS A 1 56  ? -8.397  -15.770 1.685   1.00 16.38 ? 56   LYS A N   1 
ATOM   480  C CA  . LYS A 1 56  ? -8.071  -16.537 0.484   1.00 17.57 ? 56   LYS A CA  1 
ATOM   481  C C   . LYS A 1 56  ? -6.564  -16.813 0.369   1.00 18.73 ? 56   LYS A C   1 
ATOM   482  O O   . LYS A 1 56  ? -6.177  -17.730 -0.403  1.00 19.83 ? 56   LYS A O   1 
ATOM   483  C CB  . LYS A 1 56  ? -8.559  -15.866 -0.771  1.00 18.73 ? 56   LYS A CB  1 
ATOM   484  C CG  . LYS A 1 56  ? -10.099 -15.631 -0.741  1.00 20.87 ? 56   LYS A CG  1 
ATOM   485  C CD  . LYS A 1 56  ? -10.576 -14.895 -1.915  1.00 21.31 ? 56   LYS A CD  1 
ATOM   486  C CE  . LYS A 1 56  ? -11.997 -14.430 -1.645  1.00 27.85 ? 56   LYS A CE  1 
ATOM   487  N NZ  . LYS A 1 56  ? -12.558 -13.669 -2.753  1.00 33.11 ? 56   LYS A NZ  1 
ATOM   488  N N   . THR A 1 57  ? -5.729  -16.067 1.084   1.00 16.73 ? 57   THR A N   1 
ATOM   489  C CA  . THR A 1 57  ? -4.262  -16.261 0.973   1.00 17.10 ? 57   THR A CA  1 
ATOM   490  C C   . THR A 1 57  ? -3.595  -15.415 2.041   1.00 18.87 ? 57   THR A C   1 
ATOM   491  O O   . THR A 1 57  ? -4.149  -14.397 2.486   1.00 18.99 ? 57   THR A O   1 
ATOM   492  C CB  . THR A 1 57  ? -3.757  -15.831 -0.389  1.00 17.39 ? 57   THR A CB  1 
ATOM   493  O OG1 . THR A 1 57  ? -2.361  -16.208 -0.573  1.00 18.62 ? 57   THR A OG1 1 
ATOM   494  C CG2 . THR A 1 57  ? -3.874  -14.285 -0.623  1.00 19.82 ? 57   THR A CG2 1 
ATOM   495  N N   . VAL A 1 58  ? -2.359  -15.749 2.404   1.00 16.72 ? 58   VAL A N   1 
ATOM   496  C CA  . VAL A 1 58  ? -1.431  -14.782 2.998   1.00 17.63 ? 58   VAL A CA  1 
ATOM   497  C C   . VAL A 1 58  ? -0.624  -14.144 1.877   1.00 16.24 ? 58   VAL A C   1 
ATOM   498  O O   . VAL A 1 58  ? -0.457  -14.728 0.811   1.00 17.53 ? 58   VAL A O   1 
ATOM   499  C CB  . VAL A 1 58  ? -0.528  -15.390 4.082   1.00 17.33 ? 58   VAL A CB  1 
ATOM   500  C CG1 . VAL A 1 58  ? -1.356  -16.200 5.108   1.00 17.19 ? 58   VAL A CG1 1 
ATOM   501  C CG2 . VAL A 1 58  ? 0.567   -16.297 3.480   1.00 17.14 ? 58   VAL A CG2 1 
ATOM   502  N N   . MET A 1 59  ? -0.138  -12.923 2.090   1.00 15.43 ? 59   MET A N   1 
ATOM   503  C CA  A MET A 1 59  ? 0.704   -12.286 1.121   0.70 16.04 ? 59   MET A CA  1 
ATOM   504  C CA  B MET A 1 59  ? 0.594   -12.184 1.062   0.30 15.08 ? 59   MET A CA  1 
ATOM   505  C C   . MET A 1 59  ? 1.447   -11.109 1.681   1.00 15.82 ? 59   MET A C   1 
ATOM   506  O O   . MET A 1 59  ? 1.168   -10.633 2.780   1.00 16.68 ? 59   MET A O   1 
ATOM   507  C CB  A MET A 1 59  ? -0.099  -11.890 -0.095  0.70 20.51 ? 59   MET A CB  1 
ATOM   508  C CB  B MET A 1 59  ? -0.370  -11.534 0.054   0.30 16.35 ? 59   MET A CB  1 
ATOM   509  C CG  A MET A 1 59  ? -1.259  -10.947 0.235   0.70 21.97 ? 59   MET A CG  1 
ATOM   510  C CG  B MET A 1 59  ? -1.085  -10.262 0.542   0.30 14.94 ? 59   MET A CG  1 
ATOM   511  S SD  A MET A 1 59  ? -0.792  -9.214  0.225   0.70 24.17 ? 59   MET A SD  1 
ATOM   512  S SD  B MET A 1 59  ? -1.736  -9.261  -0.831  0.30 15.20 ? 59   MET A SD  1 
ATOM   513  C CE  A MET A 1 59  ? -0.556  -8.960  -1.506  0.70 23.66 ? 59   MET A CE  1 
ATOM   514  C CE  B MET A 1 59  ? -0.269  -8.386  -1.331  0.30 16.16 ? 59   MET A CE  1 
ATOM   515  N N   . SER A 1 60  ? 2.469   -10.685 0.949   1.00 14.87 ? 60   SER A N   1 
ATOM   516  C CA  . SER A 1 60  ? 3.208   -9.476  1.232   1.00 14.84 ? 60   SER A CA  1 
ATOM   517  C C   . SER A 1 60  ? 2.900   -8.374  0.242   1.00 15.57 ? 60   SER A C   1 
ATOM   518  O O   . SER A 1 60  ? 2.929   -8.580  -0.972  1.00 16.44 ? 60   SER A O   1 
ATOM   519  C CB  . SER A 1 60  ? 4.738   -9.728  1.200   1.00 15.62 ? 60   SER A CB  1 
ATOM   520  O OG  . SER A 1 60  ? 5.172   -10.685 2.137   1.00 16.91 ? 60   SER A OG  1 
ATOM   521  N N   . VAL A 1 61  ? 2.687   -7.167  0.767   1.00 15.18 ? 61   VAL A N   1 
ATOM   522  C CA  . VAL A 1 61  ? 2.615   -5.955  -0.044  1.00 15.24 ? 61   VAL A CA  1 
ATOM   523  C C   . VAL A 1 61  ? 4.040   -5.506  -0.330  1.00 15.35 ? 61   VAL A C   1 
ATOM   524  O O   . VAL A 1 61  ? 4.810   -5.194  0.598   1.00 17.32 ? 61   VAL A O   1 
ATOM   525  C CB  . VAL A 1 61  ? 1.826   -4.883  0.713   1.00 17.14 ? 61   VAL A CB  1 
ATOM   526  C CG1 . VAL A 1 61  ? 1.907   -3.552  -0.062  1.00 18.24 ? 61   VAL A CG1 1 
ATOM   527  C CG2 . VAL A 1 61  ? 0.415   -5.326  0.960   1.00 18.18 ? 61   VAL A CG2 1 
ATOM   528  N N   . LEU A 1 62  ? 4.381   -5.509  -1.636  1.00 16.19 ? 62   LEU A N   1 
ATOM   529  C CA  . LEU A 1 62  ? 5.764   -5.195  -2.067  1.00 18.08 ? 62   LEU A CA  1 
ATOM   530  C C   . LEU A 1 62  ? 5.792   -3.794  -2.681  1.00 18.72 ? 62   LEU A C   1 
ATOM   531  O O   . LEU A 1 62  ? 4.861   -3.411  -3.420  1.00 17.97 ? 62   LEU A O   1 
ATOM   532  C CB  . LEU A 1 62  ? 6.263   -6.230  -3.092  1.00 19.47 ? 62   LEU A CB  1 
ATOM   533  C CG  . LEU A 1 62  ? 6.190   -7.697  -2.667  1.00 18.89 ? 62   LEU A CG  1 
ATOM   534  C CD1 . LEU A 1 62  ? 6.758   -8.618  -3.776  1.00 21.20 ? 62   LEU A CD1 1 
ATOM   535  C CD2 . LEU A 1 62  ? 6.940   -7.953  -1.376  1.00 18.04 ? 62   LEU A CD2 1 
ATOM   536  N N   . SER A 1 63  ? 6.832   -3.024  -2.414  1.00 18.52 ? 63   SER A N   1 
ATOM   537  C CA  . SER A 1 63  ? 6.803   -1.617  -2.829  1.00 19.46 ? 63   SER A CA  1 
ATOM   538  C C   . SER A 1 63  ? 6.954   -1.497  -4.344  1.00 18.68 ? 63   SER A C   1 
ATOM   539  O O   . SER A 1 63  ? 7.907   -2.023  -4.925  1.00 18.70 ? 63   SER A O   1 
ATOM   540  C CB  . SER A 1 63  ? 7.858   -0.800  -2.174  1.00 19.00 ? 63   SER A CB  1 
ATOM   541  O OG  . SER A 1 63  ? 7.579   0.573   -2.477  1.00 20.68 ? 63   SER A OG  1 
ATOM   542  N N   . PRO A 1 64  ? 6.074   -0.710  -4.998  1.00 17.94 ? 64   PRO A N   1 
ATOM   543  C CA  . PRO A 1 64  ? 6.289   -0.463  -6.421  1.00 18.55 ? 64   PRO A CA  1 
ATOM   544  C C   . PRO A 1 64  ? 7.271   0.654   -6.714  1.00 19.16 ? 64   PRO A C   1 
ATOM   545  O O   . PRO A 1 64  ? 7.654   0.833   -7.863  1.00 20.21 ? 64   PRO A O   1 
ATOM   546  C CB  . PRO A 1 64  ? 4.864   -0.080  -6.906  1.00 20.43 ? 64   PRO A CB  1 
ATOM   547  C CG  . PRO A 1 64  ? 4.264   0.562   -5.719  1.00 21.26 ? 64   PRO A CG  1 
ATOM   548  C CD  . PRO A 1 64  ? 4.785   -0.210  -4.520  1.00 19.19 ? 64   PRO A CD  1 
ATOM   549  N N   . LEU A 1 65  ? 7.725   1.347   -5.686  1.00 18.51 ? 65   LEU A N   1 
ATOM   550  C CA  . LEU A 1 65  ? 8.605   2.521   -5.821  1.00 17.65 ? 65   LEU A CA  1 
ATOM   551  C C   . LEU A 1 65  ? 9.680   2.485   -4.737  1.00 20.28 ? 65   LEU A C   1 
ATOM   552  O O   . LEU A 1 65  ? 9.399   2.144   -3.549  1.00 20.92 ? 65   LEU A O   1 
ATOM   553  C CB  . LEU A 1 65  ? 7.788   3.794   -5.649  1.00 17.42 ? 65   LEU A CB  1 
ATOM   554  C CG  . LEU A 1 65  ? 6.789   4.141   -6.769  1.00 18.10 ? 65   LEU A CG  1 
ATOM   555  C CD1 . LEU A 1 65  ? 5.788   5.155   -6.263  1.00 20.68 ? 65   LEU A CD1 1 
ATOM   556  C CD2 . LEU A 1 65  ? 7.465   4.642   -8.048  1.00 18.81 ? 65   LEU A CD2 1 
ATOM   557  N N   . ALA A 1 66  ? 10.873  2.952   -5.084  1.00 19.68 ? 66   ALA A N   1 
ATOM   558  C CA  . ALA A 1 66  ? 11.877  3.276   -4.070  1.00 21.10 ? 66   ALA A CA  1 
ATOM   559  C C   . ALA A 1 66  ? 11.496  4.576   -3.365  1.00 22.25 ? 66   ALA A C   1 
ATOM   560  O O   . ALA A 1 66  ? 11.035  5.537   -4.023  1.00 21.43 ? 66   ALA A O   1 
ATOM   561  C CB  . ALA A 1 66  ? 13.227  3.406   -4.729  1.00 22.21 ? 66   ALA A CB  1 
ATOM   562  N N   . GLY A 1 67  ? 11.699  4.651   -2.050  1.00 20.18 ? 67   GLY A N   1 
ATOM   563  C CA  . GLY A 1 67  ? 11.389  5.797   -1.317  1.00 21.30 ? 67   GLY A CA  1 
ATOM   564  C C   . GLY A 1 67  ? 11.609  5.666   0.174   1.00 22.75 ? 67   GLY A C   1 
ATOM   565  O O   . GLY A 1 67  ? 11.863  4.562   0.652   1.00 23.98 ? 67   GLY A O   1 
ATOM   566  N N   . ALA A 1 68  ? 11.404  6.742   0.850   1.00 21.85 ? 68   ALA A N   1 
ATOM   567  C CA  . ALA A 1 68  ? 11.570  6.820   2.303   1.00 22.01 ? 68   ALA A CA  1 
ATOM   568  C C   . ALA A 1 68  ? 10.209  6.828   2.978   1.00 21.96 ? 68   ALA A C   1 
ATOM   569  O O   . ALA A 1 68  ? 9.309   7.611   2.632   1.00 21.63 ? 68   ALA A O   1 
ATOM   570  C CB  . ALA A 1 68  ? 12.351  8.090   2.642   1.00 22.82 ? 68   ALA A CB  1 
ATOM   571  N N   . VAL A 1 69  ? 10.032  5.939   3.963   1.00 22.44 ? 69   VAL A N   1 
ATOM   572  C CA  . VAL A 1 69  ? 8.758   5.855   4.659   1.00 21.39 ? 69   VAL A CA  1 
ATOM   573  C C   . VAL A 1 69  ? 8.587   7.016   5.589   1.00 22.23 ? 69   VAL A C   1 
ATOM   574  O O   . VAL A 1 69  ? 9.481   7.236   6.498   1.00 27.27 ? 69   VAL A O   1 
ATOM   575  C CB  . VAL A 1 69  ? 8.619   4.518   5.410   1.00 22.21 ? 69   VAL A CB  1 
ATOM   576  C CG1 . VAL A 1 69  ? 7.310   4.502   6.193   1.00 23.58 ? 69   VAL A CG1 1 
ATOM   577  C CG2 . VAL A 1 69  ? 8.719   3.350   4.506   1.00 25.04 ? 69   VAL A CG2 1 
ATOM   578  N N   . VAL A 1 70  ? 7.547   7.782   5.461   1.00 20.73 ? 70   VAL A N   1 
ATOM   579  C CA  . VAL A 1 70  ? 7.272   8.825   6.415   1.00 24.30 ? 70   VAL A CA  1 
ATOM   580  C C   . VAL A 1 70  ? 6.101   8.559   7.339   1.00 26.45 ? 70   VAL A C   1 
ATOM   581  O O   . VAL A 1 70  ? 6.029   9.135   8.440   1.00 30.27 ? 70   VAL A O   1 
ATOM   582  C CB  . VAL A 1 70  ? 7.196   10.213  5.825   1.00 30.64 ? 70   VAL A CB  1 
ATOM   583  C CG1 . VAL A 1 70  ? 8.553   10.600  5.249   1.00 32.02 ? 70   VAL A CG1 1 
ATOM   584  C CG2 . VAL A 1 70  ? 6.151   10.307  4.801   1.00 27.14 ? 70   VAL A CG2 1 
ATOM   585  N N   . GLU A 1 71  ? 5.160   7.673   6.932   1.00 24.34 ? 71   GLU A N   1 
ATOM   586  C CA  A GLU A 1 71  ? 4.005   7.326   7.773   0.70 24.69 ? 71   GLU A CA  1 
ATOM   587  C CA  B GLU A 1 71  ? 4.055   7.305   7.796   0.30 24.02 ? 71   GLU A CA  1 
ATOM   588  C C   . GLU A 1 71  ? 3.599   5.908   7.424   1.00 22.72 ? 71   GLU A C   1 
ATOM   589  O O   . GLU A 1 71  ? 3.676   5.538   6.286   1.00 19.81 ? 71   GLU A O   1 
ATOM   590  C CB  A GLU A 1 71  ? 2.812   8.250   7.484   0.70 28.65 ? 71   GLU A CB  1 
ATOM   591  C CB  B GLU A 1 71  ? 2.914   8.298   7.621   0.30 25.88 ? 71   GLU A CB  1 
ATOM   592  C CG  A GLU A 1 71  ? 3.203   9.695   7.158   0.70 33.45 ? 71   GLU A CG  1 
ATOM   593  C CG  B GLU A 1 71  ? 1.620   7.928   8.312   0.30 28.34 ? 71   GLU A CG  1 
ATOM   594  C CD  A GLU A 1 71  ? 2.197   10.704  7.592   0.70 42.42 ? 71   GLU A CD  1 
ATOM   595  C CD  B GLU A 1 71  ? 1.286   8.810   9.496   0.30 26.74 ? 71   GLU A CD  1 
ATOM   596  O OE1 A GLU A 1 71  ? 1.027   10.520  7.262   0.70 45.15 ? 71   GLU A OE1 1 
ATOM   597  O OE1 B GLU A 1 71  ? 1.740   9.975   9.538   0.30 27.74 ? 71   GLU A OE1 1 
ATOM   598  O OE2 A GLU A 1 71  ? 2.607   11.718  8.242   0.70 40.66 ? 71   GLU A OE2 1 
ATOM   599  O OE2 B GLU A 1 71  ? 0.551   8.325   10.383  0.30 25.32 ? 71   GLU A OE2 1 
ATOM   600  N N   . ARG A 1 72  ? 3.232   5.101   8.421   1.00 21.12 ? 72   ARG A N   1 
ATOM   601  C CA  . ARG A 1 72  ? 2.639   3.754   8.257   1.00 19.86 ? 72   ARG A CA  1 
ATOM   602  C C   . ARG A 1 72  ? 1.289   3.774   8.928   1.00 18.62 ? 72   ARG A C   1 
ATOM   603  O O   . ARG A 1 72  ? 1.106   4.364   10.006  1.00 20.39 ? 72   ARG A O   1 
ATOM   604  C CB  . ARG A 1 72  ? 3.491   2.629   8.919   1.00 20.46 ? 72   ARG A CB  1 
ATOM   605  C CG  . ARG A 1 72  ? 4.872   2.423   8.280   1.00 22.15 ? 72   ARG A CG  1 
ATOM   606  C CD  . ARG A 1 72  ? 5.680   1.314   8.989   1.00 20.98 ? 72   ARG A CD  1 
ATOM   607  N NE  . ARG A 1 72  ? 6.911   1.049   8.400   1.00 24.41 ? 72   ARG A NE  1 
ATOM   608  C CZ  . ARG A 1 72  ? 8.014   1.689   8.665   1.00 23.25 ? 72   ARG A CZ  1 
ATOM   609  N NH1 . ARG A 1 72  ? 8.002   2.623   9.617   1.00 25.06 ? 72   ARG A NH1 1 
ATOM   610  N NH2 . ARG A 1 72  ? 9.128   1.347   8.078   1.00 24.92 ? 72   ARG A NH2 1 
ATOM   611  N N   . ASN A 1 73  ? 0.315   3.020   8.366   1.00 16.98 ? 73   ASN A N   1 
ATOM   612  C CA  . ASN A 1 73  ? -1.030  2.969   8.945   1.00 17.58 ? 73   ASN A CA  1 
ATOM   613  C C   . ASN A 1 73  ? -1.055  1.898   10.035  1.00 18.32 ? 73   ASN A C   1 
ATOM   614  O O   . ASN A 1 73  ? -1.683  0.836   9.927   1.00 17.11 ? 73   ASN A O   1 
ATOM   615  C CB  . ASN A 1 73  ? -2.064  2.646   7.864   1.00 16.61 ? 73   ASN A CB  1 
ATOM   616  C CG  . ASN A 1 73  ? -3.515  2.801   8.360   1.00 18.47 ? 73   ASN A CG  1 
ATOM   617  O OD1 . ASN A 1 73  ? -3.770  3.279   9.475   1.00 18.41 ? 73   ASN A OD1 1 
ATOM   618  N ND2 . ASN A 1 73  ? -4.490  2.316   7.574   1.00 17.48 ? 73   ASN A ND2 1 
ATOM   619  N N   . GLU A 1 74  ? -0.337  2.205   11.134  1.00 19.02 ? 74   GLU A N   1 
ATOM   620  C CA  . GLU A 1 74  ? -0.098  1.228   12.212  1.00 18.66 ? 74   GLU A CA  1 
ATOM   621  C C   . GLU A 1 74  ? -1.388  0.845   12.943  1.00 17.64 ? 74   GLU A C   1 
ATOM   622  O O   . GLU A 1 74  ? -1.486  -0.249  13.490  1.00 18.83 ? 74   GLU A O   1 
ATOM   623  C CB  . GLU A 1 74  ? 0.933   1.799   13.219  1.00 20.76 ? 74   GLU A CB  1 
ATOM   624  C CG  . GLU A 1 74  ? 2.347   1.870   12.645  1.00 26.75 ? 74   GLU A CG  1 
ATOM   625  C CD  . GLU A 1 74  ? 3.399   2.459   13.582  1.00 41.56 ? 74   GLU A CD  1 
ATOM   626  O OE1 . GLU A 1 74  ? 3.055   3.271   14.484  1.00 48.45 ? 74   GLU A OE1 1 
ATOM   627  O OE2 . GLU A 1 74  ? 4.601   2.121   13.377  1.00 55.58 ? 74   GLU A OE2 1 
ATOM   628  N N   . ALA A 1 75  ? -2.438  1.669   12.817  1.00 18.15 ? 75   ALA A N   1 
ATOM   629  C CA  . ALA A 1 75  ? -3.759  1.327   13.304  1.00 18.07 ? 75   ALA A CA  1 
ATOM   630  C C   . ALA A 1 75  ? -4.288  -0.005  12.772  1.00 18.88 ? 75   ALA A C   1 
ATOM   631  O O   . ALA A 1 75  ? -5.024  -0.704  13.416  1.00 17.92 ? 75   ALA A O   1 
ATOM   632  C CB  . ALA A 1 75  ? -4.780  2.428   13.026  1.00 19.25 ? 75   ALA A CB  1 
ATOM   633  N N   . ALA A 1 76  ? -3.887  -0.323  11.549  1.00 16.65 ? 76   ALA A N   1 
ATOM   634  C CA  . ALA A 1 76  ? -4.333  -1.584  10.911  1.00 17.90 ? 76   ALA A CA  1 
ATOM   635  C C   . ALA A 1 76  ? -3.837  -2.828  11.586  1.00 16.68 ? 76   ALA A C   1 
ATOM   636  O O   . ALA A 1 76  ? -4.444  -3.889  11.454  1.00 18.58 ? 76   ALA A O   1 
ATOM   637  C CB  . ALA A 1 76  ? -3.949  -1.584  9.428   1.00 18.02 ? 76   ALA A CB  1 
ATOM   638  N N   . THR A 1 77  ? -2.746  -2.739  12.366  1.00 17.33 ? 77   THR A N   1 
ATOM   639  C CA  A THR A 1 77  ? -2.239  -3.946  13.044  0.70 18.81 ? 77   THR A CA  1 
ATOM   640  C CA  B THR A 1 77  ? -2.179  -3.910  13.074  0.30 18.55 ? 77   THR A CA  1 
ATOM   641  C C   . THR A 1 77  ? -3.134  -4.358  14.196  1.00 19.38 ? 77   THR A C   1 
ATOM   642  O O   . THR A 1 77  ? -3.483  -5.530  14.342  1.00 20.79 ? 77   THR A O   1 
ATOM   643  C CB  A THR A 1 77  ? -0.847  -3.740  13.530  0.70 20.59 ? 77   THR A CB  1 
ATOM   644  C CB  B THR A 1 77  ? -0.721  -3.606  13.598  0.30 19.32 ? 77   THR A CB  1 
ATOM   645  O OG1 A THR A 1 77  ? 0.059   -3.635  12.381  0.70 21.91 ? 77   THR A OG1 1 
ATOM   646  O OG1 B THR A 1 77  ? -0.711  -2.612  14.640  0.30 20.42 ? 77   THR A OG1 1 
ATOM   647  C CG2 A THR A 1 77  ? -0.422  -4.940  14.417  0.70 22.51 ? 77   THR A CG2 1 
ATOM   648  C CG2 B THR A 1 77  ? 0.183   -3.107  12.426  0.30 19.35 ? 77   THR A CG2 1 
ATOM   649  N N   . LEU A 1 78  ? -3.686  -3.360  14.887  1.00 18.47 ? 78   LEU A N   1 
ATOM   650  C CA  A LEU A 1 78  ? -4.700  -3.605  15.919  0.70 19.68 ? 78   LEU A CA  1 
ATOM   651  C CA  B LEU A 1 78  ? -4.652  -3.627  15.954  0.30 19.86 ? 78   LEU A CA  1 
ATOM   652  C C   . LEU A 1 78  ? -6.063  -3.942  15.371  1.00 20.77 ? 78   LEU A C   1 
ATOM   653  O O   . LEU A 1 78  ? -6.762  -4.846  15.846  1.00 22.30 ? 78   LEU A O   1 
ATOM   654  C CB  A LEU A 1 78  ? -4.834  -2.354  16.816  0.70 20.49 ? 78   LEU A CB  1 
ATOM   655  C CB  B LEU A 1 78  ? -4.694  -2.432  16.986  0.30 20.01 ? 78   LEU A CB  1 
ATOM   656  C CG  A LEU A 1 78  ? -5.932  -2.490  17.852  0.70 20.49 ? 78   LEU A CG  1 
ATOM   657  C CG  B LEU A 1 78  ? -3.357  -2.007  17.689  0.30 20.03 ? 78   LEU A CG  1 
ATOM   658  C CD1 A LEU A 1 78  ? -5.535  -3.526  18.904  0.70 23.26 ? 78   LEU A CD1 1 
ATOM   659  C CD1 B LEU A 1 78  ? -3.554  -0.836  18.683  0.30 20.39 ? 78   LEU A CD1 1 
ATOM   660  C CD2 A LEU A 1 78  ? -6.125  -1.102  18.489  0.70 20.71 ? 78   LEU A CD2 1 
ATOM   661  C CD2 B LEU A 1 78  ? -2.716  -3.168  18.380  0.30 21.42 ? 78   LEU A CD2 1 
ATOM   662  N N   . THR A 1 79  ? -6.438  -3.219  14.308  1.00 19.05 ? 79   THR A N   1 
ATOM   663  C CA  . THR A 1 79  ? -7.736  -3.255  13.727  1.00 20.36 ? 79   THR A CA  1 
ATOM   664  C C   . THR A 1 79  ? -7.660  -3.539  12.184  1.00 17.97 ? 79   THR A C   1 
ATOM   665  O O   . THR A 1 79  ? -7.807  -2.614  11.371  1.00 18.70 ? 79   THR A O   1 
ATOM   666  C CB  . THR A 1 79  ? -8.482  -1.952  14.007  1.00 23.79 ? 79   THR A CB  1 
ATOM   667  O OG1 . THR A 1 79  ? -8.350  -1.659  15.452  1.00 25.18 ? 79   THR A OG1 1 
ATOM   668  C CG2 . THR A 1 79  ? -9.917  -2.091  13.653  1.00 27.38 ? 79   THR A CG2 1 
ATOM   669  N N   . PRO A 1 80  ? -7.410  -4.824  11.794  1.00 18.70 ? 80   PRO A N   1 
ATOM   670  C CA  . PRO A 1 80  ? -7.202  -5.123  10.375  1.00 18.55 ? 80   PRO A CA  1 
ATOM   671  C C   . PRO A 1 80  ? -8.431  -4.868  9.486   1.00 16.81 ? 80   PRO A C   1 
ATOM   672  O O   . PRO A 1 80  ? -8.322  -4.717  8.264   1.00 18.37 ? 80   PRO A O   1 
ATOM   673  C CB  . PRO A 1 80  ? -6.813  -6.605  10.376  1.00 19.61 ? 80   PRO A CB  1 
ATOM   674  C CG  . PRO A 1 80  ? -7.245  -7.148  11.689  1.00 26.77 ? 80   PRO A CG  1 
ATOM   675  C CD  . PRO A 1 80  ? -7.078  -5.998  12.637  1.00 21.01 ? 80   PRO A CD  1 
ATOM   676  N N   . THR A 1 81  ? -9.623  -4.793  10.109  1.00 17.14 ? 81   THR A N   1 
ATOM   677  C CA  . THR A 1 81  ? -10.812 -4.354  9.470   1.00 16.47 ? 81   THR A CA  1 
ATOM   678  C C   . THR A 1 81  ? -10.608 -3.110  8.572   1.00 16.86 ? 81   THR A C   1 
ATOM   679  O O   . THR A 1 81  ? -11.166 -3.021  7.471   1.00 17.19 ? 81   THR A O   1 
ATOM   680  C CB  . THR A 1 81  ? -11.898 -4.017  10.533  1.00 17.63 ? 81   THR A CB  1 
ATOM   681  O OG1 . THR A 1 81  ? -12.011 -5.086  11.446  1.00 19.80 ? 81   THR A OG1 1 
ATOM   682  C CG2 . THR A 1 81  ? -13.222 -3.628  9.890   1.00 17.21 ? 81   THR A CG2 1 
ATOM   683  N N   . LEU A 1 82  ? -9.785  -2.149  9.029   1.00 16.19 ? 82   LEU A N   1 
ATOM   684  C CA  . LEU A 1 82  ? -9.472  -0.937  8.276   1.00 16.03 ? 82   LEU A CA  1 
ATOM   685  C C   . LEU A 1 82  ? -9.045  -1.219  6.800   1.00 15.80 ? 82   LEU A C   1 
ATOM   686  O O   . LEU A 1 82  ? -9.352  -0.475  5.877   1.00 17.17 ? 82   LEU A O   1 
ATOM   687  C CB  . LEU A 1 82  ? -8.357  -0.123  8.986   1.00 16.89 ? 82   LEU A CB  1 
ATOM   688  C CG  . LEU A 1 82  ? -8.767  0.495   10.367  1.00 17.47 ? 82   LEU A CG  1 
ATOM   689  C CD1 . LEU A 1 82  ? -7.552  0.987   11.106  1.00 18.46 ? 82   LEU A CD1 1 
ATOM   690  C CD2 . LEU A 1 82  ? -9.781  1.609   10.186  1.00 19.59 ? 82   LEU A CD2 1 
ATOM   691  N N   . LEU A 1 83  ? -8.211  -2.249  6.627   1.00 16.12 ? 83   LEU A N   1 
ATOM   692  C CA  . LEU A 1 83  ? -7.707  -2.553  5.289   1.00 16.91 ? 83   LEU A CA  1 
ATOM   693  C C   . LEU A 1 83  ? -8.707  -3.265  4.379   1.00 16.36 ? 83   LEU A C   1 
ATOM   694  O O   . LEU A 1 83  ? -8.464  -3.393  3.191   1.00 15.80 ? 83   LEU A O   1 
ATOM   695  C CB  . LEU A 1 83  ? -6.401  -3.368  5.361   1.00 16.69 ? 83   LEU A CB  1 
ATOM   696  C CG  . LEU A 1 83  ? -5.240  -2.671  6.109   1.00 16.47 ? 83   LEU A CG  1 
ATOM   697  C CD1 . LEU A 1 83  ? -4.038  -3.622  6.164   1.00 17.13 ? 83   LEU A CD1 1 
ATOM   698  C CD2 . LEU A 1 83  ? -4.877  -1.374  5.525   1.00 17.73 ? 83   LEU A CD2 1 
ATOM   699  N N   . ASN A 1 84  ? -9.838  -3.697  4.946   1.00 15.94 ? 84   ASN A N   1 
ATOM   700  C CA  . ASN A 1 84  ? -10.960 -4.239  4.120   1.00 15.69 ? 84   ASN A CA  1 
ATOM   701  C C   . ASN A 1 84  ? -11.959 -3.114  3.703   1.00 15.07 ? 84   ASN A C   1 
ATOM   702  O O   . ASN A 1 84  ? -12.849 -3.357  2.899   1.00 16.11 ? 84   ASN A O   1 
ATOM   703  C CB  . ASN A 1 84  ? -11.708 -5.289  4.900   1.00 16.24 ? 84   ASN A CB  1 
ATOM   704  C CG  . ASN A 1 84  ? -10.826 -6.450  5.358   1.00 16.05 ? 84   ASN A CG  1 
ATOM   705  O OD1 . ASN A 1 84  ? -9.981  -6.933  4.579   1.00 16.82 ? 84   ASN A OD1 1 
ATOM   706  N ND2 . ASN A 1 84  ? -11.006 -6.897  6.591   1.00 16.24 ? 84   ASN A ND2 1 
ATOM   707  N N   . SER A 1 85  ? -11.748 -1.899  4.229   1.00 14.67 ? 85   SER A N   1 
ATOM   708  C CA  . SER A 1 85  ? -12.668 -0.775  3.937   1.00 15.66 ? 85   SER A CA  1 
ATOM   709  C C   . SER A 1 85  ? -12.446 -0.165  2.612   1.00 16.40 ? 85   SER A C   1 
ATOM   710  O O   . SER A 1 85  ? -11.348 -0.225  2.047   1.00 16.21 ? 85   SER A O   1 
ATOM   711  C CB  . SER A 1 85  ? -12.392 0.255   5.035   1.00 17.95 ? 85   SER A CB  1 
ATOM   712  O OG  . SER A 1 85  ? -13.201 1.427   4.888   1.00 17.67 ? 85   SER A OG  1 
ATOM   713  N N   . GLU A 1 86  ? -13.468 0.566   2.128   1.00 16.37 ? 86   GLU A N   1 
ATOM   714  C CA  . GLU A 1 86  ? -13.394 1.440   0.936   1.00 17.31 ? 86   GLU A CA  1 
ATOM   715  C C   . GLU A 1 86  ? -12.938 2.859   1.262   1.00 16.54 ? 86   GLU A C   1 
ATOM   716  O O   . GLU A 1 86  ? -12.672 3.632   0.333   1.00 19.85 ? 86   GLU A O   1 
ATOM   717  C CB  . GLU A 1 86  ? -14.739 1.505   0.223   1.00 16.21 ? 86   GLU A CB  1 
ATOM   718  C CG  . GLU A 1 86  ? -15.783 2.486   0.812   1.00 17.38 ? 86   GLU A CG  1 
ATOM   719  C CD  . GLU A 1 86  ? -16.445 2.083   2.105   1.00 18.84 ? 86   GLU A CD  1 
ATOM   720  O OE1 . GLU A 1 86  ? -16.162 1.004   2.739   1.00 17.77 ? 86   GLU A OE1 1 
ATOM   721  O OE2 . GLU A 1 86  ? -17.325 2.870   2.610   1.00 20.56 ? 86   GLU A OE2 1 
ATOM   722  N N   . LYS A 1 87  ? -12.855 3.167   2.532   1.00 16.81 ? 87   LYS A N   1 
ATOM   723  C CA  . LYS A 1 87  ? -12.577 4.593   2.932   1.00 18.29 ? 87   LYS A CA  1 
ATOM   724  C C   . LYS A 1 87  ? -11.080 4.887   2.871   1.00 18.40 ? 87   LYS A C   1 
ATOM   725  O O   . LYS A 1 87  ? -10.263 4.163   3.477   1.00 18.41 ? 87   LYS A O   1 
ATOM   726  C CB  . LYS A 1 87  ? -13.121 4.868   4.307   1.00 19.21 ? 87   LYS A CB  1 
ATOM   727  C CG  . LYS A 1 87  ? -14.626 4.626   4.417   1.00 20.82 ? 87   LYS A CG  1 
ATOM   728  C CD  . LYS A 1 87  ? -15.190 4.891   5.798   1.00 24.41 ? 87   LYS A CD  1 
ATOM   729  C CE  . LYS A 1 87  ? -16.704 4.561   5.790   1.00 28.99 ? 87   LYS A CE  1 
ATOM   730  N NZ  . LYS A 1 87  ? -17.267 4.579   7.173   1.00 34.50 ? 87   LYS A NZ  1 
ATOM   731  N N   . ALA A 1 88  ? -10.712 5.967   2.213   1.00 19.75 ? 88   ALA A N   1 
ATOM   732  C CA  . ALA A 1 88  ? -9.285  6.338   2.046   1.00 18.82 ? 88   ALA A CA  1 
ATOM   733  C C   . ALA A 1 88  ? -8.540  6.554   3.369   1.00 19.13 ? 88   ALA A C   1 
ATOM   734  O O   . ALA A 1 88  ? -7.360  6.234   3.463   1.00 20.08 ? 88   ALA A O   1 
ATOM   735  C CB  . ALA A 1 88  ? -9.179  7.596   1.199   1.00 20.42 ? 88   ALA A CB  1 
ATOM   736  N N   . GLU A 1 89  ? -9.206  7.072   4.392   1.00 20.18 ? 89   GLU A N   1 
ATOM   737  C CA  . GLU A 1 89  ? -8.558  7.266   5.665   1.00 21.75 ? 89   GLU A CA  1 
ATOM   738  C C   . GLU A 1 89  ? -8.294  6.007   6.439   1.00 18.93 ? 89   GLU A C   1 
ATOM   739  O O   . GLU A 1 89  ? -7.547  5.985   7.419   1.00 21.86 ? 89   GLU A O   1 
ATOM   740  C CB  . GLU A 1 89  ? -9.370  8.282   6.542   1.00 26.48 ? 89   GLU A CB  1 
ATOM   741  C CG  . GLU A 1 89  ? -10.758 7.864   6.921   1.00 32.29 ? 89   GLU A CG  1 
ATOM   742  C CD  . GLU A 1 89  ? -11.918 8.130   5.841   1.00 33.45 ? 89   GLU A CD  1 
ATOM   743  O OE1 . GLU A 1 89  ? -11.708 8.374   4.539   1.00 30.01 ? 89   GLU A OE1 1 
ATOM   744  O OE2 . GLU A 1 89  ? -13.126 8.073   6.314   1.00 39.50 ? 89   GLU A OE2 1 
ATOM   745  N N   . GLU A 1 90  ? -8.945  4.896   5.984   1.00 17.32 ? 90   GLU A N   1 
ATOM   746  C CA  . GLU A 1 90  ? -8.839  3.622   6.626   1.00 17.71 ? 90   GLU A CA  1 
ATOM   747  C C   . GLU A 1 90  ? -7.915  2.650   5.854   1.00 16.17 ? 90   GLU A C   1 
ATOM   748  O O   . GLU A 1 90  ? -7.169  1.880   6.481   1.00 17.25 ? 90   GLU A O   1 
ATOM   749  C CB  . GLU A 1 90  ? -10.200 3.002   6.806   1.00 18.05 ? 90   GLU A CB  1 
ATOM   750  C CG  . GLU A 1 90  ? -11.095 3.890   7.704   1.00 19.03 ? 90   GLU A CG  1 
ATOM   751  C CD  . GLU A 1 90  ? -12.402 3.305   8.050   1.00 21.04 ? 90   GLU A CD  1 
ATOM   752  O OE1 . GLU A 1 90  ? -12.936 2.377   7.397   1.00 21.97 ? 90   GLU A OE1 1 
ATOM   753  O OE2 . GLU A 1 90  ? -13.068 3.910   8.969   1.00 24.31 ? 90   GLU A OE2 1 
ATOM   754  N N   . ASN A 1 91  ? -7.946  2.696   4.519   1.00 16.74 ? 91   ASN A N   1 
ATOM   755  C CA  . ASN A 1 91  ? -7.312  1.637   3.709   1.00 15.67 ? 91   ASN A CA  1 
ATOM   756  C C   . ASN A 1 91  ? -5.970  1.960   3.127   1.00 16.36 ? 91   ASN A C   1 
ATOM   757  O O   . ASN A 1 91  ? -5.404  1.195   2.349   1.00 16.09 ? 91   ASN A O   1 
ATOM   758  C CB  . ASN A 1 91  ? -8.283  1.068   2.620   1.00 15.87 ? 91   ASN A CB  1 
ATOM   759  C CG  . ASN A 1 91  ? -8.558  2.027   1.515   1.00 16.69 ? 91   ASN A CG  1 
ATOM   760  O OD1 . ASN A 1 91  ? -7.799  3.006   1.296   1.00 17.60 ? 91   ASN A OD1 1 
ATOM   761  N ND2 . ASN A 1 91  ? -9.643  1.770   0.757   1.00 17.25 ? 91   ASN A ND2 1 
ATOM   762  N N   . TRP A 1 92  ? -5.383  3.075   3.581   1.00 16.59 ? 92   TRP A N   1 
ATOM   763  C CA  . TRP A 1 92  ? -3.994  3.381   3.227   1.00 16.39 ? 92   TRP A CA  1 
ATOM   764  C C   . TRP A 1 92  ? -2.991  2.485   3.994   1.00 15.80 ? 92   TRP A C   1 
ATOM   765  O O   . TRP A 1 92  ? -3.359  1.868   5.002   1.00 16.75 ? 92   TRP A O   1 
ATOM   766  C CB  . TRP A 1 92  ? -3.707  4.890   3.418   1.00 15.91 ? 92   TRP A CB  1 
ATOM   767  C CG  . TRP A 1 92  ? -3.694  5.374   4.852   1.00 16.60 ? 92   TRP A CG  1 
ATOM   768  C CD1 . TRP A 1 92  ? -4.755  5.667   5.620   1.00 18.03 ? 92   TRP A CD1 1 
ATOM   769  C CD2 . TRP A 1 92  ? -2.528  5.566   5.667   1.00 17.22 ? 92   TRP A CD2 1 
ATOM   770  N NE1 . TRP A 1 92  ? -4.327  6.053   6.869   1.00 19.37 ? 92   TRP A NE1 1 
ATOM   771  C CE2 . TRP A 1 92  ? -2.982  6.048   6.896   1.00 17.77 ? 92   TRP A CE2 1 
ATOM   772  C CE3 . TRP A 1 92  ? -1.155  5.509   5.427   1.00 18.88 ? 92   TRP A CE3 1 
ATOM   773  C CZ2 . TRP A 1 92  ? -2.100  6.385   7.938   1.00 19.35 ? 92   TRP A CZ2 1 
ATOM   774  C CZ3 . TRP A 1 92  ? -0.282  5.850   6.448   1.00 19.54 ? 92   TRP A CZ3 1 
ATOM   775  C CH2 . TRP A 1 92  ? -0.791  6.253   7.703   1.00 18.85 ? 92   TRP A CH2 1 
ATOM   776  N N   . ILE A 1 93  ? -1.808  2.349   3.431   1.00 15.45 ? 93   ILE A N   1 
ATOM   777  C CA  . ILE A 1 93  ? -0.794  1.449   3.912   1.00 15.83 ? 93   ILE A CA  1 
ATOM   778  C C   . ILE A 1 93  ? 0.415   2.268   4.396   1.00 16.37 ? 93   ILE A C   1 
ATOM   779  O O   . ILE A 1 93  ? 0.812   2.153   5.602   1.00 17.52 ? 93   ILE A O   1 
ATOM   780  C CB  . ILE A 1 93  ? -0.375  0.428   2.798   1.00 15.97 ? 93   ILE A CB  1 
ATOM   781  C CG1 . ILE A 1 93  ? -1.607  -0.474  2.391   1.00 17.70 ? 93   ILE A CG1 1 
ATOM   782  C CG2 . ILE A 1 93  ? 0.780   -0.417  3.302   1.00 17.58 ? 93   ILE A CG2 1 
ATOM   783  C CD1 . ILE A 1 93  ? -1.494  -1.186  1.069   1.00 18.58 ? 93   ILE A CD1 1 
ATOM   784  N N   . VAL A 1 94  ? 1.059   3.048   3.506   1.00 15.67 ? 94   VAL A N   1 
ATOM   785  C CA  A VAL A 1 94  ? 2.204   3.872   3.865   0.70 16.05 ? 94   VAL A CA  1 
ATOM   786  C CA  B VAL A 1 94  ? 2.256   3.815   3.842   0.30 15.41 ? 94   VAL A CA  1 
ATOM   787  C C   . VAL A 1 94  ? 2.217   5.129   3.054   1.00 16.45 ? 94   VAL A C   1 
ATOM   788  O O   . VAL A 1 94  ? 1.566   5.194   1.985   1.00 17.70 ? 94   VAL A O   1 
ATOM   789  C CB  A VAL A 1 94  ? 3.548   3.162   3.638   0.70 17.50 ? 94   VAL A CB  1 
ATOM   790  C CB  B VAL A 1 94  ? 3.526   3.016   3.469   0.30 15.13 ? 94   VAL A CB  1 
ATOM   791  C CG1 A VAL A 1 94  ? 3.735   2.036   4.634   0.70 19.21 ? 94   VAL A CG1 1 
ATOM   792  C CG1 B VAL A 1 94  ? 3.749   3.017   1.979   0.30 15.17 ? 94   VAL A CG1 1 
ATOM   793  C CG2 A VAL A 1 94  ? 3.719   2.635   2.205   0.70 17.08 ? 94   VAL A CG2 1 
ATOM   794  C CG2 B VAL A 1 94  ? 4.771   3.553   4.164   0.30 14.29 ? 94   VAL A CG2 1 
ATOM   795  N N   . VAL A 1 95  ? 2.936   6.153   3.536   1.00 16.40 ? 95   VAL A N   1 
ATOM   796  C CA  . VAL A 1 95  ? 3.223   7.354   2.770   1.00 17.16 ? 95   VAL A CA  1 
ATOM   797  C C   . VAL A 1 95  ? 4.689   7.435   2.562   1.00 18.69 ? 95   VAL A C   1 
ATOM   798  O O   . VAL A 1 95  ? 5.478   7.227   3.572   1.00 18.69 ? 95   VAL A O   1 
ATOM   799  C CB  . VAL A 1 95  ? 2.741   8.630   3.479   1.00 18.48 ? 95   VAL A CB  1 
ATOM   800  C CG1 . VAL A 1 95  ? 3.153   9.841   2.664   1.00 21.29 ? 95   VAL A CG1 1 
ATOM   801  C CG2 . VAL A 1 95  ? 1.256   8.608   3.761   1.00 18.62 ? 95   VAL A CG2 1 
ATOM   802  N N   . LEU A 1 96  ? 5.154   7.641   1.317   1.00 17.69 ? 96   LEU A N   1 
ATOM   803  C CA  . LEU A 1 96  ? 6.577   7.748   0.944   1.00 18.43 ? 96   LEU A CA  1 
ATOM   804  C C   . LEU A 1 96  ? 6.925   9.140   0.502   1.00 18.79 ? 96   LEU A C   1 
ATOM   805  O O   . LEU A 1 96  ? 6.101   9.892   -0.017  1.00 19.16 ? 96   LEU A O   1 
ATOM   806  C CB  . LEU A 1 96  ? 6.943   6.819   -0.190  1.00 18.08 ? 96   LEU A CB  1 
ATOM   807  C CG  . LEU A 1 96  ? 6.639   5.325   -0.068  1.00 18.79 ? 96   LEU A CG  1 
ATOM   808  C CD1 . LEU A 1 96  ? 7.165   4.530   -1.269  1.00 19.76 ? 96   LEU A CD1 1 
ATOM   809  C CD2 . LEU A 1 96  ? 7.131   4.749   1.281   1.00 20.45 ? 96   LEU A CD2 1 
ATOM   810  N N   . THR A 1 97  ? 8.173   9.498   0.788   1.00 19.98 ? 97   THR A N   1 
ATOM   811  C CA  A THR A 1 97  ? 8.830   10.651  0.139   0.50 21.08 ? 97   THR A CA  1 
ATOM   812  C CA  B THR A 1 97  ? 8.792   10.627  0.108   0.50 19.87 ? 97   THR A CA  1 
ATOM   813  C C   . THR A 1 97  ? 10.126  10.193  -0.500  1.00 20.12 ? 97   THR A C   1 
ATOM   814  O O   . THR A 1 97  ? 10.466  9.004   -0.514  1.00 21.44 ? 97   THR A O   1 
ATOM   815  C CB  A THR A 1 97  ? 9.171   11.810  1.116   0.50 24.57 ? 97   THR A CB  1 
ATOM   816  C CB  B THR A 1 97  ? 8.918   11.859  1.031   0.50 20.63 ? 97   THR A CB  1 
ATOM   817  O OG1 A THR A 1 97  ? 10.098  11.347  2.117   0.50 26.23 ? 97   THR A OG1 1 
ATOM   818  O OG1 B THR A 1 97  ? 9.255   13.013  0.257   0.50 20.43 ? 97   THR A OG1 1 
ATOM   819  C CG2 A THR A 1 97  ? 7.934   12.383  1.786   0.50 24.34 ? 97   THR A CG2 1 
ATOM   820  C CG2 B THR A 1 97  ? 9.994   11.636  2.137   0.50 21.66 ? 97   THR A CG2 1 
ATOM   821  N N   . ASP A 1 98  ? 10.880  11.164  -1.070  1.00 21.49 ? 98   ASP A N   1 
ATOM   822  C CA  A ASP A 1 98  ? 12.093  10.893  -1.815  0.70 24.03 ? 98   ASP A CA  1 
ATOM   823  C CA  B ASP A 1 98  ? 12.129  10.836  -1.781  0.30 23.32 ? 98   ASP A CA  1 
ATOM   824  C C   . ASP A 1 98  ? 11.875  9.830   -2.932  1.00 21.58 ? 98   ASP A C   1 
ATOM   825  O O   . ASP A 1 98  ? 12.686  8.920   -3.190  1.00 24.96 ? 98   ASP A O   1 
ATOM   826  C CB  A ASP A 1 98  ? 13.238  10.550  -0.865  0.70 26.61 ? 98   ASP A CB  1 
ATOM   827  C CB  B ASP A 1 98  ? 13.190  10.269  -0.801  0.30 25.10 ? 98   ASP A CB  1 
ATOM   828  C CG  A ASP A 1 98  ? 13.554  11.701  0.119   0.70 32.03 ? 98   ASP A CG  1 
ATOM   829  C CG  B ASP A 1 98  ? 14.638  10.461  -1.311  0.30 28.33 ? 98   ASP A CG  1 
ATOM   830  O OD1 A ASP A 1 98  ? 13.421  12.892  -0.236  0.70 37.74 ? 98   ASP A OD1 1 
ATOM   831  O OD1 B ASP A 1 98  ? 14.855  11.315  -2.190  0.30 29.90 ? 98   ASP A OD1 1 
ATOM   832  O OD2 A ASP A 1 98  ? 13.913  11.393  1.252   0.70 39.37 ? 98   ASP A OD2 1 
ATOM   833  O OD2 B ASP A 1 98  ? 15.541  9.758   -0.815  0.30 33.69 ? 98   ASP A OD2 1 
ATOM   834  N N   . VAL A 1 99  ? 10.754  10.020  -3.640  1.00 20.97 ? 99   VAL A N   1 
ATOM   835  C CA  . VAL A 1 99  ? 10.362  9.201   -4.762  1.00 21.27 ? 99   VAL A CA  1 
ATOM   836  C C   . VAL A 1 99  ? 10.817  9.845   -6.102  1.00 19.08 ? 99   VAL A C   1 
ATOM   837  O O   . VAL A 1 99  ? 10.813  11.068  -6.216  1.00 21.39 ? 99   VAL A O   1 
ATOM   838  C CB  . VAL A 1 99  ? 8.824   8.990   -4.782  1.00 21.64 ? 99   VAL A CB  1 
ATOM   839  C CG1 . VAL A 1 99  ? 8.357   8.362   -6.098  1.00 20.39 ? 99   VAL A CG1 1 
ATOM   840  C CG2 . VAL A 1 99  ? 8.408   8.080   -3.626  1.00 21.04 ? 99   VAL A CG2 1 
ATOM   841  N N   . ASP A 1 100 ? 11.258  9.028   -7.007  1.00 19.84 ? 100  ASP A N   1 
ATOM   842  C CA  . ASP A 1 100 ? 11.648  9.527   -8.355  1.00 19.82 ? 100  ASP A CA  1 
ATOM   843  C C   . ASP A 1 100 ? 10.420  9.822   -9.199  1.00 17.04 ? 100  ASP A C   1 
ATOM   844  O O   . ASP A 1 100 ? 9.572   8.927   -9.442  1.00 18.33 ? 100  ASP A O   1 
ATOM   845  C CB  . ASP A 1 100 ? 12.531  8.511   -9.025  1.00 21.09 ? 100  ASP A CB  1 
ATOM   846  C CG  . ASP A 1 100 ? 13.011  8.958   -10.385 1.00 23.28 ? 100  ASP A CG  1 
ATOM   847  O OD1 . ASP A 1 100 ? 13.907  9.867   -10.401 1.00 27.92 ? 100  ASP A OD1 1 
ATOM   848  O OD2 . ASP A 1 100 ? 12.476  8.452   -11.360 1.00 24.56 ? 100  ASP A OD2 1 
ATOM   849  N N   . GLN A 1 101 ? 10.326  11.079  -9.661  1.00 17.94 ? 101  GLN A N   1 
ATOM   850  C CA  . GLN A 1 101 ? 9.169   11.477  -10.502 1.00 16.71 ? 101  GLN A CA  1 
ATOM   851  C C   . GLN A 1 101 ? 8.977   10.603  -11.745 1.00 17.84 ? 101  GLN A C   1 
ATOM   852  O O   . GLN A 1 101 ? 7.837   10.152  -12.045 1.00 16.10 ? 101  GLN A O   1 
ATOM   853  C CB  . GLN A 1 101 ? 9.304   12.920  -10.935 1.00 17.53 ? 101  GLN A CB  1 
ATOM   854  C CG  . GLN A 1 101 ? 8.018   13.497  -11.579 1.00 18.18 ? 101  GLN A CG  1 
ATOM   855  C CD  . GLN A 1 101 ? 6.846   13.604  -10.625 1.00 16.04 ? 101  GLN A CD  1 
ATOM   856  O OE1 . GLN A 1 101 ? 6.923   14.237  -9.551  1.00 18.14 ? 101  GLN A OE1 1 
ATOM   857  N NE2 . GLN A 1 101 ? 5.681   13.017  -11.048 1.00 17.72 ? 101  GLN A NE2 1 
ATOM   858  N N   . ALA A 1 102 ? 10.055  10.308  -12.458 1.00 18.23 ? 102  ALA A N   1 
ATOM   859  C CA  . ALA A 1 102 ? 9.937   9.500   -13.642 1.00 17.96 ? 102  ALA A CA  1 
ATOM   860  C C   . ALA A 1 102 ? 9.439   8.101   -13.388 1.00 18.07 ? 102  ALA A C   1 
ATOM   861  O O   . ALA A 1 102 ? 8.645   7.559   -14.150 1.00 18.71 ? 102  ALA A O   1 
ATOM   862  C CB  . ALA A 1 102 ? 11.280  9.437   -14.400 1.00 18.76 ? 102  ALA A CB  1 
ATOM   863  N N   . ALA A 1 103 ? 9.872   7.508   -12.238 1.00 17.53 ? 103  ALA A N   1 
ATOM   864  C CA  . ALA A 1 103 ? 9.414   6.184   -11.879 1.00 18.34 ? 103  ALA A CA  1 
ATOM   865  C C   . ALA A 1 103 ? 7.929   6.160   -11.551 1.00 16.65 ? 103  ALA A C   1 
ATOM   866  O O   . ALA A 1 103 ? 7.221   5.202   -11.919 1.00 18.72 ? 103  ALA A O   1 
ATOM   867  C CB  . ALA A 1 103 ? 10.214  5.675   -10.651 1.00 18.62 ? 103  ALA A CB  1 
ATOM   868  N N   . PHE A 1 104 ? 7.429   7.184   -10.838 1.00 15.99 ? 104  PHE A N   1 
ATOM   869  C CA  . PHE A 1 104 ? 5.974   7.315   -10.605 1.00 15.52 ? 104  PHE A CA  1 
ATOM   870  C C   . PHE A 1 104 ? 5.231   7.487   -11.925 1.00 15.58 ? 104  PHE A C   1 
ATOM   871  O O   . PHE A 1 104 ? 4.187   6.860   -12.165 1.00 16.58 ? 104  PHE A O   1 
ATOM   872  C CB  . PHE A 1 104 ? 5.700   8.511   -9.714  1.00 16.60 ? 104  PHE A CB  1 
ATOM   873  C CG  . PHE A 1 104 ? 4.261   8.842   -9.534  1.00 15.32 ? 104  PHE A CG  1 
ATOM   874  C CD1 . PHE A 1 104 ? 3.421   8.091   -8.665  1.00 16.39 ? 104  PHE A CD1 1 
ATOM   875  C CD2 . PHE A 1 104 ? 3.665   9.852   -10.277 1.00 15.29 ? 104  PHE A CD2 1 
ATOM   876  C CE1 . PHE A 1 104 ? 2.077   8.438   -8.518  1.00 15.51 ? 104  PHE A CE1 1 
ATOM   877  C CE2 . PHE A 1 104 ? 2.326   10.218  -10.077 1.00 17.25 ? 104  PHE A CE2 1 
ATOM   878  C CZ  . PHE A 1 104 ? 1.543   9.507   -9.206  1.00 15.90 ? 104  PHE A CZ  1 
ATOM   879  N N   . ASP A 1 105 ? 5.772   8.386   -12.765 1.00 15.69 ? 105  ASP A N   1 
ATOM   880  C CA  . ASP A 1 105 ? 5.117   8.706   -14.061 1.00 15.99 ? 105  ASP A CA  1 
ATOM   881  C C   . ASP A 1 105 ? 4.945   7.442   -14.942 1.00 17.33 ? 105  ASP A C   1 
ATOM   882  O O   . ASP A 1 105 ? 3.944   7.346   -15.683 1.00 17.31 ? 105  ASP A O   1 
ATOM   883  C CB  . ASP A 1 105 ? 5.930   9.701   -14.844 1.00 15.39 ? 105  ASP A CB  1 
ATOM   884  C CG  . ASP A 1 105 ? 5.879   11.100  -14.302 1.00 16.38 ? 105  ASP A CG  1 
ATOM   885  O OD1 . ASP A 1 105 ? 5.046   11.464  -13.398 1.00 17.13 ? 105  ASP A OD1 1 
ATOM   886  O OD2 . ASP A 1 105 ? 6.708   11.926  -14.838 1.00 17.85 ? 105  ASP A OD2 1 
ATOM   887  N N   . ALA A 1 106 ? 5.898   6.512   -14.836 1.00 17.10 ? 106  ALA A N   1 
ATOM   888  C CA  . ALA A 1 106 ? 5.932   5.318   -15.680 1.00 17.31 ? 106  ALA A CA  1 
ATOM   889  C C   . ALA A 1 106 ? 4.885   4.284   -15.263 1.00 20.80 ? 106  ALA A C   1 
ATOM   890  O O   . ALA A 1 106 ? 4.596   3.332   -16.063 1.00 22.14 ? 106  ALA A O   1 
ATOM   891  C CB  . ALA A 1 106 ? 7.299   4.688   -15.660 1.00 18.82 ? 106  ALA A CB  1 
ATOM   892  N N   . LEU A 1 107 ? 4.339   4.396   -14.050 1.00 17.56 ? 107  LEU A N   1 
ATOM   893  C CA  . LEU A 1 107 ? 3.271   3.499   -13.645 1.00 18.68 ? 107  LEU A CA  1 
ATOM   894  C C   . LEU A 1 107 ? 1.980   3.677   -14.478 1.00 18.49 ? 107  LEU A C   1 
ATOM   895  O O   . LEU A 1 107 ? 1.763   4.721   -15.096 1.00 18.60 ? 107  LEU A O   1 
ATOM   896  C CB  . LEU A 1 107 ? 2.981   3.702   -12.147 1.00 17.62 ? 107  LEU A CB  1 
ATOM   897  C CG  . LEU A 1 107 ? 4.185   3.558   -11.209 1.00 18.65 ? 107  LEU A CG  1 
ATOM   898  C CD1 . LEU A 1 107 ? 3.771   3.876   -9.786  1.00 20.37 ? 107  LEU A CD1 1 
ATOM   899  C CD2 . LEU A 1 107 ? 4.817   2.176   -11.308 1.00 20.50 ? 107  LEU A CD2 1 
ATOM   900  N N   . GLU A 1 108 ? 1.109   2.664   -14.448 1.00 18.26 ? 108  GLU A N   1 
ATOM   901  C CA  A GLU A 1 108 ? -0.188  2.745   -15.109 0.50 19.60 ? 108  GLU A CA  1 
ATOM   902  C CA  B GLU A 1 108 ? -0.205  2.737   -15.106 0.50 18.47 ? 108  GLU A CA  1 
ATOM   903  C C   . GLU A 1 108 ? -1.134  3.679   -14.387 1.00 20.04 ? 108  GLU A C   1 
ATOM   904  O O   . GLU A 1 108 ? -1.202  3.673   -13.168 1.00 19.72 ? 108  GLU A O   1 
ATOM   905  C CB  A GLU A 1 108 ? -0.780  1.327   -15.205 0.50 24.45 ? 108  GLU A CB  1 
ATOM   906  C CB  B GLU A 1 108 ? -0.829  1.313   -15.173 0.50 22.25 ? 108  GLU A CB  1 
ATOM   907  C CG  A GLU A 1 108 ? 0.132   0.357   -15.937 0.50 28.39 ? 108  GLU A CG  1 
ATOM   908  C CG  B GLU A 1 108 ? -2.243  1.283   -15.729 0.50 23.57 ? 108  GLU A CG  1 
ATOM   909  C CD  A GLU A 1 108 ? 0.273   0.715   -17.420 0.50 31.86 ? 108  GLU A CD  1 
ATOM   910  C CD  B GLU A 1 108 ? -2.783  -0.123  -15.909 0.50 30.18 ? 108  GLU A CD  1 
ATOM   911  O OE1 A GLU A 1 108 ? -0.772  0.899   -18.073 0.50 35.85 ? 108  GLU A OE1 1 
ATOM   912  O OE1 B GLU A 1 108 ? -2.302  -1.035  -15.210 0.50 33.91 ? 108  GLU A OE1 1 
ATOM   913  O OE2 A GLU A 1 108 ? 1.420   0.827   -17.918 0.50 37.47 ? 108  GLU A OE2 1 
ATOM   914  O OE2 B GLU A 1 108 ? -3.715  -0.290  -16.743 0.50 34.91 ? 108  GLU A OE2 1 
ATOM   915  N N   . ASP A 1 109 ? -1.917  4.478   -15.121 1.00 19.31 ? 109  ASP A N   1 
ATOM   916  C CA  . ASP A 1 109 ? -2.917  5.361   -14.549 1.00 19.43 ? 109  ASP A CA  1 
ATOM   917  C C   . ASP A 1 109 ? -3.994  4.527   -13.817 1.00 22.31 ? 109  ASP A C   1 
ATOM   918  O O   . ASP A 1 109 ? -4.450  3.470   -14.350 1.00 23.28 ? 109  ASP A O   1 
ATOM   919  C CB  . ASP A 1 109 ? -3.661  6.183   -15.633 1.00 20.09 ? 109  ASP A CB  1 
ATOM   920  C CG  . ASP A 1 109 ? -2.855  7.307   -16.183 1.00 22.76 ? 109  ASP A CG  1 
ATOM   921  O OD1 . ASP A 1 109 ? -1.643  7.478   -15.836 1.00 22.01 ? 109  ASP A OD1 1 
ATOM   922  O OD2 . ASP A 1 109 ? -3.455  8.086   -16.997 1.00 21.45 ? 109  ASP A OD2 1 
ATOM   923  N N   . ALA A 1 110 ? -4.469  5.042   -12.675 1.00 21.07 ? 110  ALA A N   1 
ATOM   924  C CA  . ALA A 1 110 ? -5.607  4.421   -11.997 1.00 24.72 ? 110  ALA A CA  1 
ATOM   925  C C   . ALA A 1 110 ? -6.854  4.681   -12.790 1.00 29.78 ? 110  ALA A C   1 
ATOM   926  O O   . ALA A 1 110 ? -6.996  5.778   -13.372 1.00 32.35 ? 110  ALA A O   1 
ATOM   927  C CB  . ALA A 1 110 ? -5.725  4.957   -10.590 1.00 23.58 ? 110  ALA A CB  1 
ATOM   928  N N   . GLY A 1 111 ? -7.753  3.686   -12.768 1.00 37.66 ? 111  GLY A N   1 
ATOM   929  C CA  . GLY A 1 111 ? -8.884  3.589   -13.741 1.00 54.12 ? 111  GLY A CA  1 
ATOM   930  C C   . GLY A 1 111 ? -8.554  2.672   -14.935 1.00 69.27 ? 111  GLY A C   1 
ATOM   931  O O   . GLY A 1 111 ? -9.249  1.669   -15.184 1.00 69.48 ? 111  GLY A O   1 
ATOM   932  N N   . SER A 1 112 ? -7.494  3.043   -15.675 1.00 84.69 ? 112  SER A N   1 
ATOM   933  C CA  . SER A 1 112 ? -6.992  2.276   -16.838 1.00 88.59 ? 112  SER A CA  1 
ATOM   934  C C   . SER A 1 112 ? -5.745  2.982   -17.417 1.00 83.89 ? 112  SER A C   1 
ATOM   935  O O   . SER A 1 112 ? -4.714  2.356   -17.676 1.00 83.31 ? 112  SER A O   1 
ATOM   936  C CB  . SER A 1 112 ? -8.076  2.156   -17.931 1.00 92.28 ? 112  SER A CB  1 
ATOM   937  O OG  . SER A 1 112 ? -7.730  1.172   -18.897 1.00 91.37 ? 112  SER A OG  1 
HETATM 938  O OH2 . 1PE B 2 .   ? -1.802  11.211  6.660   1.00 57.07 ? 1113 1PE A OH2 1 
HETATM 939  C C12 . 1PE B 2 .   ? -1.651  9.797   6.518   1.00 46.44 ? 1113 1PE A C12 1 
HETATM 940  C C22 . 1PE B 2 .   ? -2.220  9.335   5.190   1.00 42.75 ? 1113 1PE A C22 1 
HETATM 941  O OH3 . 1PE B 2 .   ? -3.588  9.656   5.135   1.00 44.26 ? 1113 1PE A OH3 1 
HETATM 942  C C13 . 1PE B 2 .   ? -5.738  9.400   4.158   1.00 48.88 ? 1113 1PE A C13 1 
HETATM 943  C C23 . 1PE B 2 .   ? -4.251  9.258   3.946   1.00 45.89 ? 1113 1PE A C23 1 
HETATM 944  O OH4 . 1PE B 2 .   ? -6.160  10.700  3.791   1.00 54.99 ? 1113 1PE A OH4 1 
HETATM 945  O O   . HOH C 3 .   ? 2.326   11.477  -13.639 1.00 19.77 ? 2001 HOH A O   1 
HETATM 946  O O   . HOH C 3 .   ? 11.214  3.697   -7.988  1.00 20.74 ? 2002 HOH A O   1 
HETATM 947  O O   . HOH C 3 .   ? -2.638  4.486   11.644  1.00 22.56 ? 2003 HOH A O   1 
HETATM 948  O O   . HOH C 3 .   ? -10.710 -9.069  10.168  1.00 21.27 ? 2004 HOH A O   1 
HETATM 949  O O   . HOH C 3 .   ? -12.892 -7.304  10.271  1.00 20.03 ? 2005 HOH A O   1 
HETATM 950  O O   . HOH C 3 .   ? 12.641  11.790  -12.263 1.00 24.40 ? 2006 HOH A O   1 
HETATM 951  O O   . HOH C 3 .   ? -7.810  -19.256 -1.810  1.00 26.38 ? 2007 HOH A O   1 
HETATM 952  O O   . HOH C 3 .   ? 8.421   2.805   -12.154 1.00 21.46 ? 2008 HOH A O   1 
HETATM 953  O O   . HOH C 3 .   ? 9.514   2.021   -9.659  1.00 21.47 ? 2009 HOH A O   1 
HETATM 954  O O   . HOH C 3 .   ? -9.748  -7.265  1.848   1.00 19.06 ? 2010 HOH A O   1 
HETATM 955  O O   . HOH C 3 .   ? 1.759   0.224   -13.048 1.00 23.04 ? 2011 HOH A O   1 
HETATM 956  O O   . HOH C 3 .   ? -16.455 0.300   5.351   1.00 21.92 ? 2012 HOH A O   1 
HETATM 957  O O   . HOH C 3 .   ? -3.378  5.902   -2.202  1.00 18.50 ? 2013 HOH A O   1 
HETATM 958  O O   . HOH C 3 .   ? 8.608   8.305   -16.817 1.00 20.99 ? 2014 HOH A O   1 
HETATM 959  O O   . HOH C 3 .   ? -2.879  -7.802  13.027  1.00 22.20 ? 2015 HOH A O   1 
HETATM 960  O O   . HOH C 3 .   ? 2.644   -6.908  -3.425  1.00 21.78 ? 2016 HOH A O   1 
HETATM 961  O O   . HOH C 3 .   ? -8.598  2.261   -2.884  1.00 24.73 ? 2017 HOH A O   1 
HETATM 962  O O   . HOH C 3 .   ? -12.833 7.675   1.122   1.00 28.88 ? 2018 HOH A O   1 
HETATM 963  O O   . HOH C 3 .   ? -19.393 2.307   4.260   1.00 27.83 ? 2019 HOH A O   1 
HETATM 964  O O   . HOH C 3 .   ? 0.926   17.281  -6.534  1.00 34.99 ? 2020 HOH A O   1 
HETATM 965  O O   . HOH C 3 .   ? 12.214  13.165  -8.783  1.00 27.40 ? 2021 HOH A O   1 
HETATM 966  O O   . HOH C 3 .   ? -5.991  6.191   1.006   1.00 20.94 ? 2022 HOH A O   1 
HETATM 967  O O   . HOH C 3 .   ? 0.101   11.632  -0.693  1.00 27.63 ? 2023 HOH A O   1 
HETATM 968  O O   . HOH C 3 .   ? 2.065   -3.730  -11.403 1.00 31.52 ? 2024 HOH A O   1 
HETATM 969  O O   . HOH C 3 .   ? -11.011 5.324   -1.081  1.00 25.45 ? 2025 HOH A O   1 
HETATM 970  O O   . HOH C 3 .   ? -5.230  8.316   -12.978 1.00 30.64 ? 2026 HOH A O   1 
HETATM 971  O O   . HOH C 3 .   ? -8.303  4.386   -1.056  1.00 22.81 ? 2027 HOH A O   1 
HETATM 972  O O   . HOH C 3 .   ? 7.223   -0.905  11.420  1.00 32.58 ? 2028 HOH A O   1 
HETATM 973  O O   . HOH C 3 .   ? 10.433  3.160   -14.056 1.00 29.79 ? 2029 HOH A O   1 
HETATM 974  O O   . HOH C 3 .   ? 8.799   12.792  -6.763  1.00 23.26 ? 2030 HOH A O   1 
HETATM 975  O O   . HOH C 3 .   ? -11.232 -11.921 9.851   1.00 30.99 ? 2031 HOH A O   1 
HETATM 976  O O   . HOH C 3 .   ? 11.227  6.146   -6.566  1.00 23.53 ? 2032 HOH A O   1 
HETATM 977  O O   . HOH C 3 .   ? -1.669  -3.596  -10.701 1.00 29.03 ? 2033 HOH A O   1 
HETATM 978  O O   . HOH C 3 .   ? -12.623 -0.828  -1.393  1.00 27.14 ? 2034 HOH A O   1 
HETATM 979  O O   . HOH C 3 .   ? 13.720  3.743   -8.903  1.00 29.33 ? 2035 HOH A O   1 
HETATM 980  O O   . HOH C 3 .   ? 0.033   -6.512  -4.029  1.00 24.68 ? 2036 HOH A O   1 
HETATM 981  O O   . HOH C 3 .   ? -15.657 3.939   9.578   1.00 34.75 ? 2037 HOH A O   1 
HETATM 982  O O   . HOH C 3 .   ? 14.636  -3.787  -6.522  1.00 41.15 ? 2038 HOH A O   1 
HETATM 983  O O   . HOH C 3 .   ? -1.497  4.508   -18.040 1.00 30.50 ? 2039 HOH A O   1 
HETATM 984  O O   . HOH C 3 .   ? 9.134   12.554  -3.173  1.00 24.79 ? 2040 HOH A O   1 
HETATM 985  O O   . HOH C 3 .   ? 3.380   -3.692  12.500  1.00 30.79 ? 2041 HOH A O   1 
HETATM 986  O O   . HOH C 3 .   ? 14.183  -3.101  -9.222  1.00 42.08 ? 2042 HOH A O   1 
HETATM 987  O O   . HOH C 3 .   ? 14.826  1.355   -8.394  1.00 35.06 ? 2043 HOH A O   1 
HETATM 988  O O   . HOH C 3 .   ? 11.569  5.552   -14.861 1.00 31.87 ? 2044 HOH A O   1 
HETATM 989  O O   . HOH C 3 .   ? 14.965  0.236   -5.976  1.00 29.06 ? 2045 HOH A O   1 
HETATM 990  O O   . HOH C 3 .   ? -9.562  -13.399 7.682   1.00 26.63 ? 2046 HOH A O   1 
HETATM 991  O O   . HOH C 3 .   ? 0.308   7.122   -18.091 1.00 26.20 ? 2047 HOH A O   1 
HETATM 992  O O   . HOH C 3 .   ? 13.693  -5.606  -3.214  1.00 32.38 ? 2048 HOH A O   1 
HETATM 993  O O   . HOH C 3 .   ? 3.503   -6.100  -10.731 1.00 43.06 ? 2049 HOH A O   1 
HETATM 994  O O   . HOH C 3 .   ? -13.673 -5.409  1.308   1.00 23.38 ? 2050 HOH A O   1 
HETATM 995  O O   . HOH C 3 .   ? 11.414  -4.336  3.845   1.00 29.63 ? 2051 HOH A O   1 
HETATM 996  O O   . HOH C 3 .   ? -12.202 4.576   11.373  1.00 39.29 ? 2052 HOH A O   1 
HETATM 997  O O   . HOH C 3 .   ? -6.435  4.107   9.453   1.00 22.58 ? 2053 HOH A O   1 
HETATM 998  O O   . HOH C 3 .   ? -0.994  -1.778  -12.664 1.00 34.04 ? 2054 HOH A O   1 
HETATM 999  O O   . HOH C 3 .   ? 6.612   -3.575  12.882  1.00 28.41 ? 2055 HOH A O   1 
HETATM 1000 O O   . HOH C 3 .   ? 11.334  0.400   -10.989 1.00 30.54 ? 2056 HOH A O   1 
HETATM 1001 O O   . HOH C 3 .   ? -13.110 -4.301  13.988  1.00 34.77 ? 2057 HOH A O   1 
HETATM 1002 O O   . HOH C 3 .   ? 7.886   11.044  9.424   1.00 42.98 ? 2058 HOH A O   1 
HETATM 1003 O O   . HOH C 3 .   ? 11.940  -6.793  2.008   1.00 28.97 ? 2059 HOH A O   1 
HETATM 1004 O O   . HOH C 3 .   ? 6.515   -0.653  6.169   1.00 28.51 ? 2060 HOH A O   1 
HETATM 1005 O O   . HOH C 3 .   ? 4.780   -10.891 9.605   1.00 37.42 ? 2061 HOH A O   1 
HETATM 1006 O O   . HOH C 3 .   ? -5.392  8.827   0.617   1.00 29.59 ? 2062 HOH A O   1 
HETATM 1007 O O   . HOH C 3 .   ? -15.703 1.578   7.498   1.00 32.26 ? 2063 HOH A O   1 
HETATM 1008 O O   . HOH C 3 .   ? -5.200  8.008   -2.182  1.00 25.78 ? 2064 HOH A O   1 
HETATM 1009 O O   . HOH C 3 .   ? -9.545  -3.160  17.457  1.00 40.82 ? 2065 HOH A O   1 
HETATM 1010 O O   . HOH C 3 .   ? 6.256   -7.097  -7.234  1.00 29.15 ? 2066 HOH A O   1 
HETATM 1011 O O   . HOH C 3 .   ? 0.799   12.473  4.508   1.00 37.15 ? 2067 HOH A O   1 
HETATM 1012 O O   . HOH C 3 .   ? 14.809  11.370  -8.383  1.00 47.57 ? 2068 HOH A O   1 
HETATM 1013 O O   . HOH C 3 .   ? -7.433  -14.208 9.074   1.00 34.64 ? 2069 HOH A O   1 
HETATM 1014 O O   . HOH C 3 .   ? -5.503  7.523   9.205   1.00 31.33 ? 2070 HOH A O   1 
HETATM 1015 O O   . HOH C 3 .   ? 7.293   -1.224  -9.748  1.00 32.19 ? 2071 HOH A O   1 
HETATM 1016 O O   . HOH C 3 .   ? 3.713   -7.700  -5.882  1.00 30.07 ? 2072 HOH A O   1 
HETATM 1017 O O   . HOH C 3 .   ? -0.161  13.262  1.568   1.00 35.42 ? 2073 HOH A O   1 
HETATM 1018 O O   . HOH C 3 .   ? 7.780   -9.517  -7.079  1.00 42.44 ? 2074 HOH A O   1 
HETATM 1019 O O   . HOH C 3 .   ? 10.964  -5.973  9.721   1.00 45.27 ? 2075 HOH A O   1 
HETATM 1020 O O   . HOH C 3 .   ? -6.258  -17.651 5.866   1.00 35.95 ? 2076 HOH A O   1 
HETATM 1021 O O   . HOH C 3 .   ? -11.164 1.659   -2.079  1.00 27.66 ? 2077 HOH A O   1 
HETATM 1022 O O   . HOH C 3 .   ? -8.043  8.042   10.017  1.00 47.23 ? 2078 HOH A O   1 
HETATM 1023 O O   . HOH C 3 .   ? 15.144  3.926   -0.821  1.00 41.83 ? 2079 HOH A O   1 
HETATM 1024 O O   . HOH C 3 .   ? 13.917  7.033   -5.791  1.00 38.20 ? 2080 HOH A O   1 
HETATM 1025 O O   . HOH C 3 .   ? -7.580  4.548   11.863  1.00 29.67 ? 2081 HOH A O   1 
HETATM 1026 O O   . HOH C 3 .   ? 13.341  6.495   -12.960 1.00 30.63 ? 2082 HOH A O   1 
HETATM 1027 O O   . HOH C 3 .   ? -8.889  2.676   -5.693  1.00 36.04 ? 2083 HOH A O   1 
HETATM 1028 O O   . HOH C 3 .   ? 12.899  14.253  -11.329 1.00 35.15 ? 2084 HOH A O   1 
HETATM 1029 O O   . HOH C 3 .   ? 14.685  7.475   -1.537  1.00 47.15 ? 2085 HOH A O   1 
HETATM 1030 O O   . HOH C 3 .   ? 4.344   5.647   11.106  1.00 37.78 ? 2086 HOH A O   1 
HETATM 1031 O O   . HOH C 3 .   ? -8.766  -19.119 5.061   1.00 35.04 ? 2087 HOH A O   1 
HETATM 1032 O O   . HOH C 3 .   ? 5.989   3.725   11.622  1.00 39.15 ? 2088 HOH A O   1 
HETATM 1033 O O   . HOH C 3 .   ? 0.848   13.822  -13.277 1.00 22.92 ? 2089 HOH A O   1 
HETATM 1034 O O   . HOH C 3 .   ? 3.194   -11.113 -2.116  1.00 29.95 ? 2090 HOH A O   1 
HETATM 1035 O O   . HOH C 3 .   ? -5.169  -9.182  14.153  1.00 38.54 ? 2091 HOH A O   1 
HETATM 1036 O O   . HOH C 3 .   ? -0.090  -5.852  -11.330 1.00 44.77 ? 2092 HOH A O   1 
HETATM 1037 O O   . HOH C 3 .   ? -9.013  6.957   -4.617  1.00 35.61 ? 2093 HOH A O   1 
HETATM 1038 O O   . HOH C 3 .   ? -9.857  -19.897 0.726   1.00 48.40 ? 2094 HOH A O   1 
HETATM 1039 O O   . HOH C 3 .   ? 6.205   -8.057  9.180   1.00 44.52 ? 2095 HOH A O   1 
HETATM 1040 O O   . HOH C 3 .   ? 12.594  2.082   -12.875 1.00 35.08 ? 2096 HOH A O   1 
HETATM 1041 O O   . HOH C 3 .   ? -4.866  12.653  -7.228  1.00 28.97 ? 2097 HOH A O   1 
HETATM 1042 O O   . HOH C 3 .   ? -7.139  -9.437  -10.168 1.00 52.85 ? 2098 HOH A O   1 
HETATM 1043 O O   . HOH C 3 .   ? 7.395   0.620   -13.637 1.00 37.12 ? 2099 HOH A O   1 
HETATM 1044 O O   . HOH C 3 .   ? 11.836  8.172   6.638   1.00 40.71 ? 2100 HOH A O   1 
HETATM 1045 O O   . HOH C 3 .   ? 9.032   -0.759  5.909   1.00 32.25 ? 2101 HOH A O   1 
HETATM 1046 O O   . HOH C 3 .   ? -12.958 6.775   8.653   1.00 36.23 ? 2102 HOH A O   1 
HETATM 1047 O O   . HOH C 3 .   ? 1.725   -14.335 10.997  1.00 41.98 ? 2103 HOH A O   1 
HETATM 1048 O O   . HOH C 3 .   ? -0.382  6.234   11.762  1.00 36.10 ? 2104 HOH A O   1 
HETATM 1049 O O   . HOH C 3 .   ? 7.119   6.999   -18.679 1.00 31.78 ? 2105 HOH A O   1 
HETATM 1050 O O   . HOH C 3 .   ? -12.968 -15.702 -4.624  1.00 46.76 ? 2106 HOH A O   1 
HETATM 1051 O O   . HOH C 3 .   ? -0.305  -8.969  -5.158  1.00 35.05 ? 2107 HOH A O   1 
HETATM 1052 O O   . HOH C 3 .   ? 12.040  13.913  -5.848  1.00 38.63 ? 2108 HOH A O   1 
HETATM 1053 O O   . HOH C 3 .   ? -8.590  2.846   13.777  1.00 33.67 ? 2109 HOH A O   1 
HETATM 1054 O O   . HOH C 3 .   ? -5.743  1.086   -13.799 1.00 49.84 ? 2110 HOH A O   1 
HETATM 1055 O O   . HOH C 3 .   ? -3.694  14.629  -4.315  1.00 33.30 ? 2111 HOH A O   1 
HETATM 1056 O O   . HOH C 3 .   ? 8.996   0.799   12.593  1.00 49.33 ? 2112 HOH A O   1 
HETATM 1057 O O   . HOH C 3 .   ? -3.405  10.559  0.978   1.00 37.04 ? 2113 HOH A O   1 
HETATM 1058 O O   . HOH C 3 .   ? -15.341 -4.689  -5.360  1.00 38.91 ? 2114 HOH A O   1 
HETATM 1059 O O   . HOH C 3 .   ? -10.156 -8.676  12.907  1.00 37.72 ? 2115 HOH A O   1 
HETATM 1060 O O   . HOH C 3 .   ? -0.743  -9.222  14.073  1.00 42.08 ? 2116 HOH A O   1 
HETATM 1061 O O   . HOH C 3 .   ? -13.235 -0.065  8.934   1.00 32.88 ? 2117 HOH A O   1 
HETATM 1062 O O   . HOH C 3 .   ? -15.457 -10.858 -7.010  1.00 42.59 ? 2118 HOH A O   1 
HETATM 1063 O O   A HOH C 3 .   ? -5.804  -15.339 -3.530  0.70 30.57 ? 2119 HOH A O   1 
HETATM 1064 O O   B HOH C 3 .   ? -4.252  -15.116 -4.811  0.30 34.71 ? 2119 HOH A O   1 
HETATM 1065 O O   . HOH C 3 .   ? -5.108  1.962   16.356  0.50 28.43 ? 2120 HOH A O   1 
HETATM 1066 O O   . HOH C 3 .   ? 14.759  1.953   8.796   1.00 48.46 ? 2121 HOH A O   1 
HETATM 1067 O O   . HOH C 3 .   ? -7.532  10.639  0.329   1.00 34.99 ? 2122 HOH A O   1 
HETATM 1068 O O   . HOH C 3 .   ? -11.397 -15.518 7.457   1.00 33.50 ? 2123 HOH A O   1 
HETATM 1069 O O   . HOH C 3 .   ? 11.087  7.188   -17.360 1.00 38.25 ? 2124 HOH A O   1 
HETATM 1070 O O   . HOH C 3 .   ? 13.988  4.121   -11.573 1.00 37.13 ? 2125 HOH A O   1 
HETATM 1071 O O   . HOH C 3 .   ? -7.679  6.922   -2.053  1.00 28.25 ? 2126 HOH A O   1 
HETATM 1072 O O   . HOH C 3 .   ? -8.331  1.577   -11.197 1.00 55.89 ? 2127 HOH A O   1 
HETATM 1073 O O   . HOH C 3 .   ? 9.726   2.200   -16.564 1.00 47.48 ? 2128 HOH A O   1 
HETATM 1074 O O   . HOH C 3 .   ? 5.465   21.789  -4.035  1.00 41.14 ? 2129 HOH A O   1 
HETATM 1075 O O   . HOH C 3 .   ? -7.389  5.507   -16.341 1.00 51.79 ? 2130 HOH A O   1 
HETATM 1076 O O   . HOH C 3 .   ? -9.374  9.273   -1.726  1.00 38.98 ? 2131 HOH A O   1 
HETATM 1077 O O   . HOH C 3 .   ? -9.022  0.834   -8.136  1.00 42.10 ? 2132 HOH A O   1 
HETATM 1078 O O   . HOH C 3 .   ? 5.525   3.012   -18.558 1.00 38.80 ? 2133 HOH A O   1 
HETATM 1079 O O   . HOH C 3 .   ? -4.503  -3.953  -11.662 1.00 43.61 ? 2134 HOH A O   1 
HETATM 1080 O O   . HOH C 3 .   ? -10.200 -5.655  13.487  1.00 39.77 ? 2135 HOH A O   1 
HETATM 1081 O O   . HOH C 3 .   ? 1.450   -8.037  -7.349  1.00 37.12 ? 2136 HOH A O   1 
HETATM 1082 O O   . HOH C 3 .   ? -10.339 -19.335 -2.307  1.00 45.97 ? 2137 HOH A O   1 
HETATM 1083 O O   . HOH C 3 .   ? 14.432  -6.664  -6.785  1.00 54.74 ? 2138 HOH A O   1 
HETATM 1084 O O   . HOH C 3 .   ? 7.765   4.446   -19.434 1.00 44.85 ? 2139 HOH A O   1 
HETATM 1085 O O   . HOH C 3 .   ? -8.198  -11.479 13.241  1.00 37.99 ? 2140 HOH A O   1 
HETATM 1086 O O   . HOH C 3 .   ? 16.657  1.776   -4.400  1.00 39.15 ? 2141 HOH A O   1 
HETATM 1087 O O   . HOH C 3 .   ? 14.584  9.782   -5.895  1.00 46.18 ? 2142 HOH A O   1 
HETATM 1088 O O   . HOH C 3 .   ? -12.311 -0.629  11.552  1.00 29.12 ? 2143 HOH A O   1 
HETATM 1089 O O   . HOH C 3 .   ? -11.426 1.258   13.551  1.00 40.59 ? 2144 HOH A O   1 
HETATM 1090 O O   . HOH C 3 .   ? 16.489  7.630   -9.052  1.00 63.06 ? 2145 HOH A O   1 
HETATM 1091 O O   . HOH C 3 .   ? -17.459 5.459   1.734   1.00 25.97 ? 2146 HOH A O   1 
HETATM 1092 O O   . HOH C 3 .   ? 16.217  -1.693  1.015   1.00 44.46 ? 2147 HOH A O   1 
HETATM 1093 O O   . HOH C 3 .   ? 2.252   3.818   -18.271 1.00 51.68 ? 2148 HOH A O   1 
HETATM 1094 O O   . HOH C 3 .   ? 8.993   6.682   9.506   1.00 46.09 ? 2149 HOH A O   1 
HETATM 1095 O O   . HOH C 3 .   ? 10.726  17.926  -1.243  1.00 39.00 ? 2150 HOH A O   1 
HETATM 1096 O O   . HOH C 3 .   ? -9.548  10.977  -3.894  1.00 48.82 ? 2151 HOH A O   1 
HETATM 1097 O O   . HOH C 3 .   ? 16.985  1.061   -0.113  1.00 57.20 ? 2152 HOH A O   1 
HETATM 1098 O O   . HOH C 3 .   ? -4.821  -10.817 -11.651 1.00 48.76 ? 2153 HOH A O   1 
HETATM 1099 O O   . HOH C 3 .   ? -4.397  -7.050  16.763  1.00 49.81 ? 2154 HOH A O   1 
HETATM 1100 O O   . HOH C 3 .   ? 11.301  1.802   11.448  1.00 48.69 ? 2155 HOH A O   1 
HETATM 1101 O O   . HOH C 3 .   ? -4.892  -15.224 16.969  1.00 69.71 ? 2156 HOH A O   1 
HETATM 1102 O O   . HOH C 3 .   ? 10.902  14.985  0.710   1.00 52.22 ? 2157 HOH A O   1 
HETATM 1103 O O   . HOH C 3 .   ? 1.746   16.379  0.569   1.00 45.24 ? 2158 HOH A O   1 
HETATM 1104 O O   . HOH C 3 .   ? -14.237 8.331   3.939   1.00 57.52 ? 2159 HOH A O   1 
HETATM 1105 O O   . HOH C 3 .   ? 5.881   -5.885  -9.682  1.00 38.91 ? 2160 HOH A O   1 
HETATM 1106 O O   . HOH C 3 .   ? 6.649   15.892  3.283   1.00 43.66 ? 2161 HOH A O   1 
HETATM 1107 O O   . HOH C 3 .   ? 3.850   17.626  1.563   1.00 50.61 ? 2162 HOH A O   1 
HETATM 1108 O O   . HOH C 3 .   ? -0.316  15.809  1.734   1.00 52.50 ? 2163 HOH A O   1 
HETATM 1109 O O   . HOH C 3 .   ? 1.612   -7.286  -9.825  1.00 47.96 ? 2164 HOH A O   1 
HETATM 1110 O O   A HOH C 3 .   ? 13.925  1.419   11.453  0.70 42.09 ? 2165 HOH A O   1 
HETATM 1111 O O   B HOH C 3 .   ? 14.712  0.280   10.802  0.30 25.89 ? 2165 HOH A O   1 
HETATM 1112 O O   . HOH C 3 .   ? 14.961  5.952   0.725   1.00 42.44 ? 2166 HOH A O   1 
HETATM 1113 O O   . HOH C 3 .   ? 2.042   5.405   13.004  1.00 42.47 ? 2167 HOH A O   1 
HETATM 1114 O O   . HOH C 3 .   ? -11.476 -12.916 -6.504  1.00 52.11 ? 2168 HOH A O   1 
HETATM 1115 O O   . HOH C 3 .   ? -14.841 11.606  2.742   1.00 56.54 ? 2169 HOH A O   1 
HETATM 1116 O O   . HOH C 3 .   ? 11.691  -8.479  -7.386  1.00 56.17 ? 2170 HOH A O   1 
HETATM 1117 O O   . HOH C 3 .   ? -10.636 10.678  4.072   1.00 52.31 ? 2171 HOH A O   1 
HETATM 1118 O O   . HOH C 3 .   ? -9.657  6.272   -12.222 1.00 54.18 ? 2172 HOH A O   1 
HETATM 1119 O O   . HOH C 3 .   ? -11.809 6.537   -13.436 1.00 64.62 ? 2173 HOH A O   1 
HETATM 1120 O O   . HOH C 3 .   ? -7.856  9.142   -11.166 1.00 45.54 ? 2174 HOH A O   1 
HETATM 1121 O O   . HOH C 3 .   ? -8.953  4.822   -9.148  1.00 52.84 ? 2175 HOH A O   1 
HETATM 1122 O O   . HOH C 3 .   ? -10.131 11.245  0.946   1.00 48.74 ? 2176 HOH A O   1 
HETATM 1123 O O   . HOH C 3 .   ? 2.483   -1.189  13.080  1.00 48.47 ? 2177 HOH A O   1 
HETATM 1124 O O   . HOH C 3 .   ? 1.260   -12.893 6.949   1.00 42.49 ? 2178 HOH A O   1 
HETATM 1125 O O   . HOH C 3 .   ? 2.177   -15.240 7.486   0.50 33.30 ? 2179 HOH A O   1 
HETATM 1126 O O   . HOH C 3 .   ? 9.168   -8.106  9.491   1.00 48.29 ? 2180 HOH A O   1 
HETATM 1127 O O   . HOH C 3 .   ? 11.292  -8.175  5.258   1.00 45.24 ? 2181 HOH A O   1 
HETATM 1128 O O   . HOH C 3 .   ? 14.519  -6.768  0.464   1.00 52.53 ? 2182 HOH A O   1 
HETATM 1129 O O   . HOH C 3 .   ? -7.545  -17.431 -4.556  1.00 36.72 ? 2183 HOH A O   1 
HETATM 1130 O O   . HOH C 3 .   ? -15.168 -12.484 -3.495  1.00 33.11 ? 2184 HOH A O   1 
HETATM 1131 O O   . HOH C 3 .   ? 4.484   0.069   11.855  1.00 45.34 ? 2185 HOH A O   1 
HETATM 1132 O O   . HOH C 3 .   ? -14.240 -1.951  13.089  1.00 35.06 ? 2186 HOH A O   1 
HETATM 1133 O O   . HOH C 3 .   ? -15.731 2.083   12.255  1.00 54.20 ? 2187 HOH A O   1 
HETATM 1134 O O   . HOH C 3 .   ? -14.894 -5.934  15.290  1.00 43.76 ? 2188 HOH A O   1 
HETATM 1135 O O   . HOH C 3 .   ? -10.020 10.863  -8.905  1.00 59.12 ? 2189 HOH A O   1 
HETATM 1136 O O   . HOH C 3 .   ? -4.914  -8.774  -6.679  1.00 44.17 ? 2190 HOH A O   1 
HETATM 1137 O O   . HOH C 3 .   ? -2.808  -10.332 -5.549  1.00 42.39 ? 2191 HOH A O   1 
HETATM 1138 O O   . HOH C 3 .   ? -2.029  -12.049 -3.639  1.00 54.82 ? 2192 HOH A O   1 
HETATM 1139 O O   . HOH C 3 .   ? 4.009   -10.503 -5.442  1.00 40.43 ? 2193 HOH A O   1 
HETATM 1140 O O   . HOH C 3 .   ? 3.902   -1.377  -12.403 1.00 44.22 ? 2194 HOH A O   1 
HETATM 1141 O O   . HOH C 3 .   ? -6.183  12.558  -1.244  1.00 48.13 ? 2195 HOH A O   1 
HETATM 1142 O O   . HOH C 3 .   ? -3.888  12.364  5.362   1.00 35.54 ? 2196 HOH A O   1 
HETATM 1143 O O   . HOH C 3 .   ? -2.751  14.882  1.415   1.00 58.23 ? 2197 HOH A O   1 
HETATM 1144 O O   . HOH C 3 .   ? -8.906  -14.950 -5.211  1.00 37.67 ? 2198 HOH A O   1 
HETATM 1145 O O   . HOH C 3 .   ? -7.863  -14.443 -7.112  1.00 53.24 ? 2199 HOH A O   1 
HETATM 1146 O O   . HOH C 3 .   ? -7.127  -7.938  15.733  1.00 47.18 ? 2200 HOH A O   1 
HETATM 1147 O O   . HOH C 3 .   ? -7.687  -16.488 13.136  1.00 50.70 ? 2201 HOH A O   1 
HETATM 1148 O O   . HOH C 3 .   ? 1.566   -7.640  14.135  1.00 53.14 ? 2202 HOH A O   1 
HETATM 1149 O O   . HOH C 3 .   ? 16.941  4.239   -5.705  1.00 49.68 ? 2203 HOH A O   1 
HETATM 1150 O O   . HOH C 3 .   ? 15.101  5.569   -7.373  1.00 44.74 ? 2204 HOH A O   1 
HETATM 1151 O O   . HOH C 3 .   ? 13.775  -0.584  -10.146 1.00 42.19 ? 2205 HOH A O   1 
HETATM 1152 O O   . HOH C 3 .   ? 16.308  -4.288  -10.522 1.00 61.24 ? 2206 HOH A O   1 
HETATM 1153 O O   . HOH C 3 .   ? 9.888   -1.579  -11.856 1.00 60.07 ? 2207 HOH A O   1 
HETATM 1154 O O   . HOH C 3 .   ? 9.892   4.168   -18.516 1.00 47.66 ? 2208 HOH A O   1 
HETATM 1155 O O   . HOH C 3 .   ? -2.917  -18.790 8.923   1.00 51.54 ? 2209 HOH A O   1 
HETATM 1156 O O   . HOH C 3 .   ? -4.593  6.104   13.007  1.00 49.11 ? 2210 HOH A O   1 
HETATM 1157 O O   . HOH C 3 .   ? -9.656  6.357   11.089  1.00 55.13 ? 2211 HOH A O   1 
HETATM 1158 O O   . HOH C 3 .   ? -13.872 7.048   12.146  0.50 46.20 ? 2212 HOH A O   1 
HETATM 1159 O O   . HOH C 3 .   ? -1.748  -0.884  15.838  1.00 39.73 ? 2213 HOH A O   1 
HETATM 1160 O O   . HOH C 3 .   ? -3.159  0.831   17.292  0.50 38.18 ? 2214 HOH A O   1 
HETATM 1161 O O   . HOH C 3 .   ? -18.703 3.440   10.443  1.00 68.24 ? 2215 HOH A O   1 
HETATM 1162 O O   . HOH C 3 .   ? -2.065  11.820  -2.097  1.00 52.12 ? 2216 HOH A O   1 
HETATM 1163 O O   . HOH C 3 .   ? 6.840   19.962  -1.636  1.00 49.31 ? 2217 HOH A O   1 
HETATM 1164 O O   . HOH C 3 .   ? -12.617 -5.344  -7.951  1.00 52.49 ? 2218 HOH A O   1 
HETATM 1165 O O   . HOH C 3 .   ? -11.618 -7.686  -9.085  1.00 54.02 ? 2219 HOH A O   1 
HETATM 1166 O O   . HOH C 3 .   ? 2.997   -5.494  14.466  1.00 51.80 ? 2220 HOH A O   1 
HETATM 1167 O O   . HOH C 3 .   ? -3.754  5.490   -19.543 1.00 47.92 ? 2221 HOH A O   1 
HETATM 1168 O O   . HOH C 3 .   ? -5.367  7.358   -18.524 1.00 40.82 ? 2222 HOH A O   1 
HETATM 1169 O O   . HOH C 3 .   ? 2.649   -15.920 13.177  0.50 72.85 ? 2223 HOH A O   1 
HETATM 1170 O O   . HOH C 3 .   ? -8.191  -5.680  17.869  1.00 52.73 ? 2224 HOH A O   1 
HETATM 1171 O O   . HOH C 3 .   ? -10.930 3.686   13.022  1.00 47.03 ? 2225 HOH A O   1 
HETATM 1172 O O   . HOH C 3 .   ? -15.444 7.293   1.975   1.00 47.33 ? 2226 HOH A O   1 
HETATM 1173 O O   . HOH C 3 .   ? 13.508  12.368  -4.825  1.00 47.06 ? 2227 HOH A O   1 
HETATM 1174 O O   . HOH C 3 .   ? -7.522  -0.865  -12.059 1.00 58.06 ? 2228 HOH A O   1 
HETATM 1175 O O   . HOH C 3 .   ? 16.150  -2.169  -6.636  1.00 49.63 ? 2229 HOH A O   1 
HETATM 1176 O O   . HOH C 3 .   ? -9.815  -8.891  -8.051  1.00 38.11 ? 2230 HOH A O   1 
HETATM 1177 O O   . HOH C 3 .   ? -6.736  0.529   15.517  1.00 32.78 ? 2231 HOH A O   1 
HETATM 1178 O O   A HOH C 3 .   ? 8.473   -11.023 6.194   0.50 25.33 ? 2232 HOH A O   1 
HETATM 1179 O O   B HOH C 3 .   ? 9.011   -9.784  6.305   0.50 27.23 ? 2232 HOH A O   1 
HETATM 1180 O O   A HOH C 3 .   ? -13.613 -4.574  -1.454  0.60 22.27 ? 2233 HOH A O   1 
HETATM 1181 O O   B HOH C 3 .   ? -13.587 -5.817  -3.161  0.40 20.60 ? 2233 HOH A O   1 
HETATM 1182 O O   A HOH C 3 .   ? 7.169   -3.722  -8.687  0.60 31.54 ? 2234 HOH A O   1 
HETATM 1183 O O   B HOH C 3 .   ? 7.149   -4.032  -7.427  0.40 26.99 ? 2234 HOH A O   1 
HETATM 1184 O O   A HOH C 3 .   ? -11.876 -8.793  14.862  0.50 40.44 ? 2235 HOH A O   1 
HETATM 1185 O O   B HOH C 3 .   ? -12.253 -10.141 14.266  0.50 32.71 ? 2235 HOH A O   1 
HETATM 1186 O O   A HOH C 3 .   ? 2.958   6.071   -17.920 0.50 23.65 ? 2236 HOH A O   1 
HETATM 1187 O O   B HOH C 3 .   ? 4.332   7.030   -18.579 0.50 34.26 ? 2236 HOH A O   1 
HETATM 1188 O O   . HOH C 3 .   ? 0.550   -11.031 8.830   0.70 36.01 ? 2237 HOH A O   1 
HETATM 1189 O O   . HOH C 3 .   ? 0.765   -10.962 11.697  0.70 47.68 ? 2238 HOH A O   1 
HETATM 1190 O O   . HOH C 3 .   ? -11.021 -17.862 -4.729  1.00 58.55 ? 2239 HOH A O   1 
HETATM 1191 O O   . HOH C 3 .   ? -17.141 -4.284  15.483  1.00 53.24 ? 2240 HOH A O   1 
HETATM 1192 O O   . HOH C 3 .   ? 8.472   19.393  1.515   1.00 59.67 ? 2241 HOH A O   1 
HETATM 1193 O O   . HOH C 3 .   ? -3.656  12.362  2.930   1.00 53.13 ? 2242 HOH A O   1 
HETATM 1194 O O   . HOH C 3 .   ? -12.076 6.066   -3.628  1.00 53.33 ? 2243 HOH A O   1 
HETATM 1195 O O   . HOH C 3 .   ? -7.856  13.030  -4.470  1.00 48.36 ? 2244 HOH A O   1 
HETATM 1196 O O   . HOH C 3 .   ? -5.625  10.085  7.443   1.00 57.79 ? 2245 HOH A O   1 
HETATM 1197 O O   . HOH C 3 .   ? 15.537  9.900   -12.594 1.00 47.85 ? 2246 HOH A O   1 
HETATM 1198 O O   . HOH C 3 .   ? -6.729  5.713   13.727  1.00 44.49 ? 2247 HOH A O   1 
HETATM 1199 O O   . HOH C 3 .   ? 16.795  -4.212  -2.051  1.00 56.30 ? 2248 HOH A O   1 
HETATM 1200 O O   . HOH C 3 .   ? 15.312  -4.739  3.529   1.00 58.08 ? 2249 HOH A O   1 
HETATM 1201 O O   . HOH C 3 .   ? 16.169  1.652   6.480   1.00 55.89 ? 2250 HOH A O   1 
# 
